data_9C42
#
_entry.id   9C42
#
_cell.length_a   215.810
_cell.length_b   70.352
_cell.length_c   143.434
_cell.angle_alpha   90.00
_cell.angle_beta   104.09
_cell.angle_gamma   90.00
#
_symmetry.space_group_name_H-M   'C 1 2 1'
#
loop_
_entity.id
_entity.type
_entity.pdbx_description
1 polymer 'Major histocompatibility complex class I-related gene protein'
2 polymer Beta-2-microglobulin
3 polymer 'TRA@ protein'
4 polymer 'MAIT T-cell receptor beta chain'
5 non-polymer 2,3,7,8-tetrahydroxychromeno[5,4,3-cde]chromene-5,10-dione
6 non-polymer 'SODIUM ION'
7 non-polymer 'ACETIC ACID'
8 non-polymer 'CHLORIDE ION'
9 non-polymer GLYCEROL
10 water water
#
loop_
_entity_poly.entity_id
_entity_poly.type
_entity_poly.pdbx_seq_one_letter_code
_entity_poly.pdbx_strand_id
1 'polypeptide(L)'
;MRTHSLRYFRLGVSDPIHGVPEFISVGYVDSHPITTYDSVTRQKEPRAPWMAENLAPDHWERYTQLLRGWQQMFKVELKR
LQRHYNHSGSHTYQRMIGCELLEDGSTTGFLQYAYDGQDFLIFNKDTLSWLAVDNVAHTIKQAWEANQHELLYQKNWLEE
ECIAWLKRFLEYGKDTLQRTEPPLVRVNRKETFPGVTALFCKAHGFYPPEIYMTWMKNGEEIVQEIDYGDILPSGDGTYQ
AWASIELDPQSSNLYSCHVEHSGVHMVLQVP
;
A,C
2 'polypeptide(L)'
;MIQRTPKIQVYSRHPAENGKSNFLNCYVSGFHPSDIEVDLLKNGERIEKVEHSDLSFSKDWSFYLLYYTEFTPTEKDEYA
CRVNHVTLSQPKIVKWDRDM
;
B,F
3 'polypeptide(L)'
;MGQNIDQPTEMTATEGAIVQINCTYQTSGFNGLFWYQQHAGEAPTFLSYNVLDGLEEKGRFSSFLSRSKGYSYLLLKELQ
MKDSASYLCAVKDSNYQLIWGAGTKLIIKPDIQNPDPAVYQLRDSKSSDKSVCLFTDFDSQTNVSQSKDSDVYITDKCVL
DMRSMDFKSNSAVAWSNKSDFACANAFNNSIIPEDTFFPSPESS
;
D,G
4 'polypeptide(L)'
;MNAGVTQTPKFQVLKTGQSMTLQCAQDMNHNSMYWYRQDPGMGLRLIYYSASEGTTDKGEVPNGYNVSRLNKREFSLRLE
SAAPSQTSVYFCASSVWTGEGSGELFFGEGSRLTVLEDLKNVFPPEVAVFEPSEAEISHTQKATLVCLATGFYPDHVELS
WWVNGKEVHSGVCTDPQPLKEQPALNDSRYALSSRLRVSATFWQNPRNHFRCQVQFYGLSENDEWTQDRAKPVTQIVSAE
AWGRAD
;
E,H
#
loop_
_chem_comp.id
_chem_comp.type
_chem_comp.name
_chem_comp.formula
ACY non-polymer 'ACETIC ACID' 'C2 H4 O2'
CL non-polymer 'CHLORIDE ION' 'Cl -1'
GOL non-polymer GLYCEROL 'C3 H8 O3'
NA non-polymer 'SODIUM ION' 'Na 1'
REF non-polymer 2,3,7,8-tetrahydroxychromeno[5,4,3-cde]chromene-5,10-dione 'C14 H6 O8'
#
# COMPACT_ATOMS: atom_id res chain seq x y z
N MET A 1 54.79 39.76 0.91
CA MET A 1 53.71 39.47 1.85
C MET A 1 54.33 38.78 3.06
N ARG A 2 53.88 39.17 4.25
CA ARG A 2 54.38 38.54 5.47
C ARG A 2 53.82 37.11 5.56
N THR A 3 54.32 36.36 6.54
CA THR A 3 53.76 35.05 6.85
C THR A 3 52.34 35.19 7.42
N HIS A 4 51.46 34.26 7.04
CA HIS A 4 50.12 34.24 7.56
C HIS A 4 49.72 32.81 7.88
N SER A 5 48.83 32.65 8.84
CA SER A 5 48.41 31.34 9.28
C SER A 5 46.91 31.34 9.54
N LEU A 6 46.30 30.17 9.37
CA LEU A 6 44.92 29.92 9.73
C LEU A 6 44.90 28.76 10.73
N ARG A 7 44.12 28.89 11.81
CA ARG A 7 44.05 27.87 12.84
C ARG A 7 42.62 27.70 13.34
N TYR A 8 42.23 26.46 13.62
CA TYR A 8 40.97 26.18 14.28
C TYR A 8 41.26 25.48 15.59
N PHE A 9 40.59 25.90 16.66
CA PHE A 9 40.81 25.38 17.99
C PHE A 9 39.51 24.82 18.55
N ARG A 10 39.60 23.63 19.13
CA ARG A 10 38.50 23.00 19.84
C ARG A 10 38.91 22.69 21.26
N LEU A 11 37.98 22.88 22.20
CA LEU A 11 38.20 22.59 23.60
C LEU A 11 36.97 21.87 24.16
N GLY A 12 37.18 20.77 24.85
CA GLY A 12 36.11 20.07 25.52
C GLY A 12 36.47 19.82 26.97
N VAL A 13 35.44 19.85 27.83
CA VAL A 13 35.61 19.79 29.29
C VAL A 13 34.64 18.74 29.83
N SER A 14 35.16 17.79 30.59
CA SER A 14 34.34 16.62 30.89
C SER A 14 33.26 16.89 31.94
N ASP A 15 33.51 17.78 32.90
CA ASP A 15 32.57 18.01 34.00
C ASP A 15 32.42 19.52 34.30
N PRO A 16 31.98 20.29 33.30
CA PRO A 16 32.07 21.75 33.42
C PRO A 16 31.18 22.28 34.52
N ILE A 17 31.59 23.41 35.05
CA ILE A 17 30.92 24.04 36.17
C ILE A 17 29.67 24.74 35.64
N HIS A 18 28.79 25.22 36.53
CA HIS A 18 27.56 25.86 36.10
C HIS A 18 27.84 26.99 35.13
N GLY A 19 27.13 27.00 34.00
CA GLY A 19 27.43 27.98 32.97
C GLY A 19 28.54 27.55 32.03
N VAL A 20 29.76 27.33 32.53
CA VAL A 20 30.91 26.97 31.70
C VAL A 20 30.48 25.98 30.62
N PRO A 21 30.85 26.19 29.35
CA PRO A 21 30.41 25.30 28.28
C PRO A 21 31.27 24.05 28.25
N GLU A 22 30.71 22.96 27.73
CA GLU A 22 31.53 21.76 27.61
C GLU A 22 32.29 21.72 26.30
N PHE A 23 31.92 22.56 25.34
CA PHE A 23 32.58 22.61 24.04
C PHE A 23 32.69 24.04 23.57
N ILE A 24 33.88 24.39 23.03
CA ILE A 24 34.17 25.69 22.41
C ILE A 24 35.03 25.45 21.18
N SER A 25 34.83 26.25 20.14
CA SER A 25 35.67 26.15 18.95
C SER A 25 35.81 27.55 18.37
N VAL A 26 37.06 27.97 18.10
CA VAL A 26 37.39 29.33 17.64
C VAL A 26 38.36 29.24 16.48
N GLY A 27 38.15 30.08 15.47
CA GLY A 27 39.08 30.21 14.36
C GLY A 27 39.86 31.51 14.43
N TYR A 28 41.11 31.45 13.96
CA TYR A 28 42.01 32.60 13.88
C TYR A 28 42.64 32.70 12.50
N VAL A 29 42.75 33.94 12.03
CA VAL A 29 43.59 34.23 10.86
C VAL A 29 44.68 35.06 11.53
N ASP A 30 45.90 34.53 11.60
CA ASP A 30 47.01 35.19 12.32
C ASP A 30 46.59 35.31 13.78
N SER A 31 46.46 36.52 14.29
CA SER A 31 46.16 36.68 15.70
C SER A 31 44.72 37.13 15.95
N HIS A 32 43.92 37.28 14.89
CA HIS A 32 42.53 37.74 14.90
C HIS A 32 41.56 36.57 15.02
N PRO A 33 40.64 36.58 15.98
CA PRO A 33 39.55 35.59 15.97
C PRO A 33 38.63 35.86 14.79
N ILE A 34 38.24 34.79 14.09
CA ILE A 34 37.39 34.99 12.92
C ILE A 34 36.07 34.25 13.08
N THR A 35 36.07 33.13 13.83
CA THR A 35 34.86 32.33 14.03
C THR A 35 34.82 31.81 15.46
N THR A 36 33.59 31.71 16.00
CA THR A 36 33.34 31.07 17.30
C THR A 36 32.04 30.28 17.28
N TYR A 37 32.02 29.20 18.07
CA TYR A 37 30.88 28.33 18.31
C TYR A 37 31.02 27.81 19.73
N ASP A 38 29.91 27.62 20.42
CA ASP A 38 30.04 26.89 21.67
C ASP A 38 28.73 26.19 22.00
N SER A 39 28.83 25.23 22.92
CA SER A 39 27.72 24.36 23.25
C SER A 39 26.59 25.05 23.99
N VAL A 40 26.69 26.35 24.24
CA VAL A 40 25.58 27.09 24.82
C VAL A 40 24.85 27.92 23.75
N THR A 41 25.57 28.70 22.96
CA THR A 41 24.91 29.36 21.84
C THR A 41 24.40 28.33 20.82
N ARG A 42 25.22 27.31 20.51
CA ARG A 42 24.93 26.31 19.48
CA ARG A 42 24.88 26.32 19.50
C ARG A 42 24.81 26.95 18.10
N GLN A 43 25.52 28.05 17.89
CA GLN A 43 25.53 28.79 16.64
C GLN A 43 26.96 29.18 16.32
N LYS A 44 27.38 28.99 15.07
CA LYS A 44 28.67 29.54 14.65
C LYS A 44 28.47 30.99 14.22
N GLU A 45 29.36 31.87 14.66
CA GLU A 45 29.25 33.30 14.40
C GLU A 45 30.62 33.90 14.11
N PRO A 46 30.69 34.86 13.20
CA PRO A 46 31.95 35.60 12.99
C PRO A 46 32.35 36.39 14.23
N ARG A 47 33.66 36.42 14.53
CA ARG A 47 34.21 37.37 15.48
C ARG A 47 34.98 38.48 14.76
N ALA A 48 34.88 38.56 13.45
CA ALA A 48 35.54 39.58 12.68
C ALA A 48 34.50 40.16 11.74
N PRO A 49 34.42 41.49 11.63
CA PRO A 49 33.43 42.07 10.73
C PRO A 49 33.68 41.73 9.27
N TRP A 50 34.94 41.78 8.83
CA TRP A 50 35.23 41.44 7.44
C TRP A 50 34.97 39.96 7.16
N MET A 51 34.78 39.16 8.20
CA MET A 51 34.16 37.87 8.02
C MET A 51 32.67 38.03 7.74
N ALA A 52 31.94 38.63 8.70
CA ALA A 52 30.48 38.73 8.59
C ALA A 52 30.08 39.34 7.27
N GLU A 53 30.85 40.32 6.79
CA GLU A 53 30.48 41.06 5.58
C GLU A 53 30.79 40.30 4.30
N ASN A 54 31.53 39.18 4.35
CA ASN A 54 31.95 38.52 3.12
C ASN A 54 31.44 37.09 2.97
N LEU A 55 30.64 36.59 3.89
CA LEU A 55 30.12 35.24 3.88
C LEU A 55 28.63 35.32 4.16
N ALA A 56 27.84 34.65 3.33
CA ALA A 56 26.39 34.79 3.41
C ALA A 56 25.83 33.88 4.49
N PRO A 57 24.63 34.19 4.98
CA PRO A 57 24.08 33.41 6.11
C PRO A 57 24.11 31.90 5.88
N ASP A 58 24.08 31.46 4.60
CA ASP A 58 24.18 30.04 4.25
C ASP A 58 25.46 29.42 4.78
N HIS A 59 26.56 30.16 4.81
CA HIS A 59 27.80 29.61 5.34
C HIS A 59 27.67 29.36 6.83
N TRP A 60 27.22 30.37 7.58
CA TRP A 60 27.08 30.19 9.02
C TRP A 60 26.06 29.10 9.33
N GLU A 61 25.01 29.01 8.53
CA GLU A 61 24.01 27.97 8.74
C GLU A 61 24.62 26.59 8.53
N ARG A 62 25.41 26.43 7.47
CA ARG A 62 26.02 25.15 7.16
C ARG A 62 27.01 24.74 8.25
N TYR A 63 27.88 25.67 8.68
CA TYR A 63 28.92 25.34 9.66
C TYR A 63 28.35 25.22 11.06
N THR A 64 27.25 25.91 11.36
CA THR A 64 26.52 25.63 12.59
C THR A 64 26.14 24.16 12.72
N GLN A 65 25.57 23.57 11.65
CA GLN A 65 25.22 22.14 11.70
C GLN A 65 26.46 21.27 11.84
N LEU A 66 27.54 21.58 11.13
CA LEU A 66 28.74 20.77 11.28
C LEU A 66 29.26 20.85 12.72
N LEU A 67 29.32 22.04 13.32
CA LEU A 67 29.86 22.14 14.67
C LEU A 67 28.98 21.42 15.69
N ARG A 68 27.66 21.37 15.48
CA ARG A 68 26.84 20.57 16.36
C ARG A 68 27.19 19.09 16.26
N GLY A 69 27.69 18.66 15.11
CA GLY A 69 28.12 17.29 14.98
C GLY A 69 29.48 17.09 15.61
N TRP A 70 30.36 18.08 15.46
CA TRP A 70 31.70 17.96 15.99
C TRP A 70 31.71 18.01 17.51
N GLN A 71 30.84 18.85 18.09
CA GLN A 71 30.69 18.89 19.53
C GLN A 71 30.47 17.49 20.08
N GLN A 72 29.48 16.76 19.49
CA GLN A 72 29.13 15.40 19.91
C GLN A 72 30.29 14.44 19.70
N MET A 73 30.97 14.53 18.55
CA MET A 73 32.16 13.72 18.32
CA MET A 73 32.16 13.71 18.32
C MET A 73 33.19 13.93 19.43
N PHE A 74 33.45 15.21 19.79
CA PHE A 74 34.30 15.55 20.95
C PHE A 74 33.78 15.00 22.26
N LYS A 75 32.49 15.17 22.56
CA LYS A 75 31.99 14.57 23.79
C LYS A 75 32.39 13.11 23.86
N VAL A 76 32.13 12.36 22.77
CA VAL A 76 32.41 10.92 22.71
C VAL A 76 33.90 10.63 22.87
N GLU A 77 34.74 11.34 22.10
CA GLU A 77 36.18 11.07 22.15
C GLU A 77 36.75 11.33 23.53
N LEU A 78 36.30 12.39 24.21
CA LEU A 78 36.82 12.67 25.54
C LEU A 78 36.31 11.63 26.54
N LYS A 79 35.06 11.20 26.42
CA LYS A 79 34.59 10.09 27.24
C LYS A 79 35.53 8.90 27.12
N ARG A 80 35.98 8.62 25.90
CA ARG A 80 36.87 7.49 25.68
C ARG A 80 38.23 7.70 26.32
N LEU A 81 38.84 8.88 26.11
CA LEU A 81 40.14 9.12 26.73
C LEU A 81 40.06 8.98 28.25
N GLN A 82 39.13 9.69 28.88
CA GLN A 82 39.07 9.66 30.34
C GLN A 82 38.87 8.24 30.90
N ARG A 83 38.15 7.38 30.19
CA ARG A 83 37.94 6.02 30.68
C ARG A 83 39.17 5.14 30.49
N HIS A 84 39.97 5.38 29.46
CA HIS A 84 41.19 4.60 29.34
C HIS A 84 42.33 5.15 30.19
N TYR A 85 42.25 6.42 30.63
CA TYR A 85 43.16 6.91 31.67
C TYR A 85 42.72 6.51 33.06
N ASN A 86 41.46 6.08 33.23
CA ASN A 86 40.90 5.77 34.55
C ASN A 86 40.92 7.00 35.45
N HIS A 87 40.39 8.11 34.91
CA HIS A 87 40.45 9.42 35.56
C HIS A 87 39.06 9.83 36.05
N SER A 88 38.98 10.23 37.32
CA SER A 88 37.78 10.84 37.90
C SER A 88 37.85 12.36 37.79
N GLY A 89 36.69 13.02 37.95
CA GLY A 89 36.61 14.48 37.90
C GLY A 89 36.64 15.06 36.49
N SER A 90 36.90 16.36 36.45
CA SER A 90 36.87 17.11 35.19
C SER A 90 38.24 17.18 34.52
N HIS A 91 38.26 16.92 33.22
CA HIS A 91 39.46 16.89 32.41
C HIS A 91 39.14 17.53 31.07
N THR A 92 40.18 17.93 30.36
CA THR A 92 40.03 18.71 29.15
C THR A 92 40.67 18.01 27.97
N TYR A 93 40.19 18.36 26.78
CA TYR A 93 40.64 17.75 25.55
C TYR A 93 40.59 18.84 24.51
N GLN A 94 41.58 18.86 23.62
CA GLN A 94 41.78 20.01 22.74
C GLN A 94 42.28 19.55 21.38
N ARG A 95 41.97 20.33 20.37
CA ARG A 95 42.44 20.09 19.02
C ARG A 95 42.90 21.38 18.37
N MET A 96 43.89 21.28 17.50
CA MET A 96 44.33 22.43 16.73
CA MET A 96 44.32 22.43 16.72
C MET A 96 44.75 21.96 15.35
N ILE A 97 44.33 22.70 14.33
CA ILE A 97 44.60 22.35 12.94
C ILE A 97 44.76 23.64 12.19
N GLY A 98 45.62 23.62 11.18
CA GLY A 98 45.75 24.78 10.32
C GLY A 98 47.06 24.75 9.56
N CYS A 99 47.39 25.92 9.00
CA CYS A 99 48.43 26.00 7.98
C CYS A 99 49.04 27.39 7.98
N GLU A 100 50.23 27.51 7.38
CA GLU A 100 50.93 28.77 7.20
C GLU A 100 51.27 29.00 5.75
N LEU A 101 51.01 30.20 5.25
CA LEU A 101 51.55 30.66 3.98
C LEU A 101 52.75 31.55 4.33
N LEU A 102 53.95 30.96 4.23
CA LEU A 102 55.21 31.64 4.50
C LEU A 102 55.49 32.67 3.41
N GLU A 103 56.43 33.57 3.69
CA GLU A 103 56.61 34.73 2.81
C GLU A 103 57.11 34.31 1.44
N ASP A 104 57.98 33.30 1.38
CA ASP A 104 58.59 32.81 0.13
C ASP A 104 57.64 31.99 -0.75
N GLY A 105 56.40 31.72 -0.31
CA GLY A 105 55.42 30.99 -1.08
C GLY A 105 55.24 29.52 -0.67
N SER A 106 56.15 29.00 0.16
CA SER A 106 56.03 27.64 0.64
C SER A 106 55.03 27.60 1.79
N THR A 107 54.63 26.38 2.17
CA THR A 107 53.51 26.24 3.10
C THR A 107 53.85 25.24 4.19
N THR A 108 53.06 25.27 5.25
CA THR A 108 53.17 24.27 6.31
C THR A 108 51.77 23.88 6.73
N GLY A 109 51.67 22.75 7.43
CA GLY A 109 50.38 22.25 7.86
C GLY A 109 50.51 21.37 9.08
N PHE A 110 49.53 21.43 9.98
CA PHE A 110 49.70 20.81 11.29
C PHE A 110 48.35 20.50 11.88
N LEU A 111 48.32 19.44 12.70
CA LEU A 111 47.13 18.87 13.32
C LEU A 111 47.57 18.11 14.56
N GLN A 112 47.02 18.46 15.71
CA GLN A 112 47.42 17.75 16.91
C GLN A 112 46.32 17.88 17.95
N TYR A 113 46.40 17.03 18.96
CA TYR A 113 45.42 16.92 20.03
C TYR A 113 46.15 16.99 21.37
N ALA A 114 45.41 17.42 22.39
CA ALA A 114 45.97 17.58 23.72
C ALA A 114 44.98 17.05 24.74
N TYR A 115 45.50 16.48 25.83
CA TYR A 115 44.70 16.04 26.96
C TYR A 115 45.27 16.66 28.22
N ASP A 116 44.44 17.41 28.94
CA ASP A 116 44.87 18.06 30.16
C ASP A 116 46.00 19.07 29.89
N GLY A 117 46.01 19.62 28.68
CA GLY A 117 46.95 20.64 28.28
C GLY A 117 48.34 20.17 27.91
N GLN A 118 48.53 18.87 27.70
CA GLN A 118 49.81 18.36 27.19
C GLN A 118 49.56 17.67 25.86
N ASP A 119 50.65 17.53 25.08
CA ASP A 119 50.54 16.87 23.79
C ASP A 119 49.95 15.48 23.93
N PHE A 120 49.06 15.12 23.03
CA PHE A 120 48.49 13.77 23.02
C PHE A 120 48.79 13.03 21.71
N LEU A 121 48.36 13.57 20.57
CA LEU A 121 48.64 13.02 19.26
C LEU A 121 49.12 14.14 18.34
N ILE A 122 50.21 13.93 17.62
CA ILE A 122 50.65 14.89 16.62
C ILE A 122 50.71 14.20 15.26
N PHE A 123 50.09 14.83 14.26
CA PHE A 123 50.08 14.33 12.90
C PHE A 123 51.38 14.69 12.17
N ASN A 124 51.87 13.74 11.39
CA ASN A 124 52.95 13.98 10.44
C ASN A 124 52.39 13.66 9.06
N LYS A 125 52.03 14.68 8.31
CA LYS A 125 51.42 14.50 7.00
C LYS A 125 52.43 14.14 5.91
N ASP A 126 53.69 13.93 6.25
CA ASP A 126 54.61 13.48 5.22
C ASP A 126 54.87 11.99 5.28
N THR A 127 54.94 11.43 6.48
CA THR A 127 54.94 9.99 6.64
C THR A 127 53.53 9.41 6.77
N LEU A 128 52.51 10.25 6.79
CA LEU A 128 51.13 9.81 6.97
C LEU A 128 51.01 8.96 8.22
N SER A 129 51.35 9.56 9.37
CA SER A 129 51.33 8.81 10.62
C SER A 129 51.07 9.76 11.78
N TRP A 130 50.73 9.16 12.92
CA TRP A 130 50.47 9.85 14.17
C TRP A 130 51.53 9.47 15.20
N LEU A 131 51.96 10.45 15.99
CA LEU A 131 52.87 10.24 17.11
C LEU A 131 52.09 10.23 18.42
N ALA A 132 52.35 9.24 19.25
CA ALA A 132 51.60 9.01 20.48
C ALA A 132 52.53 9.21 21.65
N VAL A 133 52.03 9.88 22.68
CA VAL A 133 52.91 10.23 23.79
C VAL A 133 52.80 9.20 24.92
N ASP A 134 51.66 8.53 25.02
CA ASP A 134 51.45 7.48 26.00
C ASP A 134 50.64 6.35 25.36
N ASN A 135 50.29 5.35 26.16
CA ASN A 135 49.63 4.16 25.63
C ASN A 135 48.12 4.35 25.43
N VAL A 136 47.53 5.39 26.03
CA VAL A 136 46.16 5.71 25.67
C VAL A 136 46.16 6.31 24.27
N ALA A 137 47.13 7.19 24.00
CA ALA A 137 47.29 7.75 22.66
C ALA A 137 47.68 6.67 21.66
N HIS A 138 48.51 5.71 22.06
CA HIS A 138 48.88 4.60 21.18
C HIS A 138 47.64 3.84 20.68
N THR A 139 46.64 3.66 21.54
CA THR A 139 45.46 2.95 21.09
C THR A 139 44.63 3.79 20.11
N ILE A 140 44.60 5.11 20.28
CA ILE A 140 43.92 5.90 19.25
C ILE A 140 44.70 5.88 17.96
N LYS A 141 46.03 5.84 18.02
CA LYS A 141 46.82 5.84 16.79
C LYS A 141 46.55 4.57 15.96
N GLN A 142 46.67 3.38 16.57
CA GLN A 142 46.42 2.17 15.79
C GLN A 142 45.05 2.23 15.09
N ALA A 143 44.05 2.80 15.77
CA ALA A 143 42.71 2.94 15.20
C ALA A 143 42.69 3.96 14.05
N TRP A 144 43.26 5.13 14.25
CA TRP A 144 43.19 6.18 13.23
C TRP A 144 44.03 5.80 12.02
N GLU A 145 45.18 5.15 12.25
CA GLU A 145 46.11 4.81 11.19
C GLU A 145 45.61 3.66 10.32
N ALA A 146 44.53 2.97 10.73
CA ALA A 146 43.98 1.90 9.92
C ALA A 146 43.05 2.41 8.83
N ASN A 147 42.60 3.65 8.91
CA ASN A 147 41.78 4.24 7.86
C ASN A 147 42.66 5.07 6.93
N GLN A 148 43.56 4.38 6.23
CA GLN A 148 44.51 5.04 5.35
C GLN A 148 43.84 6.19 4.58
N HIS A 149 42.59 6.00 4.15
CA HIS A 149 41.83 7.04 3.45
C HIS A 149 41.65 8.29 4.31
N GLU A 150 41.35 8.12 5.58
CA GLU A 150 41.08 9.29 6.39
C GLU A 150 42.36 10.12 6.59
N LEU A 151 43.52 9.49 6.62
CA LEU A 151 44.79 10.24 6.74
C LEU A 151 45.07 10.93 5.42
N LEU A 152 44.81 10.25 4.29
CA LEU A 152 44.97 10.90 3.00
C LEU A 152 44.11 12.15 2.91
N TYR A 153 42.92 12.09 3.52
CA TYR A 153 42.04 13.25 3.52
C TYR A 153 42.67 14.41 4.28
N GLN A 154 43.26 14.14 5.45
CA GLN A 154 43.88 15.19 6.26
C GLN A 154 45.03 15.85 5.52
N LYS A 155 45.85 15.04 4.82
CA LYS A 155 46.95 15.60 4.06
C LYS A 155 46.45 16.48 2.93
N ASN A 156 45.40 16.06 2.23
CA ASN A 156 44.85 16.93 1.19
C ASN A 156 44.33 18.22 1.80
N TRP A 157 43.68 18.14 2.97
CA TRP A 157 43.03 19.32 3.53
C TRP A 157 44.06 20.32 4.04
N LEU A 158 45.03 19.82 4.81
CA LEU A 158 46.08 20.68 5.33
C LEU A 158 46.85 21.36 4.21
N GLU A 159 47.00 20.71 3.06
CA GLU A 159 47.89 21.20 2.01
C GLU A 159 47.18 22.04 0.95
N GLU A 160 45.91 21.76 0.66
CA GLU A 160 45.19 22.44 -0.39
C GLU A 160 44.02 23.25 0.14
N GLU A 161 43.16 22.62 0.94
CA GLU A 161 41.95 23.28 1.38
C GLU A 161 42.25 24.37 2.38
N CYS A 162 43.09 24.07 3.38
CA CYS A 162 43.47 25.08 4.36
C CYS A 162 44.09 26.29 3.68
N ILE A 163 45.10 26.05 2.84
CA ILE A 163 45.78 27.17 2.18
C ILE A 163 44.78 27.97 1.36
N ALA A 164 43.80 27.29 0.74
CA ALA A 164 42.87 28.02 -0.11
C ALA A 164 41.98 28.93 0.72
N TRP A 165 41.43 28.42 1.82
CA TRP A 165 40.67 29.25 2.73
C TRP A 165 41.51 30.47 3.17
N LEU A 166 42.76 30.23 3.57
CA LEU A 166 43.57 31.32 4.11
C LEU A 166 43.79 32.41 3.08
N LYS A 167 44.00 32.01 1.82
CA LYS A 167 44.10 33.01 0.75
C LYS A 167 42.80 33.76 0.60
N ARG A 168 41.68 33.06 0.72
CA ARG A 168 40.40 33.73 0.61
C ARG A 168 40.23 34.74 1.74
N PHE A 169 40.59 34.37 2.96
CA PHE A 169 40.35 35.25 4.10
C PHE A 169 41.30 36.45 4.11
N LEU A 170 42.55 36.24 3.71
CA LEU A 170 43.48 37.35 3.61
CA LEU A 170 43.51 37.33 3.56
C LEU A 170 42.95 38.43 2.67
N GLU A 171 42.20 38.05 1.65
CA GLU A 171 41.63 39.08 0.79
C GLU A 171 40.46 39.78 1.48
N TYR A 172 39.55 38.99 2.07
CA TYR A 172 38.43 39.62 2.78
C TYR A 172 38.95 40.63 3.79
N GLY A 173 39.92 40.23 4.61
CA GLY A 173 40.43 41.06 5.70
C GLY A 173 41.71 41.85 5.45
N LYS A 174 42.04 42.15 4.19
CA LYS A 174 43.37 42.67 3.87
C LYS A 174 43.64 44.02 4.53
N ASP A 175 42.65 44.92 4.55
CA ASP A 175 42.85 46.21 5.21
C ASP A 175 43.27 46.08 6.65
N THR A 176 42.89 44.99 7.30
CA THR A 176 43.38 44.72 8.64
C THR A 176 44.69 43.93 8.59
N LEU A 177 44.70 42.80 7.89
CA LEU A 177 45.78 41.83 8.02
C LEU A 177 47.08 42.24 7.33
N GLN A 178 47.02 43.13 6.34
CA GLN A 178 48.19 43.45 5.52
C GLN A 178 48.69 44.88 5.74
N ARG A 179 48.13 45.60 6.70
CA ARG A 179 48.62 46.93 7.00
C ARG A 179 49.87 46.81 7.84
N THR A 180 50.63 47.90 7.87
CA THR A 180 51.81 47.99 8.70
C THR A 180 51.67 49.23 9.55
N GLU A 181 51.82 49.09 10.85
CA GLU A 181 51.89 50.24 11.74
C GLU A 181 53.22 50.19 12.48
N PRO A 182 54.21 50.96 12.04
CA PRO A 182 55.55 50.87 12.63
C PRO A 182 55.53 51.24 14.10
N PRO A 183 56.51 50.79 14.85
CA PRO A 183 56.58 51.07 16.29
C PRO A 183 57.22 52.39 16.67
N LEU A 184 56.79 52.84 17.84
CA LEU A 184 57.38 54.03 18.48
C LEU A 184 58.29 53.46 19.56
N VAL A 185 59.58 53.63 19.42
CA VAL A 185 60.63 53.05 20.25
C VAL A 185 61.37 54.14 21.00
N ARG A 186 61.38 54.06 22.33
CA ARG A 186 62.15 54.98 23.16
C ARG A 186 63.04 54.15 24.08
N VAL A 187 63.89 54.84 24.85
CA VAL A 187 64.77 54.22 25.83
C VAL A 187 64.65 55.00 27.13
N ASN A 188 64.94 54.32 28.24
CA ASN A 188 64.97 55.02 29.52
C ASN A 188 65.61 54.11 30.56
N ARG A 189 65.97 54.70 31.70
CA ARG A 189 66.74 54.07 32.76
C ARG A 189 65.87 53.80 33.99
N LYS A 190 66.13 52.69 34.67
CA LYS A 190 65.33 52.29 35.84
C LYS A 190 66.25 51.68 36.90
N GLU A 191 66.00 52.04 38.16
CA GLU A 191 66.79 51.53 39.30
C GLU A 191 66.79 50.00 39.44
N VAL A 196 71.86 49.26 41.26
CA VAL A 196 71.90 48.81 39.88
C VAL A 196 71.06 49.71 38.98
N THR A 197 71.48 49.85 37.72
CA THR A 197 70.77 50.65 36.72
C THR A 197 70.54 49.82 35.47
N ALA A 198 69.37 49.97 34.87
CA ALA A 198 68.90 49.14 33.76
C ALA A 198 68.48 49.99 32.57
N LEU A 199 68.81 49.54 31.35
CA LEU A 199 68.32 50.18 30.15
C LEU A 199 67.08 49.44 29.67
N PHE A 200 65.96 50.14 29.64
CA PHE A 200 64.71 49.57 29.15
C PHE A 200 64.41 50.12 27.76
N CYS A 201 64.31 49.23 26.79
CA CYS A 201 63.95 49.59 25.43
C CYS A 201 62.48 49.26 25.24
N LYS A 202 61.64 50.28 25.10
CA LYS A 202 60.20 50.12 25.01
C LYS A 202 59.74 50.48 23.61
N ALA A 203 58.90 49.64 23.05
CA ALA A 203 58.26 49.94 21.78
C ALA A 203 56.77 49.74 21.97
N HIS A 204 55.99 50.45 21.17
CA HIS A 204 54.55 50.40 21.27
C HIS A 204 53.96 50.99 20.00
N GLY A 205 52.66 50.79 19.82
CA GLY A 205 51.97 51.32 18.67
C GLY A 205 52.10 50.53 17.38
N PHE A 206 52.68 49.31 17.38
CA PHE A 206 52.98 48.63 16.13
C PHE A 206 52.03 47.45 15.84
N TYR A 207 51.83 47.20 14.54
CA TYR A 207 51.12 46.04 13.98
C TYR A 207 51.86 45.67 12.70
N PRO A 208 52.04 44.36 12.41
CA PRO A 208 51.63 43.18 13.19
C PRO A 208 52.46 43.02 14.45
N PRO A 209 52.15 42.02 15.27
CA PRO A 209 52.88 41.82 16.54
C PRO A 209 54.23 41.12 16.42
N GLU A 210 54.65 40.75 15.22
CA GLU A 210 55.94 40.10 15.05
C GLU A 210 57.03 41.18 15.04
N ILE A 211 57.88 41.17 16.08
CA ILE A 211 58.91 42.18 16.29
C ILE A 211 60.08 41.53 17.03
N TYR A 212 61.31 41.89 16.67
CA TYR A 212 62.49 41.39 17.33
C TYR A 212 63.26 42.56 17.93
N MET A 213 63.43 42.57 19.24
CA MET A 213 64.21 43.57 19.94
C MET A 213 65.38 42.89 20.63
N THR A 214 66.56 43.48 20.51
CA THR A 214 67.68 42.94 21.27
C THR A 214 68.63 44.06 21.63
N TRP A 215 69.34 43.87 22.74
CA TRP A 215 70.37 44.80 23.18
C TRP A 215 71.72 44.31 22.68
N MET A 216 72.51 45.20 22.10
CA MET A 216 73.87 44.87 21.71
C MET A 216 74.86 45.71 22.51
N LYS A 217 76.00 45.11 22.82
CA LYS A 217 77.06 45.75 23.58
C LYS A 217 78.30 45.81 22.71
N ASN A 218 78.74 47.01 22.37
CA ASN A 218 80.01 47.16 21.60
C ASN A 218 79.94 46.29 20.35
N GLY A 219 78.77 46.18 19.74
CA GLY A 219 78.61 45.44 18.50
C GLY A 219 78.52 43.94 18.65
N GLU A 220 78.42 43.48 19.88
CA GLU A 220 78.23 42.03 20.13
C GLU A 220 76.87 41.88 20.79
N GLU A 221 76.15 40.81 20.44
CA GLU A 221 74.75 40.65 20.92
C GLU A 221 74.73 40.18 22.37
N ILE A 222 74.86 41.11 23.30
CA ILE A 222 74.68 40.74 24.73
C ILE A 222 73.52 39.75 24.72
N VAL A 223 73.72 38.52 25.16
CA VAL A 223 72.56 37.57 25.24
C VAL A 223 72.71 36.77 26.53
N GLN A 224 71.58 36.34 27.12
CA GLN A 224 71.65 35.68 28.45
C GLN A 224 71.87 36.81 29.45
N GLU A 225 72.18 37.99 28.93
CA GLU A 225 72.30 39.19 29.78
C GLU A 225 71.08 40.05 29.45
N ILE A 226 70.35 39.73 28.38
CA ILE A 226 69.15 40.46 27.99
C ILE A 226 67.96 39.82 28.69
N ASP A 227 66.96 40.65 28.97
CA ASP A 227 65.76 40.22 29.69
C ASP A 227 64.57 40.68 28.86
N TYR A 228 63.86 39.74 28.24
CA TYR A 228 62.89 40.03 27.18
C TYR A 228 61.48 40.12 27.78
N GLY A 229 60.88 41.31 27.71
CA GLY A 229 59.45 41.40 27.86
C GLY A 229 58.71 40.66 26.76
N ASP A 230 57.46 40.30 27.07
CA ASP A 230 56.56 39.70 26.10
C ASP A 230 55.92 40.75 25.21
N ILE A 231 55.40 40.29 24.07
CA ILE A 231 54.64 41.13 23.15
C ILE A 231 53.20 41.14 23.64
N LEU A 232 52.64 42.33 23.86
CA LEU A 232 51.34 42.48 24.56
C LEU A 232 50.32 43.26 23.76
N PRO A 233 49.03 42.86 23.78
CA PRO A 233 47.99 43.66 23.13
C PRO A 233 47.72 44.95 23.90
N SER A 234 47.70 46.08 23.18
CA SER A 234 47.40 47.40 23.74
C SER A 234 45.91 47.65 23.96
N GLY A 235 45.03 46.91 23.31
CA GLY A 235 43.59 47.11 23.40
C GLY A 235 42.96 47.82 22.22
N ASP A 236 43.75 48.26 21.24
CA ASP A 236 43.26 49.12 20.16
C ASP A 236 43.74 48.63 18.80
N GLY A 237 44.19 47.38 18.69
CA GLY A 237 44.67 46.86 17.44
C GLY A 237 46.18 46.84 17.28
N THR A 238 46.94 47.27 18.29
CA THR A 238 48.38 47.34 18.19
C THR A 238 48.99 46.77 19.46
N TYR A 239 50.31 46.64 19.45
CA TYR A 239 51.02 45.91 20.50
C TYR A 239 52.22 46.71 21.00
N GLN A 240 52.64 46.39 22.22
CA GLN A 240 53.82 46.96 22.85
C GLN A 240 54.76 45.85 23.30
N ALA A 241 56.01 46.18 23.51
CA ALA A 241 56.94 45.25 24.14
C ALA A 241 58.15 46.03 24.64
N TRP A 242 59.08 45.30 25.24
CA TRP A 242 60.30 45.91 25.77
C TRP A 242 61.37 44.83 25.88
N ALA A 243 62.61 45.28 26.13
CA ALA A 243 63.74 44.44 26.51
C ALA A 243 64.65 45.27 27.41
N SER A 244 65.20 44.64 28.44
CA SER A 244 66.09 45.34 29.35
C SER A 244 67.43 44.63 29.43
N ILE A 245 68.50 45.41 29.59
CA ILE A 245 69.82 44.93 29.92
C ILE A 245 70.32 45.72 31.13
N GLU A 246 71.27 45.11 31.86
CA GLU A 246 71.71 45.61 33.16
C GLU A 246 73.09 46.27 33.02
N LEU A 247 73.17 47.56 33.40
CA LEU A 247 74.36 48.38 33.17
C LEU A 247 75.50 48.04 34.13
N ASP A 248 76.74 48.13 33.62
CA ASP A 248 77.92 47.83 34.42
C ASP A 248 78.45 49.10 35.07
N PRO A 249 78.61 49.14 36.40
CA PRO A 249 79.13 50.37 37.03
C PRO A 249 80.61 50.57 36.82
N GLN A 250 81.37 49.54 36.44
CA GLN A 250 82.83 49.55 36.52
C GLN A 250 83.51 49.89 35.20
N SER A 251 82.82 49.76 34.07
CA SER A 251 83.36 50.10 32.76
C SER A 251 82.25 50.64 31.90
N SER A 252 82.54 51.72 31.16
CA SER A 252 81.59 52.21 30.17
C SER A 252 81.48 51.23 29.00
N ASN A 253 80.31 51.22 28.35
CA ASN A 253 80.11 50.39 27.18
C ASN A 253 79.14 51.10 26.25
N LEU A 254 79.20 50.76 24.97
CA LEU A 254 78.33 51.35 23.97
C LEU A 254 77.14 50.43 23.79
N TYR A 255 76.05 50.73 24.50
CA TYR A 255 74.84 49.94 24.41
C TYR A 255 73.91 50.52 23.33
N SER A 256 73.24 49.65 22.59
CA SER A 256 72.35 50.10 21.53
C SER A 256 71.18 49.13 21.39
N CYS A 257 69.96 49.68 21.33
CA CYS A 257 68.78 48.86 21.11
C CYS A 257 68.60 48.63 19.61
N HIS A 258 68.30 47.38 19.22
CA HIS A 258 68.01 46.98 17.85
C HIS A 258 66.60 46.43 17.77
N VAL A 259 65.82 46.92 16.82
CA VAL A 259 64.43 46.50 16.63
C VAL A 259 64.23 46.21 15.14
N GLU A 260 63.73 45.01 14.83
CA GLU A 260 63.32 44.67 13.48
C GLU A 260 61.81 44.49 13.44
N HIS A 261 61.19 44.99 12.38
CA HIS A 261 59.75 44.92 12.27
C HIS A 261 59.29 45.19 10.85
N SER A 262 58.66 44.20 10.20
CA SER A 262 58.15 44.30 8.83
C SER A 262 59.19 44.82 7.85
N GLY A 263 60.35 44.15 7.80
CA GLY A 263 61.37 44.52 6.84
C GLY A 263 62.13 45.81 7.12
N VAL A 264 61.93 46.44 8.27
CA VAL A 264 62.63 47.67 8.63
C VAL A 264 63.41 47.44 9.92
N HIS A 265 64.65 47.91 9.94
CA HIS A 265 65.54 47.73 11.09
C HIS A 265 65.93 49.08 11.70
N MET A 266 65.89 49.12 13.04
CA MET A 266 65.99 50.35 13.81
CA MET A 266 66.00 50.35 13.81
C MET A 266 67.08 50.22 14.87
N VAL A 267 67.88 51.27 15.05
CA VAL A 267 68.96 51.21 16.03
C VAL A 267 68.93 52.49 16.86
N LEU A 268 68.83 52.36 18.18
CA LEU A 268 68.91 53.51 19.09
C LEU A 268 70.18 53.38 19.93
N GLN A 269 71.17 54.26 19.70
CA GLN A 269 72.37 54.25 20.53
C GLN A 269 72.13 54.99 21.82
N VAL A 270 72.72 54.49 22.88
CA VAL A 270 72.62 55.11 24.22
C VAL A 270 73.89 55.94 24.42
N PRO A 271 73.80 57.27 24.31
CA PRO A 271 74.98 58.16 24.45
C PRO A 271 75.69 57.99 25.78
CA MET B 1 46.64 16.99 35.09
C MET B 1 47.73 17.98 35.48
N ILE B 2 48.65 18.28 34.56
CA ILE B 2 49.61 19.35 34.81
C ILE B 2 48.86 20.67 34.73
N GLN B 3 48.79 21.38 35.85
CA GLN B 3 48.05 22.63 35.93
C GLN B 3 49.01 23.80 35.88
N ARG B 4 48.71 24.77 35.03
CA ARG B 4 49.61 25.87 34.79
C ARG B 4 49.04 27.18 35.32
N THR B 5 49.89 27.92 36.00
CA THR B 5 49.35 29.05 36.71
C THR B 5 49.53 30.35 35.91
N PRO B 6 48.55 31.26 35.99
CA PRO B 6 48.55 32.40 35.05
C PRO B 6 49.64 33.42 35.33
N LYS B 7 50.21 33.92 34.23
CA LYS B 7 51.11 35.06 34.25
C LYS B 7 50.27 36.34 34.11
N ILE B 8 50.50 37.29 35.02
CA ILE B 8 49.64 38.44 35.23
C ILE B 8 50.46 39.70 34.94
N GLN B 9 50.00 40.53 33.99
CA GLN B 9 50.76 41.72 33.61
C GLN B 9 49.82 42.91 33.52
N VAL B 10 50.15 43.98 34.26
CA VAL B 10 49.30 45.16 34.36
C VAL B 10 50.03 46.34 33.72
N TYR B 11 49.35 47.01 32.80
CA TYR B 11 49.99 48.04 31.99
C TYR B 11 48.93 48.91 31.36
N SER B 12 49.36 50.03 30.79
CA SER B 12 48.43 50.99 30.19
C SER B 12 48.53 50.92 28.68
N ARG B 13 47.41 51.22 28.01
CA ARG B 13 47.40 51.22 26.55
C ARG B 13 48.48 52.16 25.99
N HIS B 14 48.51 53.39 26.46
CA HIS B 14 49.52 54.36 26.07
C HIS B 14 50.41 54.72 27.25
N PRO B 15 51.59 55.31 27.00
CA PRO B 15 52.33 55.89 28.13
C PRO B 15 51.46 56.87 28.90
N ALA B 16 51.33 56.65 30.19
CA ALA B 16 50.41 57.43 31.02
C ALA B 16 51.10 58.67 31.58
N GLU B 17 50.63 59.85 31.17
CA GLU B 17 50.98 61.10 31.84
C GLU B 17 49.83 61.48 32.74
N ASN B 18 50.14 61.95 33.95
CA ASN B 18 49.09 62.24 34.91
C ASN B 18 48.08 63.22 34.33
N GLY B 19 46.80 62.96 34.57
CA GLY B 19 45.73 63.81 34.08
C GLY B 19 45.17 63.48 32.71
N LYS B 20 45.74 62.52 31.99
CA LYS B 20 45.39 62.28 30.59
C LYS B 20 44.71 60.91 30.47
N SER B 21 43.48 60.91 29.96
CA SER B 21 42.74 59.66 29.81
CA SER B 21 42.74 59.66 29.81
C SER B 21 43.61 58.60 29.15
N ASN B 22 43.39 57.34 29.55
CA ASN B 22 44.18 56.22 29.06
C ASN B 22 43.33 54.95 29.16
N PHE B 23 43.98 53.80 29.02
CA PHE B 23 43.35 52.51 29.23
C PHE B 23 44.24 51.61 30.08
N LEU B 24 43.64 50.99 31.08
CA LEU B 24 44.36 50.10 32.00
C LEU B 24 44.11 48.65 31.61
N ASN B 25 45.19 47.93 31.30
CA ASN B 25 45.11 46.59 30.75
C ASN B 25 45.67 45.60 31.75
N CYS B 26 44.90 44.56 32.05
CA CYS B 26 45.42 43.38 32.72
C CYS B 26 45.35 42.22 31.74
N TYR B 27 46.51 41.68 31.37
CA TYR B 27 46.62 40.59 30.42
C TYR B 27 46.97 39.35 31.20
N VAL B 28 46.14 38.32 31.09
CA VAL B 28 46.30 37.09 31.86
C VAL B 28 46.51 35.94 30.86
N SER B 29 47.63 35.23 30.98
CA SER B 29 48.01 34.31 29.92
C SER B 29 48.74 33.11 30.48
N GLY B 30 48.79 32.05 29.65
CA GLY B 30 49.52 30.83 29.94
C GLY B 30 48.89 29.91 30.94
N PHE B 31 47.64 30.15 31.36
CA PHE B 31 47.04 29.32 32.39
C PHE B 31 46.35 28.10 31.77
N HIS B 32 46.14 27.08 32.61
CA HIS B 32 45.36 25.91 32.25
C HIS B 32 44.96 25.21 33.55
N PRO B 33 43.69 24.80 33.73
CA PRO B 33 42.58 24.89 32.77
C PRO B 33 42.00 26.30 32.70
N SER B 34 40.82 26.48 32.10
CA SER B 34 40.44 27.78 31.55
C SER B 34 39.53 28.60 32.47
N ASP B 35 39.02 27.99 33.54
CA ASP B 35 38.24 28.68 34.55
C ASP B 35 39.08 29.77 35.16
N ILE B 36 38.57 31.00 35.19
CA ILE B 36 39.37 32.08 35.72
C ILE B 36 38.48 33.25 36.13
N GLU B 37 38.94 34.03 37.10
CA GLU B 37 38.24 35.22 37.55
C GLU B 37 39.24 36.37 37.64
N VAL B 38 38.88 37.52 37.04
CA VAL B 38 39.75 38.69 37.00
C VAL B 38 38.96 39.93 37.43
N ASP B 39 39.60 40.78 38.25
CA ASP B 39 39.04 42.07 38.62
C ASP B 39 40.12 43.14 38.60
N LEU B 40 39.79 44.29 38.01
CA LEU B 40 40.58 45.50 38.15
C LEU B 40 40.15 46.23 39.41
N LEU B 41 41.13 46.70 40.19
CA LEU B 41 40.85 47.40 41.45
C LEU B 41 41.29 48.85 41.37
N LYS B 42 40.52 49.72 42.01
CA LYS B 42 40.92 51.11 42.29
C LYS B 42 41.05 51.27 43.80
N ASN B 43 42.25 51.62 44.24
CA ASN B 43 42.58 51.76 45.65
C ASN B 43 42.00 50.60 46.46
N GLY B 44 41.98 49.40 45.88
CA GLY B 44 41.54 48.20 46.57
C GLY B 44 40.09 47.82 46.34
N GLU B 45 39.28 48.67 45.72
CA GLU B 45 37.90 48.37 45.42
C GLU B 45 37.76 47.89 43.98
N ARG B 46 36.83 46.97 43.73
CA ARG B 46 36.64 46.43 42.39
C ARG B 46 35.95 47.46 41.50
N ILE B 47 36.42 47.58 40.26
CA ILE B 47 35.84 48.52 39.30
C ILE B 47 34.65 47.88 38.61
N GLU B 48 33.56 48.64 38.48
CA GLU B 48 32.33 48.07 37.92
C GLU B 48 32.42 47.90 36.40
N LYS B 49 32.66 48.99 35.68
CA LYS B 49 32.71 48.95 34.21
C LYS B 49 34.08 48.47 33.79
N VAL B 50 34.19 47.15 33.55
CA VAL B 50 35.45 46.52 33.17
C VAL B 50 35.12 45.65 31.96
N GLU B 51 35.69 45.97 30.80
CA GLU B 51 35.42 45.13 29.64
C GLU B 51 36.51 44.06 29.49
N HIS B 52 36.17 42.95 28.82
CA HIS B 52 37.14 41.87 28.64
C HIS B 52 36.95 41.17 27.29
N SER B 53 38.03 40.60 26.79
CA SER B 53 38.04 39.83 25.53
C SER B 53 37.53 38.40 25.74
N ASP B 54 37.22 37.73 24.64
CA ASP B 54 36.87 36.32 24.74
C ASP B 54 38.08 35.49 25.13
N LEU B 55 37.81 34.34 25.76
CA LEU B 55 38.86 33.38 26.05
C LEU B 55 39.64 33.04 24.78
N SER B 56 40.96 32.98 24.90
CA SER B 56 41.79 32.82 23.72
C SER B 56 42.72 31.61 23.84
N PHE B 57 43.11 31.06 22.69
CA PHE B 57 43.88 29.83 22.64
C PHE B 57 45.28 30.04 22.09
N SER B 58 46.26 29.49 22.80
CA SER B 58 47.66 29.45 22.38
C SER B 58 48.06 28.07 21.82
N LYS B 59 49.09 28.08 20.96
CA LYS B 59 49.57 26.83 20.38
C LYS B 59 50.00 25.82 21.44
N ASP B 60 50.55 26.29 22.56
CA ASP B 60 51.00 25.38 23.62
C ASP B 60 49.87 24.90 24.49
N TRP B 61 48.63 25.14 24.07
CA TRP B 61 47.40 24.64 24.65
C TRP B 61 46.93 25.42 25.86
N SER B 62 47.54 26.54 26.20
CA SER B 62 47.05 27.37 27.29
C SER B 62 46.26 28.54 26.75
N PHE B 63 45.75 29.35 27.67
CA PHE B 63 44.72 30.34 27.38
C PHE B 63 45.19 31.74 27.77
N TYR B 64 44.69 32.74 27.03
CA TYR B 64 44.92 34.13 27.41
C TYR B 64 43.62 34.92 27.29
N LEU B 65 43.63 36.05 28.02
CA LEU B 65 42.52 36.99 28.20
C LEU B 65 43.08 38.39 28.43
N LEU B 66 42.34 39.39 27.98
CA LEU B 66 42.70 40.78 28.25
C LEU B 66 41.52 41.46 28.92
N TYR B 67 41.74 41.93 30.14
CA TYR B 67 40.78 42.76 30.87
C TYR B 67 41.24 44.23 30.82
N TYR B 68 40.31 45.14 30.51
CA TYR B 68 40.67 46.54 30.36
C TYR B 68 39.51 47.45 30.78
N THR B 69 39.89 48.63 31.28
CA THR B 69 38.94 49.68 31.61
C THR B 69 39.55 51.02 31.26
N GLU B 70 38.75 51.88 30.63
CA GLU B 70 39.14 53.28 30.48
C GLU B 70 39.29 53.92 31.85
N PHE B 71 40.25 54.84 31.96
CA PHE B 71 40.53 55.48 33.23
C PHE B 71 41.39 56.71 32.94
N THR B 72 41.60 57.50 33.98
CA THR B 72 42.50 58.65 33.91
C THR B 72 43.40 58.63 35.15
N PRO B 73 44.68 58.29 34.99
CA PRO B 73 45.56 58.16 36.16
C PRO B 73 45.81 59.49 36.84
N THR B 74 45.99 59.42 38.15
CA THR B 74 46.34 60.58 38.96
C THR B 74 47.46 60.20 39.91
N GLU B 75 48.10 61.21 40.51
CA GLU B 75 49.18 60.95 41.45
C GLU B 75 48.73 60.02 42.57
N LYS B 76 47.57 60.34 43.18
CA LYS B 76 47.13 59.63 44.37
C LYS B 76 46.70 58.19 44.04
N ASP B 77 45.90 58.02 42.98
CA ASP B 77 45.20 56.74 42.74
C ASP B 77 46.16 55.58 42.47
N GLU B 78 45.87 54.44 43.10
CA GLU B 78 46.62 53.21 42.92
C GLU B 78 45.71 52.12 42.35
N TYR B 79 46.18 51.43 41.30
CA TYR B 79 45.36 50.47 40.56
C TYR B 79 45.99 49.07 40.56
N ALA B 80 45.16 48.05 40.74
CA ALA B 80 45.65 46.68 40.82
C ALA B 80 44.82 45.77 39.91
N CYS B 81 45.33 44.55 39.71
CA CYS B 81 44.61 43.47 39.06
C CYS B 81 44.54 42.27 40.02
N ARG B 82 43.36 41.69 40.16
CA ARG B 82 43.14 40.60 41.10
C ARG B 82 42.70 39.37 40.33
N VAL B 83 43.49 38.31 40.39
CA VAL B 83 43.29 37.10 39.61
C VAL B 83 43.06 35.93 40.54
N ASN B 84 42.19 35.01 40.12
CA ASN B 84 41.95 33.80 40.87
C ASN B 84 41.87 32.60 39.94
N HIS B 85 42.42 31.48 40.39
CA HIS B 85 42.55 30.28 39.59
C HIS B 85 42.54 29.09 40.54
N VAL B 86 42.55 27.87 39.98
CA VAL B 86 42.46 26.70 40.83
C VAL B 86 43.85 26.35 41.35
N THR B 87 44.89 26.72 40.60
CA THR B 87 46.29 26.71 41.02
C THR B 87 46.64 27.81 42.02
N LEU B 88 45.74 28.73 42.33
CA LEU B 88 46.00 29.77 43.30
C LEU B 88 45.26 29.43 44.58
N SER B 89 46.02 29.35 45.69
CA SER B 89 45.47 29.03 47.00
C SER B 89 44.51 30.11 47.48
N GLN B 90 44.85 31.38 47.25
CA GLN B 90 43.98 32.53 47.46
C GLN B 90 44.18 33.49 46.29
N PRO B 91 43.40 34.55 46.22
CA PRO B 91 43.63 35.58 45.18
C PRO B 91 45.09 36.01 45.11
N LYS B 92 45.50 36.44 43.90
CA LYS B 92 46.79 37.08 43.68
C LYS B 92 46.56 38.50 43.17
N ILE B 93 47.25 39.46 43.77
CA ILE B 93 47.11 40.87 43.43
C ILE B 93 48.42 41.38 42.84
N VAL B 94 48.30 42.16 41.77
CA VAL B 94 49.45 42.72 41.06
C VAL B 94 49.22 44.22 40.86
N LYS B 95 50.04 45.05 41.48
CA LYS B 95 49.88 46.49 41.33
C LYS B 95 50.43 46.94 39.97
N TRP B 96 49.91 48.08 39.49
CA TRP B 96 50.34 48.70 38.25
C TRP B 96 51.51 49.64 38.57
N ASP B 97 52.74 49.11 38.42
CA ASP B 97 53.95 49.89 38.65
C ASP B 97 54.15 50.83 37.47
N ARG B 98 53.72 52.08 37.62
CA ARG B 98 53.78 53.02 36.50
C ARG B 98 55.20 53.10 35.93
N ASP B 99 56.21 52.92 36.77
CA ASP B 99 57.64 53.24 36.50
C ASP B 99 58.32 52.27 35.51
N MET C 1 1.47 -25.63 4.63
CA MET C 1 0.42 -26.61 4.39
C MET C 1 0.67 -27.03 2.98
N ARG C 2 -0.11 -27.93 2.38
CA ARG C 2 0.05 -28.25 0.96
C ARG C 2 -1.01 -27.52 0.14
N THR C 3 -0.99 -27.74 -1.18
CA THR C 3 -1.96 -27.12 -2.07
CA THR C 3 -1.96 -27.12 -2.07
C THR C 3 -3.30 -27.85 -1.98
N HIS C 4 -4.37 -27.12 -1.65
CA HIS C 4 -5.71 -27.70 -1.59
C HIS C 4 -6.64 -26.97 -2.54
N SER C 5 -7.77 -27.59 -2.87
CA SER C 5 -8.64 -26.95 -3.84
C SER C 5 -10.07 -27.44 -3.71
N LEU C 6 -11.00 -26.56 -4.10
CA LEU C 6 -12.43 -26.82 -4.07
C LEU C 6 -12.99 -26.52 -5.45
N ARG C 7 -13.79 -27.44 -6.01
CA ARG C 7 -14.35 -27.18 -7.31
C ARG C 7 -15.65 -27.96 -7.56
N TYR C 8 -16.52 -27.35 -8.38
CA TYR C 8 -17.84 -27.88 -8.70
C TYR C 8 -18.00 -27.99 -10.21
N PHE C 9 -18.34 -29.19 -10.70
CA PHE C 9 -18.60 -29.43 -12.11
C PHE C 9 -20.10 -29.52 -12.37
N ARG C 10 -20.51 -29.20 -13.60
CA ARG C 10 -21.87 -29.45 -14.06
C ARG C 10 -21.82 -30.09 -15.44
N LEU C 11 -22.60 -31.15 -15.64
CA LEU C 11 -22.71 -31.79 -16.95
C LEU C 11 -24.17 -31.77 -17.38
N GLY C 12 -24.40 -31.26 -18.58
CA GLY C 12 -25.72 -31.18 -19.14
C GLY C 12 -25.76 -31.87 -20.48
N VAL C 13 -26.59 -32.91 -20.62
CA VAL C 13 -26.67 -33.69 -21.84
C VAL C 13 -28.05 -33.48 -22.41
N SER C 14 -28.14 -33.11 -23.68
CA SER C 14 -29.44 -32.90 -24.28
C SER C 14 -29.95 -34.23 -24.86
N ASP C 15 -31.23 -34.50 -24.65
CA ASP C 15 -31.87 -35.65 -25.28
C ASP C 15 -31.03 -36.90 -24.98
N PRO C 16 -30.85 -37.24 -23.71
CA PRO C 16 -30.00 -38.38 -23.35
C PRO C 16 -30.65 -39.69 -23.74
N ILE C 17 -29.81 -40.69 -24.07
CA ILE C 17 -30.27 -42.05 -24.31
C ILE C 17 -30.64 -42.62 -22.94
N HIS C 18 -31.32 -43.78 -22.94
CA HIS C 18 -31.73 -44.37 -21.68
C HIS C 18 -30.52 -44.64 -20.79
N GLY C 19 -30.59 -44.20 -19.53
CA GLY C 19 -29.53 -44.43 -18.57
C GLY C 19 -28.60 -43.26 -18.30
N VAL C 20 -28.66 -42.19 -19.09
CA VAL C 20 -27.84 -41.00 -18.84
C VAL C 20 -28.74 -39.92 -18.25
N PRO C 21 -28.43 -39.38 -17.07
CA PRO C 21 -29.13 -38.18 -16.58
C PRO C 21 -29.03 -37.00 -17.52
N GLU C 22 -30.07 -36.17 -17.53
CA GLU C 22 -30.01 -34.90 -18.24
C GLU C 22 -28.98 -33.95 -17.61
N PHE C 23 -28.82 -34.00 -16.28
CA PHE C 23 -28.02 -33.03 -15.54
C PHE C 23 -27.31 -33.73 -14.39
N ILE C 24 -26.03 -33.44 -14.19
CA ILE C 24 -25.23 -33.95 -13.09
C ILE C 24 -24.38 -32.82 -12.53
N SER C 25 -24.36 -32.70 -11.21
CA SER C 25 -23.44 -31.78 -10.56
C SER C 25 -22.70 -32.55 -9.47
N VAL C 26 -21.39 -32.31 -9.39
CA VAL C 26 -20.54 -32.99 -8.42
C VAL C 26 -19.56 -31.97 -7.85
N GLY C 27 -19.32 -32.03 -6.55
CA GLY C 27 -18.32 -31.20 -5.89
C GLY C 27 -17.16 -32.02 -5.33
N TYR C 28 -15.94 -31.49 -5.49
CA TYR C 28 -14.72 -32.15 -5.01
C TYR C 28 -13.88 -31.20 -4.17
N VAL C 29 -13.34 -31.79 -3.11
CA VAL C 29 -12.29 -31.09 -2.32
C VAL C 29 -11.07 -31.94 -2.62
N ASP C 30 -10.03 -31.34 -3.19
CA ASP C 30 -8.84 -32.10 -3.66
C ASP C 30 -9.34 -33.20 -4.60
N SER C 31 -9.22 -34.45 -4.22
CA SER C 31 -9.63 -35.53 -5.10
C SER C 31 -10.86 -36.27 -4.61
N HIS C 32 -11.35 -35.92 -3.43
CA HIS C 32 -12.46 -36.61 -2.81
C HIS C 32 -13.77 -35.94 -3.21
N PRO C 33 -14.72 -36.67 -3.78
CA PRO C 33 -16.04 -36.08 -3.98
C PRO C 33 -16.69 -35.78 -2.65
N ILE C 34 -17.47 -34.70 -2.63
CA ILE C 34 -18.10 -34.28 -1.38
C ILE C 34 -19.60 -34.08 -1.54
N THR C 35 -20.09 -33.77 -2.74
CA THR C 35 -21.50 -33.52 -2.95
C THR C 35 -21.89 -33.97 -4.35
N THR C 36 -23.10 -34.53 -4.46
CA THR C 36 -23.62 -34.98 -5.74
C THR C 36 -25.09 -34.62 -5.85
N TYR C 37 -25.52 -34.34 -7.08
CA TYR C 37 -26.91 -34.07 -7.41
C TYR C 37 -27.12 -34.51 -8.85
N ASP C 38 -28.31 -35.03 -9.14
CA ASP C 38 -28.63 -35.38 -10.55
C ASP C 38 -30.12 -35.17 -10.80
N SER C 39 -30.49 -35.08 -12.08
CA SER C 39 -31.86 -34.91 -12.49
C SER C 39 -32.72 -36.16 -12.31
N VAL C 40 -32.16 -37.31 -11.96
CA VAL C 40 -33.02 -38.44 -11.65
C VAL C 40 -33.43 -38.44 -10.18
N THR C 41 -32.48 -38.22 -9.28
CA THR C 41 -32.79 -38.19 -7.85
C THR C 41 -33.38 -36.84 -7.43
N ARG C 42 -32.85 -35.74 -8.01
CA ARG C 42 -33.26 -34.37 -7.72
C ARG C 42 -33.08 -34.03 -6.25
N GLN C 43 -32.16 -34.73 -5.58
CA GLN C 43 -31.68 -34.40 -4.24
C GLN C 43 -30.18 -34.12 -4.31
N LYS C 44 -29.70 -33.25 -3.43
CA LYS C 44 -28.26 -33.09 -3.24
C LYS C 44 -27.83 -33.96 -2.06
N GLU C 45 -26.77 -34.74 -2.26
CA GLU C 45 -26.41 -35.68 -1.21
C GLU C 45 -24.97 -35.49 -0.78
N PRO C 46 -24.67 -35.65 0.50
CA PRO C 46 -23.27 -35.73 0.91
C PRO C 46 -22.63 -36.91 0.23
N ARG C 47 -21.34 -36.80 0.01
CA ARG C 47 -20.64 -37.79 -0.77
C ARG C 47 -19.34 -38.20 -0.11
N ALA C 48 -19.10 -37.71 1.11
CA ALA C 48 -18.01 -38.07 2.00
C ALA C 48 -18.54 -38.08 3.43
N PRO C 49 -18.06 -39.00 4.27
CA PRO C 49 -18.61 -39.09 5.62
C PRO C 49 -18.45 -37.80 6.42
N TRP C 50 -17.34 -37.09 6.24
CA TRP C 50 -17.12 -35.90 7.06
C TRP C 50 -17.94 -34.70 6.59
N MET C 51 -18.40 -34.71 5.35
CA MET C 51 -19.40 -33.74 4.89
C MET C 51 -20.74 -33.96 5.61
N ALA C 52 -21.21 -35.20 5.62
CA ALA C 52 -22.49 -35.51 6.26
C ALA C 52 -22.49 -35.22 7.75
N GLU C 53 -21.40 -35.59 8.46
CA GLU C 53 -21.37 -35.46 9.92
C GLU C 53 -21.31 -34.01 10.40
N ASN C 54 -20.97 -33.05 9.53
CA ASN C 54 -20.76 -31.68 9.94
C ASN C 54 -21.75 -30.68 9.35
N LEU C 55 -22.69 -31.13 8.52
CA LEU C 55 -23.65 -30.27 7.86
C LEU C 55 -25.07 -30.81 8.08
N ALA C 56 -25.90 -30.05 8.81
CA ALA C 56 -27.23 -30.49 9.20
C ALA C 56 -28.19 -30.45 8.02
N PRO C 57 -29.37 -31.09 8.17
CA PRO C 57 -30.24 -31.31 6.99
C PRO C 57 -30.69 -30.04 6.28
N ASP C 58 -30.86 -28.92 7.01
CA ASP C 58 -31.25 -27.67 6.36
C ASP C 58 -30.29 -27.31 5.21
N HIS C 59 -29.00 -27.62 5.36
CA HIS C 59 -28.03 -27.36 4.29
C HIS C 59 -28.43 -28.09 3.02
N TRP C 60 -28.47 -29.43 3.08
CA TRP C 60 -28.84 -30.23 1.92
C TRP C 60 -30.22 -29.85 1.39
N GLU C 61 -31.17 -29.62 2.30
CA GLU C 61 -32.46 -29.11 1.86
C GLU C 61 -32.27 -27.87 0.98
N ARG C 62 -31.50 -26.89 1.48
CA ARG C 62 -31.37 -25.62 0.76
C ARG C 62 -30.68 -25.80 -0.58
N TYR C 63 -29.60 -26.55 -0.63
CA TYR C 63 -28.95 -26.69 -1.93
C TYR C 63 -29.68 -27.63 -2.88
N THR C 64 -30.63 -28.45 -2.40
CA THR C 64 -31.52 -29.15 -3.34
C THR C 64 -32.35 -28.16 -4.14
N GLN C 65 -32.89 -27.12 -3.49
CA GLN C 65 -33.69 -26.14 -4.22
C GLN C 65 -32.85 -25.39 -5.24
N LEU C 66 -31.59 -25.08 -4.93
CA LEU C 66 -30.74 -24.37 -5.87
C LEU C 66 -30.39 -25.23 -7.07
N LEU C 67 -29.96 -26.48 -6.83
CA LEU C 67 -29.58 -27.33 -7.96
C LEU C 67 -30.75 -27.58 -8.87
N ARG C 68 -31.96 -27.67 -8.33
CA ARG C 68 -33.12 -27.79 -9.23
C ARG C 68 -33.21 -26.57 -10.13
N GLY C 69 -33.08 -25.37 -9.55
CA GLY C 69 -32.97 -24.18 -10.37
C GLY C 69 -31.81 -24.23 -11.36
N TRP C 70 -30.64 -24.68 -10.90
CA TRP C 70 -29.49 -24.68 -11.80
C TRP C 70 -29.70 -25.67 -12.94
N GLN C 71 -30.33 -26.80 -12.64
CA GLN C 71 -30.66 -27.79 -13.67
C GLN C 71 -31.56 -27.19 -14.74
N GLN C 72 -32.60 -26.47 -14.32
CA GLN C 72 -33.45 -25.84 -15.31
C GLN C 72 -32.71 -24.75 -16.07
N MET C 73 -31.65 -24.18 -15.49
CA MET C 73 -30.85 -23.19 -16.21
C MET C 73 -30.03 -23.83 -17.33
N PHE C 74 -29.28 -24.87 -17.02
CA PHE C 74 -28.43 -25.53 -18.04
C PHE C 74 -29.27 -26.00 -19.23
N LYS C 75 -30.45 -26.58 -18.99
CA LYS C 75 -31.29 -27.07 -20.07
C LYS C 75 -31.52 -25.96 -21.10
N VAL C 76 -32.00 -24.79 -20.65
CA VAL C 76 -32.27 -23.66 -21.55
C VAL C 76 -30.97 -23.18 -22.24
N GLU C 77 -29.87 -23.09 -21.49
CA GLU C 77 -28.63 -22.58 -22.10
C GLU C 77 -28.12 -23.53 -23.16
N LEU C 78 -28.22 -24.85 -22.91
CA LEU C 78 -27.84 -25.82 -23.92
C LEU C 78 -28.71 -25.70 -25.17
N LYS C 79 -30.02 -25.44 -25.00
CA LYS C 79 -30.87 -25.29 -26.16
C LYS C 79 -30.49 -24.06 -26.96
N ARG C 80 -30.08 -22.98 -26.30
CA ARG C 80 -29.68 -21.78 -27.02
C ARG C 80 -28.35 -21.99 -27.76
N LEU C 81 -27.40 -22.72 -27.15
CA LEU C 81 -26.17 -23.04 -27.85
C LEU C 81 -26.43 -23.88 -29.10
N GLN C 82 -27.30 -24.88 -28.99
CA GLN C 82 -27.60 -25.71 -30.15
C GLN C 82 -28.22 -24.86 -31.26
N ARG C 83 -29.14 -23.96 -30.90
CA ARG C 83 -29.71 -23.09 -31.89
C ARG C 83 -28.61 -22.26 -32.58
N HIS C 84 -27.67 -21.72 -31.80
CA HIS C 84 -26.62 -20.88 -32.38
C HIS C 84 -25.77 -21.65 -33.39
N TYR C 85 -25.46 -22.90 -33.10
CA TYR C 85 -24.60 -23.71 -33.96
C TYR C 85 -25.35 -24.41 -35.08
N ASN C 86 -26.67 -24.24 -35.16
CA ASN C 86 -27.52 -25.09 -36.00
C ASN C 86 -27.17 -26.56 -35.81
N HIS C 87 -27.08 -26.99 -34.54
CA HIS C 87 -26.84 -28.38 -34.17
C HIS C 87 -28.12 -29.08 -33.75
N SER C 88 -28.34 -30.27 -34.32
CA SER C 88 -29.43 -31.14 -33.92
C SER C 88 -28.85 -32.39 -33.26
N GLY C 89 -29.64 -33.02 -32.41
CA GLY C 89 -29.20 -34.21 -31.72
C GLY C 89 -28.70 -33.95 -30.31
N SER C 90 -27.91 -34.91 -29.81
CA SER C 90 -27.46 -34.90 -28.43
C SER C 90 -26.10 -34.23 -28.33
N HIS C 91 -26.00 -33.25 -27.43
CA HIS C 91 -24.80 -32.47 -27.20
C HIS C 91 -24.63 -32.28 -25.70
N THR C 92 -23.44 -31.90 -25.28
CA THR C 92 -23.16 -31.71 -23.87
C THR C 92 -22.76 -30.26 -23.60
N TYR C 93 -22.94 -29.86 -22.36
CA TYR C 93 -22.63 -28.53 -21.85
C TYR C 93 -22.00 -28.76 -20.48
N GLN C 94 -20.82 -28.16 -20.23
CA GLN C 94 -20.18 -28.31 -18.92
C GLN C 94 -19.73 -26.97 -18.34
N ARG C 95 -19.77 -26.93 -17.01
CA ARG C 95 -19.23 -25.81 -16.25
C ARG C 95 -18.33 -26.34 -15.16
N MET C 96 -17.23 -25.61 -14.95
CA MET C 96 -16.30 -25.86 -13.85
C MET C 96 -15.98 -24.54 -13.14
N ILE C 97 -16.23 -24.51 -11.83
CA ILE C 97 -15.85 -23.39 -10.99
C ILE C 97 -15.13 -23.93 -9.77
N GLY C 98 -14.16 -23.16 -9.27
CA GLY C 98 -13.39 -23.59 -8.12
C GLY C 98 -12.27 -22.62 -7.83
N CYS C 99 -11.53 -22.95 -6.78
CA CYS C 99 -10.49 -22.05 -6.28
C CYS C 99 -9.43 -22.89 -5.61
N GLU C 100 -8.21 -22.41 -5.61
CA GLU C 100 -7.16 -23.10 -4.91
C GLU C 100 -6.51 -22.21 -3.85
N LEU C 101 -6.14 -22.85 -2.75
CA LEU C 101 -5.39 -22.25 -1.66
C LEU C 101 -4.02 -22.91 -1.72
N LEU C 102 -2.99 -22.15 -2.09
CA LEU C 102 -1.67 -22.75 -2.29
C LEU C 102 -0.97 -22.96 -0.95
N GLU C 103 0.04 -23.85 -0.97
CA GLU C 103 0.86 -24.06 0.22
C GLU C 103 1.47 -22.76 0.70
N ASP C 104 1.82 -21.87 -0.23
CA ASP C 104 2.68 -20.73 0.02
C ASP C 104 1.91 -19.41 0.14
N GLY C 105 0.57 -19.47 0.24
CA GLY C 105 -0.27 -18.36 0.67
C GLY C 105 -1.19 -17.82 -0.40
N SER C 106 -0.72 -17.80 -1.65
CA SER C 106 -1.49 -17.26 -2.77
C SER C 106 -2.73 -18.12 -3.06
N THR C 107 -3.69 -17.51 -3.75
CA THR C 107 -4.94 -18.17 -4.12
C THR C 107 -5.15 -18.08 -5.63
N THR C 108 -5.85 -19.08 -6.18
CA THR C 108 -6.30 -19.04 -7.58
C THR C 108 -7.81 -19.15 -7.59
N GLY C 109 -8.39 -18.88 -8.76
CA GLY C 109 -9.83 -18.97 -8.95
C GLY C 109 -10.19 -19.06 -10.41
N PHE C 110 -11.14 -19.95 -10.78
CA PHE C 110 -11.43 -20.21 -12.18
C PHE C 110 -12.91 -20.48 -12.37
N LEU C 111 -13.37 -20.24 -13.58
CA LEU C 111 -14.78 -20.41 -13.90
C LEU C 111 -14.87 -20.57 -15.42
N GLN C 112 -15.22 -21.78 -15.88
CA GLN C 112 -15.05 -22.15 -17.26
C GLN C 112 -16.27 -22.92 -17.76
N TYR C 113 -16.47 -22.84 -19.08
CA TYR C 113 -17.56 -23.53 -19.76
C TYR C 113 -16.99 -24.26 -20.96
N ALA C 114 -17.62 -25.38 -21.32
CA ALA C 114 -17.24 -26.18 -22.49
C ALA C 114 -18.50 -26.68 -23.20
N TYR C 115 -18.37 -26.93 -24.50
CA TYR C 115 -19.46 -27.40 -25.35
C TYR C 115 -18.98 -28.58 -26.14
N ASP C 116 -19.65 -29.72 -25.99
CA ASP C 116 -19.16 -30.98 -26.54
C ASP C 116 -17.75 -31.26 -26.07
N GLY C 117 -17.47 -30.92 -24.81
CA GLY C 117 -16.20 -31.23 -24.20
C GLY C 117 -15.03 -30.43 -24.72
N GLN C 118 -15.28 -29.36 -25.46
CA GLN C 118 -14.25 -28.39 -25.85
C GLN C 118 -14.44 -27.06 -25.12
N ASP C 119 -13.34 -26.32 -24.99
CA ASP C 119 -13.32 -25.04 -24.30
C ASP C 119 -14.19 -24.02 -25.01
N PHE C 120 -15.12 -23.40 -24.27
CA PHE C 120 -16.09 -22.46 -24.82
C PHE C 120 -15.95 -21.06 -24.22
N LEU C 121 -15.95 -20.92 -22.90
CA LEU C 121 -15.85 -19.62 -22.27
C LEU C 121 -14.94 -19.70 -21.05
N ILE C 122 -13.94 -18.81 -20.95
CA ILE C 122 -13.07 -18.84 -19.79
C ILE C 122 -13.08 -17.46 -19.13
N PHE C 123 -13.55 -17.41 -17.89
CA PHE C 123 -13.62 -16.18 -17.12
C PHE C 123 -12.25 -15.77 -16.60
N ASN C 124 -11.98 -14.47 -16.63
CA ASN C 124 -10.74 -13.93 -16.04
C ASN C 124 -11.07 -12.95 -14.92
N LYS C 125 -11.06 -13.47 -13.68
CA LYS C 125 -11.45 -12.68 -12.51
C LYS C 125 -10.50 -11.52 -12.24
N ASP C 126 -9.39 -11.38 -12.97
CA ASP C 126 -8.50 -10.25 -12.70
C ASP C 126 -8.71 -9.07 -13.65
N THR C 127 -9.36 -9.28 -14.79
CA THR C 127 -9.78 -8.18 -15.66
C THR C 127 -11.30 -8.11 -15.83
N LEU C 128 -12.06 -8.88 -15.06
CA LEU C 128 -13.50 -9.02 -15.18
C LEU C 128 -13.98 -9.16 -16.63
N SER C 129 -13.40 -10.11 -17.35
CA SER C 129 -13.85 -10.32 -18.73
C SER C 129 -13.92 -11.82 -19.05
N TRP C 130 -14.67 -12.15 -20.11
CA TRP C 130 -14.86 -13.53 -20.56
C TRP C 130 -14.14 -13.75 -21.88
N LEU C 131 -13.29 -14.77 -21.95
CA LEU C 131 -12.61 -15.08 -23.18
C LEU C 131 -13.37 -16.17 -23.95
N ALA C 132 -13.72 -15.87 -25.21
CA ALA C 132 -14.53 -16.72 -26.07
C ALA C 132 -13.70 -17.32 -27.19
N VAL C 133 -13.96 -18.59 -27.51
CA VAL C 133 -13.19 -19.31 -28.53
C VAL C 133 -13.75 -19.20 -29.96
N ASP C 134 -14.96 -18.69 -30.16
CA ASP C 134 -15.51 -18.62 -31.50
C ASP C 134 -16.66 -17.63 -31.53
N ASN C 135 -17.27 -17.47 -32.72
CA ASN C 135 -18.29 -16.44 -32.89
C ASN C 135 -19.51 -16.67 -32.01
N VAL C 136 -19.85 -17.93 -31.76
CA VAL C 136 -21.01 -18.21 -30.92
C VAL C 136 -20.73 -17.82 -29.48
N ALA C 137 -19.56 -18.22 -28.97
CA ALA C 137 -19.15 -17.82 -27.63
C ALA C 137 -19.03 -16.31 -27.52
N HIS C 138 -18.52 -15.66 -28.57
CA HIS C 138 -18.44 -14.20 -28.50
C HIS C 138 -19.80 -13.58 -28.25
N THR C 139 -20.86 -14.17 -28.82
CA THR C 139 -22.20 -13.66 -28.58
C THR C 139 -22.59 -13.75 -27.10
N ILE C 140 -22.24 -14.86 -26.44
CA ILE C 140 -22.60 -15.07 -25.03
C ILE C 140 -21.81 -14.12 -24.15
N LYS C 141 -20.53 -14.00 -24.45
CA LYS C 141 -19.63 -12.98 -23.94
C LYS C 141 -20.24 -11.60 -23.82
N GLN C 142 -20.69 -11.05 -24.96
CA GLN C 142 -21.19 -9.69 -24.94
C GLN C 142 -22.36 -9.55 -24.01
N ALA C 143 -23.16 -10.59 -23.89
CA ALA C 143 -24.31 -10.54 -22.99
C ALA C 143 -23.87 -10.47 -21.54
N TRP C 144 -22.95 -11.36 -21.16
CA TRP C 144 -22.57 -11.51 -19.76
C TRP C 144 -21.83 -10.29 -19.25
N GLU C 145 -20.91 -9.77 -20.06
CA GLU C 145 -20.13 -8.58 -19.75
C GLU C 145 -20.97 -7.31 -19.68
N ALA C 146 -22.19 -7.34 -20.20
CA ALA C 146 -23.09 -6.21 -20.06
C ALA C 146 -23.73 -6.14 -18.67
N ASN C 147 -23.71 -7.23 -17.90
CA ASN C 147 -24.17 -7.20 -16.51
C ASN C 147 -22.95 -6.97 -15.64
N GLN C 148 -22.66 -5.69 -15.37
CA GLN C 148 -21.44 -5.36 -14.65
C GLN C 148 -21.46 -5.91 -13.23
N HIS C 149 -22.65 -5.99 -12.62
CA HIS C 149 -22.77 -6.47 -11.24
C HIS C 149 -22.45 -7.96 -11.11
N GLU C 150 -22.96 -8.82 -12.00
CA GLU C 150 -22.62 -10.23 -11.86
C GLU C 150 -21.12 -10.43 -11.99
N LEU C 151 -20.46 -9.70 -12.88
CA LEU C 151 -19.02 -9.84 -13.01
C LEU C 151 -18.34 -9.60 -11.66
N LEU C 152 -18.70 -8.50 -10.97
CA LEU C 152 -18.16 -8.26 -9.64
C LEU C 152 -18.55 -9.38 -8.67
N TYR C 153 -19.81 -9.84 -8.72
CA TYR C 153 -20.26 -10.94 -7.86
C TYR C 153 -19.44 -12.20 -8.08
N GLN C 154 -19.12 -12.52 -9.35
CA GLN C 154 -18.29 -13.69 -9.61
C GLN C 154 -16.91 -13.53 -9.00
N LYS C 155 -16.32 -12.34 -9.11
CA LYS C 155 -15.00 -12.10 -8.56
C LYS C 155 -15.01 -12.26 -7.05
N ASN C 156 -16.03 -11.71 -6.37
CA ASN C 156 -16.08 -11.85 -4.93
C ASN C 156 -16.21 -13.31 -4.51
N TRP C 157 -17.02 -14.09 -5.23
CA TRP C 157 -17.25 -15.48 -4.83
C TRP C 157 -15.99 -16.33 -4.98
N LEU C 158 -15.30 -16.20 -6.13
CA LEU C 158 -14.04 -16.91 -6.35
C LEU C 158 -12.96 -16.50 -5.36
N GLU C 159 -12.88 -15.20 -5.02
CA GLU C 159 -11.74 -14.75 -4.21
C GLU C 159 -11.97 -14.90 -2.72
N GLU C 160 -13.21 -14.76 -2.24
CA GLU C 160 -13.50 -14.82 -0.81
C GLU C 160 -14.36 -16.02 -0.45
N GLU C 161 -15.53 -16.15 -1.07
CA GLU C 161 -16.52 -17.14 -0.65
C GLU C 161 -16.02 -18.56 -0.88
N CYS C 162 -15.43 -18.81 -2.04
CA CYS C 162 -14.96 -20.16 -2.32
C CYS C 162 -13.79 -20.53 -1.42
N ILE C 163 -12.86 -19.59 -1.16
CA ILE C 163 -11.76 -19.84 -0.24
C ILE C 163 -12.28 -20.19 1.15
N ALA C 164 -13.28 -19.44 1.65
CA ALA C 164 -13.82 -19.74 2.97
C ALA C 164 -14.49 -21.12 3.02
N TRP C 165 -15.22 -21.50 1.96
CA TRP C 165 -15.79 -22.85 1.92
C TRP C 165 -14.68 -23.89 1.95
N LEU C 166 -13.62 -23.66 1.18
CA LEU C 166 -12.48 -24.58 1.13
C LEU C 166 -11.88 -24.78 2.52
N LYS C 167 -11.65 -23.68 3.24
CA LYS C 167 -11.11 -23.75 4.59
C LYS C 167 -12.06 -24.49 5.53
N ARG C 168 -13.37 -24.27 5.40
CA ARG C 168 -14.34 -24.99 6.20
C ARG C 168 -14.28 -26.49 5.94
N PHE C 169 -14.20 -26.90 4.66
CA PHE C 169 -14.20 -28.33 4.37
C PHE C 169 -12.90 -28.98 4.78
N LEU C 170 -11.77 -28.27 4.71
CA LEU C 170 -10.52 -28.85 5.20
C LEU C 170 -10.63 -29.17 6.68
N GLU C 171 -11.30 -28.30 7.44
CA GLU C 171 -11.41 -28.55 8.87
C GLU C 171 -12.24 -29.79 9.12
N TYR C 172 -13.40 -29.89 8.44
CA TYR C 172 -14.25 -31.07 8.55
C TYR C 172 -13.48 -32.35 8.21
N GLY C 173 -12.82 -32.37 7.06
CA GLY C 173 -12.19 -33.59 6.62
C GLY C 173 -10.71 -33.69 6.90
N LYS C 174 -10.22 -33.13 8.02
CA LYS C 174 -8.77 -32.95 8.14
C LYS C 174 -8.06 -34.28 8.37
N ASP C 175 -8.70 -35.22 9.08
CA ASP C 175 -8.04 -36.50 9.27
C ASP C 175 -7.85 -37.25 7.98
N THR C 176 -8.44 -36.81 6.87
CA THR C 176 -8.25 -37.44 5.58
C THR C 176 -7.36 -36.59 4.68
N LEU C 177 -7.66 -35.29 4.58
CA LEU C 177 -7.02 -34.42 3.58
C LEU C 177 -5.63 -33.95 3.97
N GLN C 178 -5.33 -33.88 5.27
CA GLN C 178 -4.05 -33.41 5.73
C GLN C 178 -3.16 -34.55 6.20
N ARG C 179 -3.66 -35.78 6.20
CA ARG C 179 -2.81 -36.91 6.51
C ARG C 179 -1.73 -37.07 5.44
N THR C 180 -0.64 -37.72 5.83
CA THR C 180 0.43 -37.98 4.89
C THR C 180 0.79 -39.44 5.00
N GLU C 181 1.02 -40.07 3.85
CA GLU C 181 1.27 -41.49 3.90
C GLU C 181 2.32 -41.81 2.84
N PRO C 182 3.55 -42.11 3.30
CA PRO C 182 4.72 -42.03 2.41
C PRO C 182 4.79 -43.20 1.44
N PRO C 183 5.54 -43.05 0.36
CA PRO C 183 5.55 -44.07 -0.71
C PRO C 183 6.45 -45.26 -0.41
N LEU C 184 6.07 -46.39 -0.97
CA LEU C 184 6.93 -47.57 -1.00
C LEU C 184 7.57 -47.63 -2.38
N VAL C 185 8.89 -47.51 -2.45
CA VAL C 185 9.59 -47.37 -3.72
C VAL C 185 10.58 -48.51 -3.92
N ARG C 186 10.53 -49.13 -5.09
CA ARG C 186 11.43 -50.20 -5.50
C ARG C 186 11.95 -49.89 -6.90
N VAL C 187 13.07 -50.51 -7.26
CA VAL C 187 13.65 -50.41 -8.59
C VAL C 187 13.79 -51.82 -9.17
N ASN C 188 13.22 -52.05 -10.35
CA ASN C 188 13.35 -53.33 -11.02
C ASN C 188 14.28 -53.18 -12.21
N ARG C 189 15.21 -54.12 -12.33
CA ARG C 189 16.15 -54.20 -13.43
C ARG C 189 15.92 -55.49 -14.21
N LYS C 190 16.03 -55.41 -15.53
CA LYS C 190 15.70 -56.56 -16.38
C LYS C 190 16.30 -56.34 -17.76
N GLU C 191 16.85 -57.40 -18.36
CA GLU C 191 17.27 -57.33 -19.77
C GLU C 191 16.06 -57.66 -20.64
N THR C 192 15.68 -56.71 -21.47
CA THR C 192 14.54 -56.81 -22.39
C THR C 192 15.05 -57.32 -23.74
N PHE C 193 14.51 -56.79 -24.83
CA PHE C 193 15.15 -57.02 -26.12
C PHE C 193 16.67 -57.08 -25.92
N PRO C 194 17.37 -58.06 -26.50
CA PRO C 194 18.78 -58.28 -26.13
C PRO C 194 19.64 -57.03 -26.33
N GLY C 195 20.47 -56.73 -25.32
CA GLY C 195 21.24 -55.50 -25.29
C GLY C 195 20.53 -54.32 -24.64
N VAL C 196 19.26 -54.44 -24.29
CA VAL C 196 18.49 -53.34 -23.72
C VAL C 196 18.10 -53.74 -22.31
N THR C 197 18.57 -52.99 -21.32
CA THR C 197 18.18 -53.15 -19.92
C THR C 197 17.18 -52.06 -19.59
N ALA C 198 15.97 -52.46 -19.21
CA ALA C 198 14.94 -51.52 -18.77
C ALA C 198 14.98 -51.41 -17.25
N LEU C 199 14.97 -50.17 -16.74
CA LEU C 199 14.92 -49.88 -15.32
C LEU C 199 13.61 -49.22 -14.98
N PHE C 200 12.92 -49.72 -13.94
CA PHE C 200 11.60 -49.23 -13.57
C PHE C 200 11.61 -48.76 -12.13
N CYS C 201 11.25 -47.51 -11.90
CA CYS C 201 11.12 -46.97 -10.56
C CYS C 201 9.64 -46.87 -10.25
N LYS C 202 9.18 -47.69 -9.29
CA LYS C 202 7.76 -47.88 -9.02
C LYS C 202 7.44 -47.49 -7.59
N ALA C 203 6.35 -46.74 -7.41
CA ALA C 203 5.87 -46.33 -6.09
C ALA C 203 4.41 -46.71 -5.92
N HIS C 204 4.06 -47.05 -4.68
CA HIS C 204 2.69 -47.30 -4.30
C HIS C 204 2.53 -47.02 -2.80
N GLY C 205 1.29 -46.82 -2.37
CA GLY C 205 0.98 -46.61 -0.96
C GLY C 205 0.94 -45.17 -0.49
N PHE C 206 1.08 -44.20 -1.38
CA PHE C 206 1.21 -42.81 -0.97
C PHE C 206 -0.10 -42.03 -1.06
N TYR C 207 -0.28 -41.10 -0.12
CA TYR C 207 -1.25 -40.03 -0.13
C TYR C 207 -0.56 -38.83 0.50
N PRO C 208 -0.75 -37.62 -0.04
CA PRO C 208 -1.58 -37.29 -1.21
C PRO C 208 -1.02 -37.79 -2.53
N PRO C 209 -1.87 -37.83 -3.56
CA PRO C 209 -1.43 -38.38 -4.86
C PRO C 209 -0.25 -37.67 -5.49
N GLU C 210 0.03 -36.41 -5.14
CA GLU C 210 1.10 -35.72 -5.85
C GLU C 210 2.46 -36.24 -5.40
N ILE C 211 3.32 -36.51 -6.37
CA ILE C 211 4.62 -37.12 -6.12
C ILE C 211 5.47 -36.77 -7.31
N TYR C 212 6.78 -36.65 -7.09
CA TYR C 212 7.72 -36.35 -8.15
C TYR C 212 8.73 -37.49 -8.26
N MET C 213 8.91 -37.99 -9.48
CA MET C 213 9.82 -39.08 -9.72
C MET C 213 10.65 -38.74 -10.95
N THR C 214 11.93 -39.08 -10.93
CA THR C 214 12.79 -38.83 -12.07
C THR C 214 14.03 -39.70 -11.94
N TRP C 215 14.73 -39.86 -13.04
CA TRP C 215 15.98 -40.62 -13.07
C TRP C 215 17.15 -39.69 -13.32
N MET C 216 18.24 -39.96 -12.64
CA MET C 216 19.45 -39.19 -12.79
C MET C 216 20.60 -40.10 -13.21
N LYS C 217 21.53 -39.55 -13.97
CA LYS C 217 22.77 -40.21 -14.34
C LYS C 217 23.92 -39.51 -13.64
N ASN C 218 24.82 -40.30 -13.03
CA ASN C 218 26.03 -39.78 -12.38
C ASN C 218 25.69 -38.72 -11.33
N GLY C 219 24.47 -38.74 -10.83
CA GLY C 219 24.07 -37.82 -9.79
C GLY C 219 23.89 -36.38 -10.20
N GLU C 220 24.06 -36.03 -11.48
CA GLU C 220 23.84 -34.65 -11.90
C GLU C 220 22.73 -34.51 -12.93
N GLU C 221 22.91 -35.04 -14.14
CA GLU C 221 21.97 -34.74 -15.21
C GLU C 221 20.84 -35.76 -15.16
N ILE C 222 19.83 -35.55 -16.00
CA ILE C 222 18.69 -36.46 -16.08
C ILE C 222 18.84 -37.32 -17.33
N VAL C 223 18.47 -38.60 -17.20
CA VAL C 223 18.36 -39.45 -18.38
C VAL C 223 17.40 -38.78 -19.35
N GLN C 224 17.76 -38.77 -20.64
CA GLN C 224 17.05 -37.91 -21.59
C GLN C 224 15.66 -38.46 -21.94
N GLU C 225 15.53 -39.78 -22.16
CA GLU C 225 14.25 -40.37 -22.56
C GLU C 225 13.68 -41.15 -21.38
N ILE C 226 12.69 -40.57 -20.69
CA ILE C 226 12.08 -41.17 -19.51
C ILE C 226 10.61 -41.38 -19.80
N ASP C 227 10.12 -42.60 -19.57
CA ASP C 227 8.69 -42.90 -19.70
C ASP C 227 8.04 -42.80 -18.32
N TYR C 228 6.91 -42.11 -18.25
CA TYR C 228 6.22 -41.84 -17.00
C TYR C 228 4.90 -42.59 -16.91
N GLY C 229 4.59 -43.11 -15.72
CA GLY C 229 3.33 -43.76 -15.46
C GLY C 229 2.34 -42.81 -14.80
N ASP C 230 1.09 -42.87 -15.23
CA ASP C 230 0.03 -42.13 -14.58
C ASP C 230 0.06 -42.38 -13.07
N ILE C 231 -0.27 -41.37 -12.30
CA ILE C 231 -0.55 -41.56 -10.89
C ILE C 231 -1.97 -42.12 -10.78
N LEU C 232 -2.11 -43.35 -10.27
CA LEU C 232 -3.38 -44.11 -10.36
C LEU C 232 -3.95 -44.44 -9.00
N PRO C 233 -5.27 -44.40 -8.83
CA PRO C 233 -5.88 -44.82 -7.55
C PRO C 233 -5.82 -46.33 -7.37
N SER C 234 -5.34 -46.75 -6.17
CA SER C 234 -5.26 -48.15 -5.80
C SER C 234 -6.56 -48.73 -5.23
N GLY C 235 -7.55 -47.90 -4.92
CA GLY C 235 -8.80 -48.35 -4.36
C GLY C 235 -8.90 -48.27 -2.85
N ASP C 236 -7.83 -47.94 -2.14
CA ASP C 236 -7.82 -47.89 -0.68
C ASP C 236 -7.45 -46.49 -0.17
N GLY C 237 -7.67 -45.46 -0.95
CA GLY C 237 -7.29 -44.12 -0.56
C GLY C 237 -5.85 -43.74 -0.81
N THR C 238 -5.01 -44.65 -1.30
CA THR C 238 -3.64 -44.31 -1.66
C THR C 238 -3.47 -44.43 -3.18
N TYR C 239 -2.27 -44.08 -3.66
CA TYR C 239 -1.99 -43.94 -5.08
C TYR C 239 -0.70 -44.67 -5.43
N GLN C 240 -0.40 -44.79 -6.73
CA GLN C 240 0.83 -45.44 -7.20
C GLN C 240 1.27 -44.82 -8.52
N ALA C 241 2.55 -45.01 -8.85
CA ALA C 241 3.06 -44.55 -10.15
C ALA C 241 4.47 -45.07 -10.36
N TRP C 242 5.08 -44.66 -11.48
CA TRP C 242 6.40 -45.18 -11.83
C TRP C 242 7.10 -44.24 -12.83
N ALA C 243 8.40 -44.49 -13.05
CA ALA C 243 9.14 -43.84 -14.13
C ALA C 243 10.18 -44.83 -14.66
N SER C 244 10.40 -44.83 -16.00
CA SER C 244 11.22 -45.85 -16.67
C SER C 244 12.30 -45.22 -17.54
N ILE C 245 13.47 -45.88 -17.59
CA ILE C 245 14.55 -45.54 -18.51
C ILE C 245 15.12 -46.81 -19.12
N GLU C 246 15.88 -46.63 -20.20
CA GLU C 246 16.54 -47.75 -20.88
C GLU C 246 18.04 -47.47 -20.93
N LEU C 247 18.85 -48.47 -20.59
CA LEU C 247 20.30 -48.24 -20.37
C LEU C 247 21.15 -49.00 -21.36
N ASN C 253 27.27 -44.30 -16.14
CA ASN C 253 27.57 -45.64 -15.70
C ASN C 253 26.95 -45.92 -14.31
N LEU C 254 26.30 -44.93 -13.70
CA LEU C 254 25.62 -45.11 -12.42
C LEU C 254 24.30 -44.35 -12.43
N TYR C 255 23.20 -45.06 -12.19
CA TYR C 255 21.86 -44.51 -12.32
C TYR C 255 21.18 -44.48 -10.96
N SER C 256 20.38 -43.43 -10.74
CA SER C 256 19.73 -43.19 -9.47
C SER C 256 18.27 -42.84 -9.74
N CYS C 257 17.35 -43.44 -8.98
CA CYS C 257 15.97 -42.96 -8.98
C CYS C 257 15.78 -41.95 -7.86
N HIS C 258 15.25 -40.77 -8.19
CA HIS C 258 14.95 -39.74 -7.21
C HIS C 258 13.45 -39.57 -7.06
N VAL C 259 12.96 -39.66 -5.81
CA VAL C 259 11.54 -39.54 -5.48
C VAL C 259 11.33 -38.47 -4.42
N GLU C 260 10.34 -37.61 -4.63
CA GLU C 260 9.98 -36.55 -3.71
C GLU C 260 8.49 -36.64 -3.39
N HIS C 261 8.14 -36.57 -2.10
CA HIS C 261 6.75 -36.64 -1.66
C HIS C 261 6.61 -35.93 -0.31
N SER C 262 5.63 -35.03 -0.20
CA SER C 262 5.35 -34.30 1.06
C SER C 262 6.61 -33.82 1.79
N GLY C 263 7.54 -33.24 1.06
CA GLY C 263 8.71 -32.72 1.75
C GLY C 263 9.76 -33.73 2.15
N VAL C 264 9.61 -35.00 1.78
CA VAL C 264 10.68 -35.98 1.99
C VAL C 264 11.22 -36.40 0.64
N HIS C 265 12.54 -36.39 0.52
CA HIS C 265 13.26 -36.72 -0.70
C HIS C 265 13.93 -38.07 -0.50
N MET C 266 13.81 -38.96 -1.51
CA MET C 266 14.36 -40.30 -1.45
CA MET C 266 14.35 -40.31 -1.46
C MET C 266 15.20 -40.58 -2.70
N VAL C 267 16.22 -41.44 -2.54
CA VAL C 267 17.16 -41.75 -3.61
C VAL C 267 17.52 -43.23 -3.59
N LEU C 268 17.49 -43.87 -4.76
CA LEU C 268 17.72 -45.32 -4.88
C LEU C 268 18.78 -45.58 -5.96
N GLN C 269 20.02 -45.84 -5.51
CA GLN C 269 21.08 -46.26 -6.42
C GLN C 269 20.76 -47.61 -7.04
N VAL C 270 20.97 -47.73 -8.34
CA VAL C 270 21.01 -49.06 -8.97
C VAL C 270 22.41 -49.64 -8.77
N PRO C 271 22.53 -50.88 -8.25
CA PRO C 271 23.83 -51.38 -7.79
C PRO C 271 24.72 -51.92 -8.91
N GLN D 3 -27.21 -14.63 12.58
CA GLN D 3 -27.09 -13.68 11.47
C GLN D 3 -27.92 -12.45 11.75
N ASN D 4 -27.32 -11.27 11.50
CA ASN D 4 -27.98 -10.01 11.88
C ASN D 4 -27.68 -8.86 10.94
N ILE D 5 -28.68 -8.05 10.64
CA ILE D 5 -28.51 -6.81 9.87
C ILE D 5 -29.12 -5.66 10.66
N ASP D 6 -28.32 -4.60 10.89
CA ASP D 6 -28.74 -3.46 11.71
C ASP D 6 -28.73 -2.17 10.91
N GLN D 7 -29.83 -1.44 10.97
CA GLN D 7 -29.95 -0.12 10.39
C GLN D 7 -30.86 0.68 11.30
N PRO D 8 -30.67 1.99 11.43
CA PRO D 8 -31.43 2.72 12.44
C PRO D 8 -32.92 2.73 12.12
N THR D 9 -33.73 2.78 13.17
CA THR D 9 -35.17 2.83 12.98
C THR D 9 -35.60 4.08 12.20
N GLU D 10 -35.19 5.26 12.66
CA GLU D 10 -35.72 6.47 12.10
C GLU D 10 -34.58 7.50 11.95
N MET D 11 -34.79 8.45 11.04
CA MET D 11 -33.73 9.37 10.68
C MET D 11 -34.32 10.57 9.96
N THR D 12 -33.85 11.78 10.37
CA THR D 12 -34.46 13.05 10.02
C THR D 12 -33.37 14.02 9.58
N ALA D 13 -33.58 14.67 8.46
CA ALA D 13 -32.67 15.67 7.92
C ALA D 13 -33.50 16.78 7.28
N THR D 14 -32.83 17.86 6.90
CA THR D 14 -33.48 19.02 6.31
C THR D 14 -33.39 18.96 4.78
N GLU D 15 -34.50 19.37 4.16
CA GLU D 15 -34.58 19.55 2.71
C GLU D 15 -33.39 20.32 2.16
N GLY D 16 -32.75 19.79 1.13
CA GLY D 16 -31.57 20.37 0.54
C GLY D 16 -30.25 19.85 1.09
N ALA D 17 -30.26 19.21 2.25
CA ALA D 17 -29.06 18.74 2.91
C ALA D 17 -28.70 17.31 2.48
N ILE D 18 -27.86 16.66 3.28
CA ILE D 18 -27.28 15.36 2.97
C ILE D 18 -27.61 14.43 4.14
N VAL D 19 -28.06 13.19 3.85
CA VAL D 19 -28.25 12.18 4.90
C VAL D 19 -27.57 10.89 4.49
N GLN D 20 -27.05 10.17 5.48
CA GLN D 20 -26.30 8.94 5.24
C GLN D 20 -26.91 7.84 6.09
N ILE D 21 -27.50 6.83 5.45
CA ILE D 21 -28.15 5.73 6.16
C ILE D 21 -27.17 4.55 6.22
N ASN D 22 -26.87 4.11 7.43
CA ASN D 22 -25.94 3.03 7.66
C ASN D 22 -26.66 1.69 7.76
N CYS D 23 -25.95 0.65 7.38
CA CYS D 23 -26.41 -0.72 7.56
C CYS D 23 -25.18 -1.55 7.91
N THR D 24 -25.13 -2.10 9.13
CA THR D 24 -24.09 -3.06 9.50
C THR D 24 -24.65 -4.48 9.52
N TYR D 25 -23.84 -5.45 9.10
CA TYR D 25 -24.29 -6.84 9.01
C TYR D 25 -23.27 -7.81 9.62
N GLN D 26 -23.73 -8.77 10.43
CA GLN D 26 -22.94 -9.98 10.70
C GLN D 26 -23.64 -11.13 9.97
N THR D 27 -23.01 -11.65 8.93
CA THR D 27 -23.51 -12.85 8.27
C THR D 27 -22.38 -13.85 8.11
N SER D 28 -22.76 -15.09 7.86
CA SER D 28 -21.81 -16.15 7.53
C SER D 28 -21.80 -16.28 6.02
N GLY D 29 -20.74 -15.79 5.41
CA GLY D 29 -20.80 -15.63 3.97
C GLY D 29 -21.41 -14.30 3.58
N PHE D 30 -21.00 -13.81 2.41
CA PHE D 30 -21.48 -12.53 1.92
C PHE D 30 -21.46 -12.54 0.40
N ASN D 31 -22.62 -12.35 -0.22
CA ASN D 31 -22.67 -12.37 -1.68
C ASN D 31 -23.34 -11.12 -2.22
N GLY D 32 -23.21 -10.00 -1.50
CA GLY D 32 -23.73 -8.74 -1.96
C GLY D 32 -24.69 -8.08 -0.99
N LEU D 33 -24.75 -6.74 -1.05
CA LEU D 33 -25.66 -5.95 -0.23
C LEU D 33 -26.58 -5.14 -1.15
N PHE D 34 -27.88 -5.14 -0.85
CA PHE D 34 -28.90 -4.45 -1.63
C PHE D 34 -29.56 -3.37 -0.79
N TRP D 35 -29.89 -2.24 -1.43
CA TRP D 35 -30.70 -1.19 -0.83
C TRP D 35 -31.96 -1.07 -1.66
N TYR D 36 -33.10 -0.99 -0.99
CA TYR D 36 -34.41 -0.87 -1.61
C TYR D 36 -35.13 0.35 -1.03
N GLN D 37 -36.03 0.92 -1.81
CA GLN D 37 -36.82 2.06 -1.38
C GLN D 37 -38.29 1.66 -1.30
N GLN D 38 -38.99 2.14 -0.27
CA GLN D 38 -40.41 1.85 -0.10
C GLN D 38 -41.13 3.08 0.46
N HIS D 39 -41.82 3.80 -0.42
CA HIS D 39 -42.79 4.81 -0.03
C HIS D 39 -43.97 4.22 0.73
N ALA D 40 -44.54 5.02 1.62
CA ALA D 40 -45.66 4.57 2.45
C ALA D 40 -46.80 4.06 1.58
N GLY D 41 -47.20 2.81 1.81
CA GLY D 41 -48.28 2.19 1.07
C GLY D 41 -47.85 1.47 -0.18
N GLU D 42 -46.69 1.80 -0.73
CA GLU D 42 -46.22 1.23 -1.97
C GLU D 42 -45.41 -0.04 -1.70
N ALA D 43 -44.89 -0.64 -2.78
CA ALA D 43 -43.99 -1.78 -2.74
C ALA D 43 -42.53 -1.30 -2.82
N PRO D 44 -41.58 -2.10 -2.34
CA PRO D 44 -40.17 -1.72 -2.46
C PRO D 44 -39.70 -1.87 -3.90
N THR D 45 -38.89 -0.92 -4.36
CA THR D 45 -38.19 -1.04 -5.62
C THR D 45 -36.69 -1.00 -5.35
N PHE D 46 -35.92 -1.32 -6.35
CA PHE D 46 -34.49 -1.50 -6.18
C PHE D 46 -33.76 -0.17 -6.32
N LEU D 47 -32.77 0.08 -5.45
CA LEU D 47 -31.89 1.21 -5.61
C LEU D 47 -30.49 0.80 -6.03
N SER D 48 -29.91 -0.17 -5.34
CA SER D 48 -28.48 -0.35 -5.47
C SER D 48 -28.10 -1.76 -5.08
N TYR D 49 -26.94 -2.19 -5.58
CA TYR D 49 -26.30 -3.44 -5.18
C TYR D 49 -24.81 -3.17 -5.11
N ASN D 50 -24.18 -3.62 -4.03
CA ASN D 50 -22.74 -3.56 -3.84
C ASN D 50 -22.26 -4.94 -3.43
N VAL D 51 -21.15 -5.42 -4.03
CA VAL D 51 -20.52 -6.64 -3.56
C VAL D 51 -19.01 -6.49 -3.32
N LEU D 52 -18.36 -5.57 -4.04
CA LEU D 52 -16.95 -5.23 -3.83
C LEU D 52 -16.82 -3.83 -3.22
N ASP D 53 -15.65 -3.55 -2.63
CA ASP D 53 -15.43 -2.27 -1.94
C ASP D 53 -15.43 -1.10 -2.91
N GLY D 54 -16.02 0.01 -2.48
CA GLY D 54 -16.19 1.18 -3.31
C GLY D 54 -17.51 1.91 -3.15
N LEU D 55 -17.64 3.00 -3.89
CA LEU D 55 -18.82 3.85 -3.90
C LEU D 55 -19.41 3.86 -5.30
N GLU D 56 -20.70 3.57 -5.41
CA GLU D 56 -21.42 3.63 -6.68
C GLU D 56 -22.48 4.72 -6.59
N GLU D 57 -22.48 5.63 -7.56
CA GLU D 57 -23.36 6.79 -7.55
C GLU D 57 -24.37 6.68 -8.69
N LYS D 58 -25.65 6.88 -8.36
CA LYS D 58 -26.76 6.96 -9.31
C LYS D 58 -27.49 8.29 -9.03
N GLY D 59 -27.21 9.31 -9.82
CA GLY D 59 -27.82 10.61 -9.56
C GLY D 59 -27.49 11.14 -8.18
N ARG D 60 -28.51 11.67 -7.51
CA ARG D 60 -28.37 12.13 -6.14
C ARG D 60 -28.12 10.98 -5.15
N PHE D 61 -28.26 9.71 -5.55
CA PHE D 61 -28.05 8.58 -4.65
C PHE D 61 -26.71 7.89 -4.92
N SER D 62 -26.05 7.48 -3.85
CA SER D 62 -24.78 6.80 -3.87
C SER D 62 -24.85 5.67 -2.86
N SER D 63 -24.08 4.61 -3.07
CA SER D 63 -24.01 3.59 -2.04
C SER D 63 -22.62 2.99 -2.00
N PHE D 64 -22.23 2.64 -0.78
CA PHE D 64 -20.85 2.43 -0.39
C PHE D 64 -20.77 1.10 0.31
N LEU D 65 -19.64 0.42 0.16
CA LEU D 65 -19.43 -0.83 0.86
C LEU D 65 -18.01 -0.93 1.38
N SER D 66 -17.90 -1.51 2.58
CA SER D 66 -16.63 -1.94 3.15
C SER D 66 -16.82 -3.39 3.60
N ARG D 67 -16.21 -4.35 2.89
CA ARG D 67 -16.35 -5.73 3.34
C ARG D 67 -15.50 -5.99 4.58
N SER D 68 -14.42 -5.24 4.75
CA SER D 68 -13.56 -5.42 5.91
C SER D 68 -14.28 -5.03 7.20
N LYS D 69 -14.94 -3.87 7.19
CA LYS D 69 -15.69 -3.37 8.35
C LYS D 69 -17.17 -3.79 8.35
N GLY D 70 -17.61 -4.60 7.39
CA GLY D 70 -18.95 -5.14 7.42
C GLY D 70 -20.05 -4.09 7.48
N TYR D 71 -20.02 -3.15 6.55
CA TYR D 71 -20.77 -1.91 6.68
C TYR D 71 -21.10 -1.38 5.30
N SER D 72 -22.34 -0.95 5.11
CA SER D 72 -22.73 -0.19 3.94
C SER D 72 -23.44 1.09 4.38
N TYR D 73 -23.52 2.05 3.47
CA TYR D 73 -24.43 3.15 3.66
C TYR D 73 -24.99 3.57 2.31
N LEU D 74 -26.25 3.97 2.35
CA LEU D 74 -26.86 4.72 1.28
C LEU D 74 -26.70 6.21 1.60
N LEU D 75 -26.28 6.98 0.62
CA LEU D 75 -26.08 8.42 0.77
C LEU D 75 -27.03 9.15 -0.16
N LEU D 76 -27.79 10.11 0.37
CA LEU D 76 -28.68 10.92 -0.44
C LEU D 76 -28.23 12.39 -0.37
N LYS D 77 -27.93 13.00 -1.50
CA LYS D 77 -27.50 14.40 -1.55
C LYS D 77 -28.65 15.25 -2.06
N GLU D 78 -28.71 16.54 -1.68
CA GLU D 78 -29.72 17.39 -2.31
C GLU D 78 -31.16 16.92 -2.05
N LEU D 79 -31.46 16.72 -0.77
CA LEU D 79 -32.70 16.10 -0.33
C LEU D 79 -33.95 16.86 -0.80
N GLN D 80 -34.94 16.10 -1.27
CA GLN D 80 -36.25 16.65 -1.58
C GLN D 80 -37.28 16.02 -0.66
N MET D 81 -38.40 16.72 -0.42
CA MET D 81 -39.50 16.07 0.29
C MET D 81 -39.79 14.72 -0.34
N LYS D 82 -39.76 14.64 -1.67
CA LYS D 82 -40.13 13.38 -2.27
C LYS D 82 -39.23 12.24 -1.82
N ASP D 83 -38.12 12.51 -1.12
CA ASP D 83 -37.25 11.44 -0.64
C ASP D 83 -37.77 10.76 0.62
N SER D 84 -38.86 11.26 1.19
CA SER D 84 -39.47 10.66 2.37
C SER D 84 -39.89 9.23 2.08
N ALA D 85 -39.30 8.24 2.76
CA ALA D 85 -39.62 6.84 2.48
C ALA D 85 -38.94 5.98 3.54
N SER D 86 -39.18 4.68 3.49
CA SER D 86 -38.30 3.76 4.17
C SER D 86 -37.24 3.24 3.21
N TYR D 87 -36.12 2.82 3.78
CA TYR D 87 -34.96 2.38 3.03
C TYR D 87 -34.58 1.07 3.69
N LEU D 88 -34.52 0.02 2.87
CA LEU D 88 -34.41 -1.36 3.36
C LEU D 88 -33.10 -1.87 2.82
N CYS D 89 -32.24 -2.34 3.73
CA CYS D 89 -30.96 -2.94 3.37
CA CYS D 89 -30.98 -2.94 3.33
C CYS D 89 -31.05 -4.46 3.53
N ALA D 90 -30.52 -5.19 2.55
CA ALA D 90 -30.62 -6.64 2.62
C ALA D 90 -29.29 -7.23 2.19
N VAL D 91 -28.79 -8.18 2.96
CA VAL D 91 -27.56 -8.87 2.57
C VAL D 91 -27.92 -10.25 2.01
N LYS D 92 -27.12 -10.73 1.08
CA LYS D 92 -27.24 -12.09 0.57
C LYS D 92 -26.15 -12.95 1.19
N ASP D 93 -26.54 -13.96 1.98
CA ASP D 93 -25.62 -14.72 2.80
C ASP D 93 -24.95 -15.83 1.99
N SER D 94 -24.19 -16.70 2.66
CA SER D 94 -23.40 -17.71 1.96
CA SER D 94 -23.41 -17.73 1.98
C SER D 94 -24.27 -18.73 1.23
N ASN D 95 -25.56 -18.80 1.52
CA ASN D 95 -26.46 -19.72 0.84
C ASN D 95 -27.44 -19.00 -0.08
N TYR D 96 -27.18 -17.73 -0.36
CA TYR D 96 -27.94 -16.90 -1.28
C TYR D 96 -29.31 -16.49 -0.75
N GLN D 97 -29.60 -16.73 0.52
CA GLN D 97 -30.80 -16.16 1.12
C GLN D 97 -30.59 -14.67 1.44
N LEU D 98 -31.67 -13.91 1.35
CA LEU D 98 -31.67 -12.51 1.76
C LEU D 98 -32.03 -12.39 3.24
N ILE D 99 -31.20 -11.66 3.97
CA ILE D 99 -31.51 -11.24 5.34
C ILE D 99 -31.95 -9.78 5.27
N TRP D 100 -33.15 -9.46 5.72
CA TRP D 100 -33.66 -8.12 5.57
C TRP D 100 -33.52 -7.35 6.87
N GLY D 101 -32.90 -6.17 6.80
CA GLY D 101 -32.97 -5.25 7.92
C GLY D 101 -34.38 -4.76 8.14
N ALA D 102 -34.64 -4.21 9.33
CA ALA D 102 -35.99 -3.80 9.72
C ALA D 102 -36.50 -2.57 8.97
N GLY D 103 -35.63 -1.86 8.26
CA GLY D 103 -35.97 -0.64 7.54
C GLY D 103 -35.62 0.62 8.32
N THR D 104 -35.31 1.70 7.57
CA THR D 104 -35.08 3.05 8.09
C THR D 104 -36.09 4.02 7.47
N LYS D 105 -37.01 4.55 8.29
CA LYS D 105 -37.87 5.64 7.86
C LYS D 105 -37.08 6.98 7.84
N LEU D 106 -37.16 7.71 6.72
CA LEU D 106 -36.45 8.97 6.54
C LEU D 106 -37.48 10.09 6.44
N ILE D 107 -37.38 11.04 7.34
CA ILE D 107 -38.27 12.19 7.42
C ILE D 107 -37.46 13.41 7.00
N ILE D 108 -38.03 14.21 6.13
CA ILE D 108 -37.33 15.36 5.60
C ILE D 108 -38.05 16.61 6.08
N LYS D 109 -37.49 17.28 7.07
CA LYS D 109 -38.03 18.56 7.54
C LYS D 109 -37.99 19.56 6.38
N PRO D 110 -39.12 20.14 6.00
CA PRO D 110 -39.07 21.22 4.99
C PRO D 110 -38.44 22.49 5.56
N ASP D 111 -37.84 23.29 4.67
CA ASP D 111 -37.24 24.55 5.10
C ASP D 111 -38.28 25.66 5.02
N ILE D 112 -38.91 25.97 6.15
CA ILE D 112 -39.98 26.98 6.18
C ILE D 112 -39.33 28.36 6.21
N GLN D 113 -39.56 29.13 5.16
CA GLN D 113 -38.78 30.34 4.94
C GLN D 113 -39.30 31.51 5.78
N ASN D 114 -40.63 31.70 5.83
CA ASN D 114 -41.25 32.77 6.61
C ASN D 114 -42.27 32.15 7.56
N PRO D 115 -41.84 31.69 8.74
CA PRO D 115 -42.79 31.10 9.68
C PRO D 115 -43.91 32.09 10.03
N ASP D 116 -45.07 31.54 10.41
CA ASP D 116 -46.24 32.37 10.73
C ASP D 116 -47.23 31.60 11.58
N PRO D 117 -46.82 31.11 12.75
CA PRO D 117 -47.69 30.21 13.53
C PRO D 117 -49.04 30.84 13.88
N ALA D 118 -50.08 30.00 13.85
CA ALA D 118 -51.46 30.40 14.06
C ALA D 118 -52.33 29.16 14.23
N VAL D 119 -53.52 29.37 14.80
CA VAL D 119 -54.45 28.28 15.08
C VAL D 119 -55.85 28.71 14.67
N TYR D 120 -56.33 28.25 13.53
CA TYR D 120 -57.64 28.66 13.06
C TYR D 120 -58.68 27.62 13.42
N GLN D 121 -59.94 28.05 13.46
CA GLN D 121 -61.05 27.15 13.74
C GLN D 121 -61.97 27.13 12.53
N LEU D 122 -62.41 25.93 12.14
CA LEU D 122 -63.09 25.73 10.88
C LEU D 122 -64.50 25.21 11.16
N ARG D 123 -65.49 25.73 10.46
CA ARG D 123 -66.85 25.27 10.61
C ARG D 123 -67.14 24.10 9.67
N ASP D 124 -68.05 23.23 10.09
CA ASP D 124 -68.54 22.18 9.20
C ASP D 124 -69.16 22.81 7.94
N SER D 125 -68.88 22.20 6.77
CA SER D 125 -69.62 22.60 5.56
C SER D 125 -71.14 22.13 5.59
N LYS D 126 -71.64 21.55 6.69
CA LYS D 126 -73.04 21.13 6.83
C LYS D 126 -73.65 21.64 8.13
N SER D 131 -66.59 20.92 15.40
CA SER D 131 -65.62 21.62 14.56
C SER D 131 -64.18 21.13 14.85
N VAL D 132 -63.21 21.56 13.99
CA VAL D 132 -61.81 21.17 14.11
C VAL D 132 -60.95 22.42 14.30
N CYS D 133 -59.73 22.21 14.83
CA CYS D 133 -58.73 23.25 15.05
C CYS D 133 -57.51 23.01 14.17
N LEU D 134 -57.05 24.05 13.48
CA LEU D 134 -55.90 23.97 12.57
C LEU D 134 -54.73 24.74 13.20
N PHE D 135 -53.68 24.00 13.60
CA PHE D 135 -52.39 24.58 13.94
C PHE D 135 -51.50 24.48 12.70
N THR D 136 -51.02 25.62 12.22
CA THR D 136 -50.43 25.74 10.90
C THR D 136 -49.38 26.84 10.87
N ASP D 137 -48.55 26.79 9.82
CA ASP D 137 -47.64 27.86 9.41
C ASP D 137 -46.49 28.04 10.39
N PHE D 138 -46.23 27.05 11.24
CA PHE D 138 -45.07 27.09 12.11
C PHE D 138 -43.87 26.47 11.40
N ASP D 139 -42.68 26.75 11.91
CA ASP D 139 -41.44 26.30 11.31
C ASP D 139 -41.19 24.84 11.68
N SER D 140 -40.29 24.21 10.93
CA SER D 140 -40.12 22.76 11.06
C SER D 140 -39.54 22.36 12.41
N GLN D 141 -39.05 23.30 13.20
CA GLN D 141 -38.48 22.96 14.49
C GLN D 141 -39.53 22.77 15.58
N THR D 142 -40.82 22.90 15.27
CA THR D 142 -41.86 22.60 16.25
C THR D 142 -42.24 21.13 16.20
N ASN D 143 -42.42 20.54 17.39
CA ASN D 143 -42.91 19.19 17.53
C ASN D 143 -44.26 19.22 18.25
N VAL D 144 -45.22 18.46 17.72
CA VAL D 144 -46.59 18.40 18.24
C VAL D 144 -46.75 17.19 19.14
N SER D 145 -47.19 17.42 20.37
CA SER D 145 -47.41 16.34 21.34
C SER D 145 -48.81 15.77 21.17
N GLN D 146 -48.92 14.46 21.37
CA GLN D 146 -50.18 13.76 21.21
C GLN D 146 -51.22 14.26 22.21
N SER D 147 -52.46 13.83 22.02
CA SER D 147 -53.53 14.19 22.93
C SER D 147 -53.36 13.49 24.29
N LYS D 148 -53.43 14.26 25.37
CA LYS D 148 -53.51 13.64 26.68
C LYS D 148 -54.90 13.06 26.90
N ASP D 149 -55.90 13.93 26.91
CA ASP D 149 -57.28 13.52 27.10
C ASP D 149 -57.75 12.61 25.95
N SER D 150 -58.59 11.62 26.29
CA SER D 150 -59.23 10.76 25.32
C SER D 150 -60.59 11.35 24.90
N ASP D 151 -61.06 10.97 23.72
CA ASP D 151 -62.13 11.71 23.04
C ASP D 151 -61.65 13.09 22.61
N VAL D 152 -60.35 13.38 22.74
CA VAL D 152 -59.70 14.55 22.16
C VAL D 152 -58.57 14.04 21.28
N TYR D 153 -58.59 14.40 20.01
CA TYR D 153 -57.74 13.77 18.99
C TYR D 153 -56.85 14.80 18.33
N ILE D 154 -55.53 14.51 18.28
CA ILE D 154 -54.55 15.39 17.66
C ILE D 154 -53.63 14.58 16.77
N THR D 155 -53.58 14.92 15.50
CA THR D 155 -52.76 14.26 14.51
C THR D 155 -51.34 14.82 14.50
N ASP D 156 -50.40 14.03 14.00
CA ASP D 156 -49.04 14.52 13.83
C ASP D 156 -48.98 15.53 12.69
N LYS D 157 -47.92 16.35 12.70
CA LYS D 157 -47.79 17.40 11.71
C LYS D 157 -47.61 16.81 10.32
N CYS D 158 -48.01 17.58 9.31
CA CYS D 158 -47.99 17.12 7.91
C CYS D 158 -47.51 18.28 7.05
N VAL D 159 -46.89 18.01 5.90
CA VAL D 159 -46.32 19.03 5.02
C VAL D 159 -47.03 19.05 3.68
N LEU D 160 -47.44 20.24 3.24
CA LEU D 160 -48.04 20.43 1.93
C LEU D 160 -47.22 21.39 1.07
N ASP D 161 -47.27 21.20 -0.24
CA ASP D 161 -46.58 22.07 -1.20
C ASP D 161 -47.60 22.62 -2.19
N MET D 162 -47.69 23.93 -2.32
CA MET D 162 -48.61 24.52 -3.28
C MET D 162 -47.81 24.88 -4.52
N ARG D 163 -47.54 23.87 -5.35
CA ARG D 163 -46.49 23.95 -6.38
C ARG D 163 -46.66 25.15 -7.32
N SER D 164 -47.90 25.61 -7.56
CA SER D 164 -48.08 26.81 -8.37
C SER D 164 -47.47 28.06 -7.72
N MET D 165 -46.87 27.90 -6.54
CA MET D 165 -46.07 28.92 -5.89
C MET D 165 -44.82 28.22 -5.38
N ASP D 166 -44.07 28.88 -4.50
CA ASP D 166 -42.92 28.24 -3.85
C ASP D 166 -43.20 27.96 -2.39
N PHE D 167 -44.47 27.70 -2.05
CA PHE D 167 -44.89 27.64 -0.67
C PHE D 167 -45.03 26.18 -0.22
N LYS D 168 -44.25 25.81 0.79
CA LYS D 168 -44.47 24.61 1.59
C LYS D 168 -44.99 25.06 2.95
N SER D 169 -45.58 24.12 3.69
CA SER D 169 -46.39 24.49 4.84
C SER D 169 -46.52 23.30 5.77
N ASN D 170 -46.50 23.57 7.08
CA ASN D 170 -46.76 22.56 8.10
C ASN D 170 -48.19 22.72 8.61
N SER D 171 -48.62 21.74 9.40
CA SER D 171 -49.98 21.74 9.94
C SER D 171 -50.24 20.53 10.83
N ALA D 172 -51.14 20.69 11.78
CA ALA D 172 -51.63 19.59 12.59
C ALA D 172 -53.07 19.90 12.96
N VAL D 173 -53.87 18.83 13.16
CA VAL D 173 -55.31 19.01 13.37
C VAL D 173 -55.68 18.45 14.74
N ALA D 174 -56.67 19.08 15.38
CA ALA D 174 -57.23 18.64 16.67
C ALA D 174 -58.74 18.75 16.66
N TRP D 175 -59.42 17.77 17.25
CA TRP D 175 -60.88 17.84 17.28
C TRP D 175 -61.41 17.09 18.50
N SER D 176 -62.65 17.40 18.89
CA SER D 176 -63.32 16.74 19.99
C SER D 176 -64.78 17.21 20.02
N ASN D 177 -65.48 16.87 21.11
CA ASN D 177 -66.86 17.33 21.37
C ASN D 177 -67.13 17.51 22.87
N ASP D 180 -66.52 22.34 26.03
CA ASP D 180 -65.39 21.97 26.88
C ASP D 180 -64.05 21.93 26.13
N PHE D 181 -64.08 22.12 24.81
CA PHE D 181 -62.88 22.08 23.97
C PHE D 181 -62.84 23.33 23.11
N ALA D 182 -61.86 24.19 23.35
CA ALA D 182 -61.64 25.38 22.54
C ALA D 182 -60.30 25.27 21.81
N CYS D 183 -60.20 25.97 20.69
CA CYS D 183 -58.93 25.97 19.97
C CYS D 183 -57.82 26.57 20.81
N ALA D 184 -58.15 27.54 21.67
CA ALA D 184 -57.17 28.20 22.51
C ALA D 184 -56.57 27.29 23.58
N ASN D 185 -57.16 26.12 23.84
CA ASN D 185 -56.60 25.15 24.77
C ASN D 185 -56.24 23.84 24.08
N ALA D 186 -56.37 23.78 22.74
CA ALA D 186 -56.30 22.51 22.03
C ALA D 186 -54.90 21.92 22.05
N PHE D 187 -53.87 22.75 21.84
CA PHE D 187 -52.50 22.25 21.69
C PHE D 187 -51.66 22.50 22.94
N ASN D 188 -52.29 22.51 24.11
CA ASN D 188 -51.60 22.78 25.36
C ASN D 188 -50.68 21.64 25.79
N ASN D 189 -50.78 20.45 25.19
CA ASN D 189 -49.84 19.39 25.50
C ASN D 189 -48.51 19.58 24.77
N SER D 190 -48.48 20.42 23.74
CA SER D 190 -47.28 20.68 22.95
C SER D 190 -46.75 22.08 23.28
N ILE D 191 -45.52 22.35 22.84
CA ILE D 191 -44.85 23.62 23.11
C ILE D 191 -44.94 24.47 21.85
N ILE D 192 -45.89 25.42 21.84
CA ILE D 192 -46.20 26.26 20.68
C ILE D 192 -45.29 27.49 20.67
N PRO D 193 -45.02 28.08 19.51
CA PRO D 193 -44.16 29.28 19.47
C PRO D 193 -44.77 30.46 20.22
N GLU D 194 -43.91 31.28 20.83
CA GLU D 194 -44.38 32.40 21.65
C GLU D 194 -45.32 33.32 20.88
N ASP D 195 -45.06 33.53 19.59
CA ASP D 195 -45.78 34.50 18.77
C ASP D 195 -47.01 33.91 18.08
N THR D 196 -47.56 32.82 18.60
CA THR D 196 -48.54 32.06 17.81
C THR D 196 -49.86 32.86 17.75
N PHE D 197 -50.26 33.23 16.54
CA PHE D 197 -51.47 34.03 16.31
C PHE D 197 -52.72 33.21 16.65
N PHE D 198 -53.39 33.56 17.77
CA PHE D 198 -54.70 33.01 18.14
C PHE D 198 -55.79 34.02 17.78
N PRO D 199 -56.50 33.84 16.68
CA PRO D 199 -57.57 34.79 16.34
C PRO D 199 -58.80 34.63 17.24
N SER D 200 -59.38 35.76 17.65
CA SER D 200 -60.57 35.78 18.51
C SER D 200 -61.86 35.54 17.72
N ALA E 3 -47.16 -2.57 -14.89
CA ALA E 3 -46.19 -3.24 -14.02
C ALA E 3 -46.02 -4.72 -14.44
N GLY E 4 -44.97 -5.37 -13.91
CA GLY E 4 -44.62 -6.72 -14.32
C GLY E 4 -44.95 -7.83 -13.34
N VAL E 5 -45.18 -7.49 -12.08
CA VAL E 5 -45.65 -8.44 -11.08
C VAL E 5 -47.00 -7.94 -10.60
N THR E 6 -48.04 -8.73 -10.85
CA THR E 6 -49.41 -8.40 -10.50
C THR E 6 -49.87 -9.38 -9.45
N GLN E 7 -50.37 -8.87 -8.33
CA GLN E 7 -50.92 -9.71 -7.28
C GLN E 7 -52.27 -9.14 -6.87
N THR E 8 -53.07 -10.00 -6.24
CA THR E 8 -54.46 -9.72 -5.93
C THR E 8 -54.91 -10.57 -4.76
N PRO E 9 -55.81 -10.06 -3.91
CA PRO E 9 -56.40 -8.71 -3.91
C PRO E 9 -55.54 -7.59 -3.24
N LYS E 10 -55.84 -6.32 -3.55
CA LYS E 10 -55.17 -5.23 -2.85
C LYS E 10 -55.53 -5.20 -1.35
N PHE E 11 -56.81 -5.45 -1.01
CA PHE E 11 -57.31 -5.54 0.36
C PHE E 11 -58.29 -6.71 0.45
N GLN E 12 -58.49 -7.22 1.67
CA GLN E 12 -59.38 -8.34 1.95
C GLN E 12 -59.59 -8.43 3.45
N VAL E 13 -60.83 -8.71 3.86
CA VAL E 13 -61.20 -8.94 5.25
C VAL E 13 -61.56 -10.41 5.40
N LEU E 14 -61.17 -11.01 6.52
CA LEU E 14 -61.43 -12.42 6.72
C LEU E 14 -61.94 -12.68 8.13
N LYS E 15 -62.97 -13.53 8.23
CA LYS E 15 -63.38 -14.14 9.49
C LYS E 15 -62.40 -15.25 9.86
N THR E 16 -62.22 -15.46 11.17
CA THR E 16 -61.26 -16.47 11.61
C THR E 16 -61.68 -17.85 11.12
N GLY E 17 -60.71 -18.61 10.61
CA GLY E 17 -60.95 -19.95 10.12
C GLY E 17 -61.40 -20.05 8.68
N GLN E 18 -61.66 -18.92 8.01
CA GLN E 18 -61.93 -18.92 6.59
C GLN E 18 -60.64 -19.21 5.83
N SER E 19 -60.78 -19.78 4.65
CA SER E 19 -59.68 -19.96 3.72
C SER E 19 -59.59 -18.72 2.81
N MET E 20 -58.44 -18.58 2.16
CA MET E 20 -58.11 -17.48 1.27
C MET E 20 -57.04 -17.98 0.31
N THR E 21 -57.08 -17.52 -0.94
CA THR E 21 -55.91 -17.65 -1.79
C THR E 21 -55.47 -16.29 -2.32
N LEU E 22 -54.16 -16.04 -2.31
CA LEU E 22 -53.58 -14.84 -2.91
C LEU E 22 -52.92 -15.21 -4.23
N GLN E 23 -53.07 -14.36 -5.23
CA GLN E 23 -52.60 -14.67 -6.57
C GLN E 23 -51.56 -13.67 -7.04
N CYS E 24 -50.57 -14.18 -7.76
CA CYS E 24 -49.40 -13.42 -8.21
C CYS E 24 -48.96 -13.97 -9.55
N ALA E 25 -48.91 -13.13 -10.57
CA ALA E 25 -48.44 -13.52 -11.90
C ALA E 25 -47.41 -12.52 -12.36
N GLN E 26 -46.32 -13.00 -12.96
CA GLN E 26 -45.26 -12.16 -13.50
C GLN E 26 -45.04 -12.53 -14.95
N ASP E 27 -45.01 -11.53 -15.84
CA ASP E 27 -44.84 -11.77 -17.28
C ASP E 27 -43.45 -11.38 -17.77
N MET E 28 -42.45 -11.58 -16.91
CA MET E 28 -41.08 -11.20 -17.19
C MET E 28 -40.19 -12.40 -17.46
N ASN E 29 -40.78 -13.60 -17.49
CA ASN E 29 -40.09 -14.87 -17.77
C ASN E 29 -39.06 -15.21 -16.70
N HIS E 30 -39.27 -14.72 -15.49
CA HIS E 30 -38.41 -15.05 -14.35
C HIS E 30 -38.66 -16.45 -13.87
N ASN E 31 -37.61 -17.05 -13.31
CA ASN E 31 -37.71 -18.41 -12.81
C ASN E 31 -38.00 -18.48 -11.32
N SER E 32 -37.56 -17.50 -10.53
CA SER E 32 -37.76 -17.54 -9.10
C SER E 32 -38.91 -16.66 -8.70
N MET E 33 -39.66 -17.07 -7.68
CA MET E 33 -40.74 -16.27 -7.11
C MET E 33 -40.82 -16.49 -5.61
N TYR E 34 -41.32 -15.48 -4.91
CA TYR E 34 -41.20 -15.37 -3.48
C TYR E 34 -42.53 -14.91 -2.92
N TRP E 35 -42.84 -15.28 -1.67
CA TRP E 35 -43.96 -14.72 -0.92
C TRP E 35 -43.46 -14.20 0.42
N TYR E 36 -43.67 -12.93 0.68
CA TYR E 36 -43.23 -12.29 1.92
C TYR E 36 -44.42 -11.68 2.63
N ARG E 37 -44.31 -11.57 3.96
CA ARG E 37 -45.17 -10.69 4.78
C ARG E 37 -44.33 -9.58 5.45
N GLN E 38 -44.90 -8.38 5.54
CA GLN E 38 -44.25 -7.21 6.13
C GLN E 38 -45.02 -6.74 7.36
N ASP E 39 -44.38 -6.79 8.53
CA ASP E 39 -45.07 -6.46 9.77
C ASP E 39 -44.34 -5.35 10.51
N PRO E 40 -45.05 -4.36 11.00
CA PRO E 40 -44.38 -3.23 11.66
C PRO E 40 -43.22 -3.61 12.56
N GLY E 41 -42.07 -2.97 12.36
CA GLY E 41 -40.95 -3.17 13.25
C GLY E 41 -40.02 -4.32 12.96
N MET E 42 -40.14 -4.96 11.81
CA MET E 42 -39.21 -6.05 11.53
C MET E 42 -38.96 -6.10 10.04
N GLY E 43 -37.94 -6.85 9.66
CA GLY E 43 -37.66 -7.04 8.25
C GLY E 43 -38.64 -7.99 7.61
N LEU E 44 -38.84 -7.80 6.30
CA LEU E 44 -39.56 -8.76 5.48
C LEU E 44 -39.20 -10.17 5.92
N ARG E 45 -40.22 -11.02 6.00
CA ARG E 45 -40.04 -12.43 6.33
C ARG E 45 -40.61 -13.31 5.22
N LEU E 46 -39.79 -14.25 4.76
CA LEU E 46 -40.13 -15.15 3.66
C LEU E 46 -41.00 -16.31 4.12
N ILE E 47 -42.15 -16.50 3.48
CA ILE E 47 -43.11 -17.53 3.86
C ILE E 47 -42.80 -18.81 3.09
N TYR E 48 -42.97 -18.76 1.78
CA TYR E 48 -42.56 -19.79 0.84
C TYR E 48 -41.86 -19.10 -0.32
N TYR E 49 -40.99 -19.85 -1.00
CA TYR E 49 -40.38 -19.43 -2.25
C TYR E 49 -40.37 -20.59 -3.22
N SER E 50 -40.20 -20.28 -4.51
CA SER E 50 -40.09 -21.29 -5.56
C SER E 50 -38.90 -20.96 -6.45
N ALA E 51 -37.81 -21.72 -6.30
CA ALA E 51 -36.57 -21.39 -7.00
C ALA E 51 -36.71 -21.50 -8.52
N SER E 52 -37.67 -22.25 -9.02
CA SER E 52 -37.89 -22.36 -10.45
CA SER E 52 -37.87 -22.39 -10.45
C SER E 52 -39.16 -23.18 -10.65
N GLU E 53 -39.72 -23.07 -11.84
CA GLU E 53 -40.93 -23.83 -12.13
C GLU E 53 -40.71 -25.28 -11.71
N GLY E 54 -41.70 -25.86 -11.06
CA GLY E 54 -41.61 -27.25 -10.67
C GLY E 54 -40.96 -27.56 -9.34
N THR E 55 -40.63 -26.55 -8.53
CA THR E 55 -40.22 -26.81 -7.15
C THR E 55 -40.66 -25.66 -6.25
N THR E 56 -40.93 -25.96 -4.99
CA THR E 56 -41.20 -24.94 -3.98
C THR E 56 -40.58 -25.37 -2.65
N ASP E 57 -40.48 -24.43 -1.69
CA ASP E 57 -39.87 -24.78 -0.41
C ASP E 57 -40.26 -23.78 0.68
N LYS E 58 -40.06 -24.20 1.92
CA LYS E 58 -40.39 -23.39 3.09
C LYS E 58 -39.48 -22.18 3.16
N GLY E 59 -39.99 -21.14 3.80
CA GLY E 59 -39.15 -20.02 4.18
C GLY E 59 -38.94 -19.98 5.69
N GLU E 60 -38.93 -18.77 6.25
CA GLU E 60 -38.81 -18.63 7.70
C GLU E 60 -40.10 -19.02 8.42
N VAL E 61 -41.23 -18.54 7.93
CA VAL E 61 -42.50 -18.56 8.68
C VAL E 61 -43.55 -19.30 7.87
N PRO E 62 -43.35 -20.58 7.51
CA PRO E 62 -44.35 -21.26 6.67
C PRO E 62 -45.63 -21.66 7.38
N ASN E 63 -45.65 -21.83 8.71
CA ASN E 63 -46.83 -22.40 9.34
C ASN E 63 -48.05 -21.51 9.17
N GLY E 64 -49.20 -22.16 8.98
CA GLY E 64 -50.39 -21.48 8.56
C GLY E 64 -50.53 -21.31 7.06
N TYR E 65 -49.50 -21.57 6.29
CA TYR E 65 -49.55 -21.29 4.86
C TYR E 65 -49.15 -22.51 4.03
N ASN E 66 -49.53 -22.44 2.76
CA ASN E 66 -48.94 -23.30 1.75
C ASN E 66 -49.08 -22.61 0.40
N VAL E 67 -48.28 -23.06 -0.58
CA VAL E 67 -48.11 -22.36 -1.85
C VAL E 67 -48.14 -23.35 -3.00
N SER E 68 -48.48 -22.84 -4.18
CA SER E 68 -48.60 -23.66 -5.39
C SER E 68 -47.95 -22.93 -6.55
N ARG E 69 -46.78 -23.41 -7.01
CA ARG E 69 -46.17 -22.92 -8.25
C ARG E 69 -46.88 -23.59 -9.43
N LEU E 70 -47.84 -22.88 -10.04
CA LEU E 70 -48.76 -23.48 -11.00
C LEU E 70 -48.12 -23.72 -12.37
N ASN E 71 -47.33 -22.75 -12.82
CA ASN E 71 -46.61 -22.80 -14.08
C ASN E 71 -45.39 -21.89 -13.89
N LYS E 72 -44.62 -21.69 -14.94
CA LYS E 72 -43.46 -20.82 -14.73
C LYS E 72 -43.89 -19.44 -14.26
N ARG E 73 -45.14 -19.07 -14.51
CA ARG E 73 -45.58 -17.69 -14.48
C ARG E 73 -46.36 -17.30 -13.23
N GLU E 74 -46.90 -18.26 -12.48
CA GLU E 74 -47.83 -17.95 -11.40
C GLU E 74 -47.43 -18.70 -10.13
N PHE E 75 -47.78 -18.12 -8.99
CA PHE E 75 -47.36 -18.60 -7.67
C PHE E 75 -48.43 -18.21 -6.66
N SER E 76 -49.16 -19.18 -6.15
CA SER E 76 -50.25 -18.89 -5.25
C SER E 76 -49.85 -19.14 -3.80
N LEU E 77 -50.53 -18.41 -2.92
CA LEU E 77 -50.35 -18.51 -1.48
C LEU E 77 -51.73 -18.83 -0.93
N ARG E 78 -51.83 -19.90 -0.17
CA ARG E 78 -53.09 -20.27 0.45
C ARG E 78 -52.97 -20.05 1.94
N LEU E 79 -54.01 -19.45 2.51
CA LEU E 79 -54.27 -19.48 3.94
C LEU E 79 -55.48 -20.39 4.11
N GLU E 80 -55.27 -21.56 4.68
CA GLU E 80 -56.39 -22.35 5.16
C GLU E 80 -56.45 -22.14 6.66
N SER E 81 -57.67 -21.96 7.18
CA SER E 81 -57.89 -21.67 8.59
C SER E 81 -57.16 -20.38 9.01
N ALA E 82 -57.66 -19.27 8.47
CA ALA E 82 -57.07 -17.97 8.80
C ALA E 82 -57.08 -17.72 10.29
N ALA E 83 -56.05 -17.01 10.76
CA ALA E 83 -55.88 -16.66 12.16
C ALA E 83 -55.57 -15.18 12.28
N PRO E 84 -55.90 -14.56 13.41
CA PRO E 84 -55.59 -13.13 13.56
C PRO E 84 -54.11 -12.83 13.46
N SER E 85 -53.23 -13.73 13.90
CA SER E 85 -51.80 -13.43 13.77
C SER E 85 -51.33 -13.42 12.32
N GLN E 86 -52.21 -13.66 11.36
CA GLN E 86 -51.86 -13.56 9.95
C GLN E 86 -52.31 -12.24 9.33
N THR E 87 -52.95 -11.35 10.11
CA THR E 87 -53.19 -9.96 9.71
C THR E 87 -51.88 -9.29 9.36
N SER E 88 -51.72 -8.86 8.11
CA SER E 88 -50.40 -8.45 7.64
C SER E 88 -50.52 -7.86 6.23
N VAL E 89 -49.39 -7.38 5.71
CA VAL E 89 -49.30 -6.94 4.32
C VAL E 89 -48.46 -7.96 3.60
N TYR E 90 -48.94 -8.43 2.46
CA TYR E 90 -48.32 -9.58 1.84
C TYR E 90 -47.78 -9.13 0.50
N PHE E 91 -46.54 -9.50 0.22
CA PHE E 91 -45.85 -9.10 -0.99
C PHE E 91 -45.42 -10.34 -1.75
N CYS E 92 -45.75 -10.38 -3.03
CA CYS E 92 -45.17 -11.34 -3.93
CA CYS E 92 -45.17 -11.34 -3.93
C CYS E 92 -44.10 -10.65 -4.76
N ALA E 93 -43.02 -11.38 -5.06
CA ALA E 93 -41.92 -10.85 -5.84
C ALA E 93 -41.33 -11.98 -6.66
N SER E 94 -40.71 -11.62 -7.78
CA SER E 94 -39.97 -12.55 -8.62
C SER E 94 -38.57 -12.01 -8.94
N SER E 95 -37.70 -12.91 -9.40
CA SER E 95 -36.37 -12.53 -9.87
C SER E 95 -35.94 -13.50 -10.97
N VAL E 96 -34.99 -13.06 -11.79
CA VAL E 96 -34.54 -13.88 -12.92
C VAL E 96 -34.14 -15.28 -12.44
N TRP E 97 -33.15 -15.36 -11.55
CA TRP E 97 -32.86 -16.62 -10.86
C TRP E 97 -32.47 -16.33 -9.42
N THR E 98 -32.67 -17.35 -8.59
CA THR E 98 -32.00 -17.41 -7.31
C THR E 98 -30.63 -18.08 -7.52
N GLY E 99 -29.67 -17.71 -6.67
CA GLY E 99 -28.33 -18.25 -6.83
C GLY E 99 -27.46 -17.50 -7.81
N GLU E 100 -27.85 -16.28 -8.18
CA GLU E 100 -27.00 -15.31 -8.86
C GLU E 100 -26.87 -14.09 -7.95
N GLY E 101 -25.65 -13.65 -7.69
CA GLY E 101 -25.48 -12.69 -6.63
C GLY E 101 -26.28 -11.42 -6.84
N SER E 102 -26.14 -10.82 -8.02
CA SER E 102 -26.52 -9.43 -8.21
C SER E 102 -27.99 -9.27 -8.56
N GLY E 103 -28.68 -10.35 -8.89
CA GLY E 103 -30.03 -10.21 -9.42
C GLY E 103 -30.96 -9.70 -8.35
N GLU E 104 -31.76 -8.70 -8.70
CA GLU E 104 -32.58 -8.02 -7.72
C GLU E 104 -34.01 -8.55 -7.77
N LEU E 105 -34.76 -8.27 -6.72
CA LEU E 105 -36.18 -8.60 -6.63
C LEU E 105 -37.03 -7.54 -7.30
N PHE E 106 -38.12 -7.98 -7.92
CA PHE E 106 -39.24 -7.15 -8.34
C PHE E 106 -40.47 -7.51 -7.52
N PHE E 107 -41.08 -6.52 -6.91
CA PHE E 107 -42.18 -6.70 -5.95
C PHE E 107 -43.51 -6.34 -6.57
N GLY E 108 -44.53 -7.18 -6.35
CA GLY E 108 -45.90 -6.79 -6.64
C GLY E 108 -46.36 -5.70 -5.69
N GLU E 109 -47.59 -5.25 -5.88
CA GLU E 109 -48.03 -4.07 -5.14
C GLU E 109 -48.54 -4.37 -3.74
N GLY E 110 -48.86 -5.62 -3.42
CA GLY E 110 -49.10 -5.91 -2.03
C GLY E 110 -50.57 -6.12 -1.72
N SER E 111 -50.83 -7.01 -0.77
CA SER E 111 -52.19 -7.36 -0.34
C SER E 111 -52.34 -7.09 1.15
N ARG E 112 -53.33 -6.28 1.50
CA ARG E 112 -53.60 -5.96 2.89
C ARG E 112 -54.69 -6.91 3.38
N LEU E 113 -54.31 -7.84 4.25
CA LEU E 113 -55.23 -8.84 4.78
C LEU E 113 -55.52 -8.54 6.25
N THR E 114 -56.80 -8.50 6.60
CA THR E 114 -57.23 -8.38 7.99
C THR E 114 -58.04 -9.60 8.38
N VAL E 115 -57.69 -10.20 9.52
CA VAL E 115 -58.37 -11.38 10.02
C VAL E 115 -59.03 -11.02 11.34
N LEU E 116 -60.37 -11.08 11.38
CA LEU E 116 -61.17 -10.69 12.52
C LEU E 116 -61.94 -11.88 13.08
N GLU E 117 -62.13 -11.90 14.41
CA GLU E 117 -62.88 -12.98 15.04
C GLU E 117 -64.36 -12.90 14.69
N ASP E 118 -64.87 -11.70 14.42
CA ASP E 118 -66.21 -11.52 13.88
C ASP E 118 -66.24 -10.22 13.08
N LEU E 119 -67.16 -10.16 12.15
CA LEU E 119 -67.26 -9.02 11.26
C LEU E 119 -68.09 -7.87 11.85
N LYS E 120 -68.60 -8.03 13.08
CA LYS E 120 -69.55 -7.05 13.61
C LYS E 120 -68.90 -5.71 14.03
N ASN E 121 -67.58 -5.57 13.92
CA ASN E 121 -66.99 -4.23 14.21
C ASN E 121 -66.65 -3.53 12.90
N VAL E 122 -66.92 -4.16 11.75
CA VAL E 122 -66.50 -3.51 10.52
C VAL E 122 -67.48 -2.40 10.14
N PHE E 123 -66.95 -1.18 9.98
CA PHE E 123 -67.71 0.05 9.73
C PHE E 123 -67.06 0.86 8.61
N PRO E 124 -67.85 1.49 7.75
CA PRO E 124 -67.27 2.47 6.81
C PRO E 124 -67.04 3.80 7.52
N PRO E 125 -66.21 4.69 6.98
CA PRO E 125 -66.02 6.00 7.62
C PRO E 125 -67.19 6.94 7.38
N GLU E 126 -67.35 7.87 8.32
CA GLU E 126 -68.09 9.09 8.07
C GLU E 126 -67.12 10.19 7.66
N VAL E 127 -67.44 10.89 6.58
CA VAL E 127 -66.56 11.92 6.02
C VAL E 127 -67.21 13.28 6.20
N ALA E 128 -66.43 14.25 6.66
CA ALA E 128 -66.89 15.63 6.76
C ALA E 128 -65.81 16.58 6.29
N VAL E 129 -66.22 17.63 5.59
CA VAL E 129 -65.33 18.68 5.11
C VAL E 129 -65.52 19.91 5.97
N PHE E 130 -64.43 20.62 6.25
CA PHE E 130 -64.48 21.85 7.03
C PHE E 130 -63.97 22.99 6.18
N GLU E 131 -64.81 24.01 5.99
CA GLU E 131 -64.47 25.16 5.16
C GLU E 131 -63.43 26.05 5.87
N PRO E 132 -62.62 26.78 5.10
CA PRO E 132 -61.53 27.57 5.71
C PRO E 132 -62.02 28.67 6.63
N SER E 133 -61.22 28.94 7.65
CA SER E 133 -61.46 30.02 8.61
C SER E 133 -61.22 31.39 7.96
N GLU E 134 -62.17 32.32 8.14
CA GLU E 134 -62.00 33.66 7.60
C GLU E 134 -60.82 34.38 8.26
N ALA E 135 -60.43 34.00 9.48
CA ALA E 135 -59.21 34.54 10.05
C ALA E 135 -58.01 34.17 9.18
N GLU E 136 -57.92 32.90 8.75
CA GLU E 136 -56.78 32.48 7.93
C GLU E 136 -56.76 33.22 6.60
N ILE E 137 -57.94 33.39 5.99
CA ILE E 137 -58.00 34.05 4.69
C ILE E 137 -57.40 35.45 4.78
N SER E 138 -57.78 36.21 5.81
CA SER E 138 -57.25 37.58 5.94
C SER E 138 -55.79 37.60 6.38
N HIS E 139 -55.37 36.66 7.22
CA HIS E 139 -54.01 36.68 7.74
C HIS E 139 -52.97 36.15 6.74
N THR E 140 -53.38 35.33 5.78
CA THR E 140 -52.44 34.74 4.84
C THR E 140 -52.88 34.80 3.39
N GLN E 141 -54.11 35.20 3.11
CA GLN E 141 -54.63 35.13 1.75
C GLN E 141 -54.56 33.71 1.21
N LYS E 142 -54.47 32.74 2.13
CA LYS E 142 -54.56 31.33 1.80
C LYS E 142 -55.73 30.74 2.56
N ALA E 143 -56.37 29.72 1.97
CA ALA E 143 -57.51 29.04 2.58
C ALA E 143 -57.25 27.54 2.66
N THR E 144 -57.46 26.99 3.86
CA THR E 144 -57.17 25.57 4.13
C THR E 144 -58.47 24.81 4.37
N LEU E 145 -58.76 23.85 3.47
CA LEU E 145 -59.85 22.90 3.65
C LEU E 145 -59.34 21.66 4.40
N VAL E 146 -60.19 21.12 5.28
CA VAL E 146 -59.81 19.99 6.13
C VAL E 146 -60.86 18.89 5.99
N CYS E 147 -60.39 17.65 5.83
CA CYS E 147 -61.28 16.49 5.70
C CYS E 147 -61.10 15.52 6.87
N LEU E 148 -62.21 15.03 7.42
CA LEU E 148 -62.19 14.04 8.49
C LEU E 148 -62.98 12.79 8.08
N ALA E 149 -62.29 11.63 8.11
CA ALA E 149 -62.90 10.32 7.96
C ALA E 149 -62.80 9.60 9.30
N THR E 150 -63.94 9.29 9.91
CA THR E 150 -63.97 8.84 11.29
C THR E 150 -64.80 7.57 11.46
N GLY E 151 -64.49 6.84 12.53
CA GLY E 151 -65.24 5.67 12.93
C GLY E 151 -65.03 4.41 12.10
N PHE E 152 -64.06 4.40 11.19
CA PHE E 152 -63.95 3.24 10.32
C PHE E 152 -63.05 2.17 10.91
N TYR E 153 -63.26 0.94 10.44
CA TYR E 153 -62.58 -0.27 10.86
C TYR E 153 -62.93 -1.38 9.86
N PRO E 154 -61.94 -2.13 9.36
CA PRO E 154 -60.53 -2.01 9.73
C PRO E 154 -59.84 -0.84 9.03
N ASP E 155 -58.52 -0.74 9.16
CA ASP E 155 -57.74 0.35 8.55
C ASP E 155 -57.51 0.09 7.07
N HIS E 156 -58.56 0.30 6.27
CA HIS E 156 -58.58 -0.10 4.86
C HIS E 156 -59.12 1.04 3.99
N VAL E 157 -58.52 2.23 4.08
CA VAL E 157 -59.01 3.41 3.38
C VAL E 157 -57.91 4.04 2.54
N GLU E 158 -58.34 4.76 1.51
CA GLU E 158 -57.45 5.54 0.65
C GLU E 158 -58.14 6.87 0.36
N LEU E 159 -57.53 7.98 0.77
CA LEU E 159 -58.19 9.27 0.63
C LEU E 159 -57.68 10.05 -0.58
N SER E 160 -58.49 10.99 -1.05
CA SER E 160 -58.13 11.78 -2.22
C SER E 160 -58.92 13.08 -2.21
N TRP E 161 -58.55 14.00 -3.09
CA TRP E 161 -59.27 15.26 -3.20
C TRP E 161 -59.67 15.48 -4.65
N TRP E 162 -60.85 16.06 -4.86
CA TRP E 162 -61.36 16.34 -6.19
C TRP E 162 -61.86 17.77 -6.21
N VAL E 163 -61.33 18.58 -7.13
CA VAL E 163 -61.74 19.97 -7.30
C VAL E 163 -62.30 20.06 -8.71
N ASN E 164 -63.60 20.32 -8.81
CA ASN E 164 -64.31 20.47 -10.08
C ASN E 164 -64.32 19.21 -10.91
N GLY E 165 -64.08 18.04 -10.32
CA GLY E 165 -64.11 16.80 -11.05
C GLY E 165 -62.79 16.26 -11.54
N LYS E 166 -61.69 17.00 -11.40
CA LYS E 166 -60.35 16.48 -11.68
C LYS E 166 -59.69 16.25 -10.32
N GLU E 167 -58.90 15.20 -10.17
CA GLU E 167 -58.33 14.88 -8.84
C GLU E 167 -57.23 15.90 -8.58
N VAL E 168 -57.08 16.36 -7.33
CA VAL E 168 -55.99 17.31 -7.11
C VAL E 168 -54.93 16.68 -6.22
N HIS E 169 -53.66 17.00 -6.52
CA HIS E 169 -52.54 16.62 -5.66
C HIS E 169 -51.79 17.81 -5.05
N SER E 170 -51.58 18.88 -5.81
CA SER E 170 -50.93 20.05 -5.25
C SER E 170 -51.72 20.54 -4.04
N GLY E 171 -50.97 20.96 -3.01
CA GLY E 171 -51.57 21.58 -1.85
C GLY E 171 -52.25 20.65 -0.90
N VAL E 172 -51.90 19.37 -0.90
CA VAL E 172 -52.61 18.35 -0.16
C VAL E 172 -51.65 17.61 0.76
N CYS E 173 -52.06 17.41 2.00
CA CYS E 173 -51.36 16.48 2.87
C CYS E 173 -52.41 15.63 3.58
N THR E 174 -52.23 14.32 3.52
CA THR E 174 -53.05 13.37 4.26
C THR E 174 -52.15 12.69 5.29
N ASP E 175 -52.65 12.55 6.52
CA ASP E 175 -51.85 11.90 7.54
C ASP E 175 -51.37 10.56 7.03
N PRO E 176 -50.11 10.21 7.25
CA PRO E 176 -49.63 8.92 6.74
C PRO E 176 -50.32 7.74 7.44
N GLN E 177 -50.31 7.72 8.77
CA GLN E 177 -50.93 6.65 9.52
C GLN E 177 -52.19 7.16 10.22
N PRO E 178 -53.24 6.36 10.30
CA PRO E 178 -54.42 6.80 11.05
C PRO E 178 -54.18 6.85 12.54
N LEU E 179 -55.18 7.30 13.27
CA LEU E 179 -55.16 7.28 14.70
C LEU E 179 -56.35 6.51 15.28
N LYS E 180 -56.18 6.07 16.53
CA LYS E 180 -57.09 5.14 17.18
C LYS E 180 -58.07 5.92 18.04
N GLU E 181 -59.37 5.77 17.75
CA GLU E 181 -60.35 6.52 18.52
C GLU E 181 -60.49 5.96 19.93
N GLN E 182 -60.24 4.67 20.12
CA GLN E 182 -60.22 4.05 21.44
C GLN E 182 -58.86 3.38 21.63
N PRO E 183 -57.80 4.15 21.87
CA PRO E 183 -56.44 3.61 21.81
C PRO E 183 -56.12 2.58 22.87
N ALA E 184 -57.05 2.22 23.75
CA ALA E 184 -56.84 1.20 24.75
C ALA E 184 -57.58 -0.10 24.43
N LEU E 185 -58.21 -0.19 23.27
CA LEU E 185 -59.02 -1.34 22.89
C LEU E 185 -58.35 -2.09 21.76
N ASN E 186 -58.36 -3.43 21.83
CA ASN E 186 -57.71 -4.20 20.77
C ASN E 186 -58.32 -3.83 19.41
N ASP E 187 -59.64 -3.72 19.34
CA ASP E 187 -60.38 -3.52 18.09
C ASP E 187 -60.83 -2.07 17.90
N SER E 188 -60.00 -1.10 18.26
CA SER E 188 -60.41 0.29 18.17
C SER E 188 -60.62 0.71 16.73
N ARG E 189 -61.54 1.64 16.52
CA ARG E 189 -61.76 2.19 15.19
C ARG E 189 -60.81 3.36 14.89
N TYR E 190 -60.88 3.85 13.66
CA TYR E 190 -59.84 4.73 13.14
C TYR E 190 -60.42 6.05 12.69
N ALA E 191 -59.59 7.09 12.82
CA ALA E 191 -59.83 8.40 12.26
C ALA E 191 -58.64 8.78 11.40
N LEU E 192 -58.92 9.48 10.31
CA LEU E 192 -57.92 9.96 9.37
C LEU E 192 -58.30 11.39 8.95
N SER E 193 -57.29 12.24 8.73
CA SER E 193 -57.56 13.63 8.35
C SER E 193 -56.62 14.06 7.23
N SER E 194 -57.06 15.08 6.50
CA SER E 194 -56.32 15.53 5.33
C SER E 194 -56.58 17.02 5.10
N ARG E 195 -55.63 17.67 4.44
CA ARG E 195 -55.62 19.11 4.24
C ARG E 195 -55.48 19.42 2.75
N LEU E 196 -56.34 20.31 2.23
CA LEU E 196 -56.14 20.94 0.94
C LEU E 196 -56.03 22.46 1.11
N ARG E 197 -54.98 23.06 0.57
CA ARG E 197 -54.80 24.51 0.66
C ARG E 197 -54.81 25.12 -0.72
N VAL E 198 -55.65 26.15 -0.90
CA VAL E 198 -55.78 26.85 -2.18
C VAL E 198 -55.54 28.35 -1.94
N SER E 199 -55.40 29.08 -3.04
CA SER E 199 -55.35 30.53 -2.91
C SER E 199 -56.71 31.07 -2.48
N ALA E 200 -56.68 32.18 -1.73
CA ALA E 200 -57.91 32.77 -1.23
C ALA E 200 -58.86 33.19 -2.35
N THR E 201 -58.33 33.58 -3.52
CA THR E 201 -59.20 33.81 -4.66
C THR E 201 -59.89 32.51 -5.11
N PHE E 202 -59.21 31.36 -5.04
CA PHE E 202 -59.87 30.13 -5.44
C PHE E 202 -61.08 29.85 -4.56
N TRP E 203 -60.93 30.01 -3.24
CA TRP E 203 -62.01 29.69 -2.32
C TRP E 203 -63.22 30.59 -2.54
N GLN E 204 -62.99 31.88 -2.75
CA GLN E 204 -64.08 32.84 -2.86
C GLN E 204 -64.82 32.77 -4.20
N ASN E 205 -64.31 32.02 -5.17
CA ASN E 205 -65.01 31.83 -6.43
C ASN E 205 -66.05 30.73 -6.28
N PRO E 206 -67.34 31.01 -6.46
CA PRO E 206 -68.37 29.99 -6.21
C PRO E 206 -68.49 28.93 -7.28
N ARG E 207 -67.73 29.03 -8.39
CA ARG E 207 -67.74 28.03 -9.45
C ARG E 207 -66.65 26.98 -9.25
N ASN E 208 -66.12 26.85 -8.01
CA ASN E 208 -65.12 25.85 -7.65
C ASN E 208 -65.76 24.86 -6.67
N HIS E 209 -65.90 23.60 -7.08
CA HIS E 209 -66.45 22.53 -6.24
C HIS E 209 -65.30 21.72 -5.66
N PHE E 210 -65.22 21.68 -4.33
CA PHE E 210 -64.27 20.83 -3.62
C PHE E 210 -64.98 19.59 -3.09
N ARG E 211 -64.35 18.42 -3.26
CA ARG E 211 -64.91 17.18 -2.74
C ARG E 211 -63.83 16.35 -2.11
N CYS E 212 -64.10 15.85 -0.91
CA CYS E 212 -63.22 14.93 -0.22
C CYS E 212 -63.76 13.51 -0.34
N GLN E 213 -62.99 12.63 -0.98
CA GLN E 213 -63.39 11.25 -1.25
C GLN E 213 -62.56 10.25 -0.48
N VAL E 214 -63.23 9.32 0.21
CA VAL E 214 -62.58 8.21 0.90
C VAL E 214 -63.09 6.89 0.35
N GLN E 215 -62.20 6.12 -0.27
CA GLN E 215 -62.50 4.75 -0.67
C GLN E 215 -62.27 3.83 0.53
N PHE E 216 -63.32 3.13 0.94
CA PHE E 216 -63.26 2.13 2.00
C PHE E 216 -63.30 0.74 1.39
N TYR E 217 -62.44 -0.15 1.89
CA TYR E 217 -62.49 -1.55 1.52
C TYR E 217 -62.97 -2.33 2.73
N GLY E 218 -64.09 -3.04 2.58
CA GLY E 218 -64.70 -3.81 3.63
C GLY E 218 -65.21 -5.14 3.10
N LEU E 219 -66.48 -5.48 3.36
CA LEU E 219 -66.98 -6.81 3.03
C LEU E 219 -67.37 -6.91 1.55
N SER E 220 -67.51 -8.15 1.09
CA SER E 220 -68.01 -8.41 -0.25
C SER E 220 -69.48 -8.76 -0.20
N GLU E 221 -70.08 -8.84 -1.39
CA GLU E 221 -71.43 -9.39 -1.48
C GLU E 221 -71.47 -10.83 -0.99
N ASN E 222 -70.37 -11.58 -1.09
CA ASN E 222 -70.37 -13.01 -0.79
C ASN E 222 -70.36 -13.35 0.71
N ASP E 223 -70.04 -12.40 1.59
CA ASP E 223 -70.17 -12.59 3.03
C ASP E 223 -71.63 -12.38 3.44
N GLU E 224 -71.96 -12.79 4.66
CA GLU E 224 -73.34 -12.75 5.11
C GLU E 224 -73.51 -11.66 6.16
N TRP E 225 -74.54 -10.83 5.99
CA TRP E 225 -74.91 -9.83 6.97
C TRP E 225 -76.30 -10.17 7.49
N THR E 226 -76.36 -10.57 8.75
CA THR E 226 -77.63 -10.76 9.45
C THR E 226 -77.65 -9.89 10.70
N GLN E 227 -77.29 -8.62 10.54
CA GLN E 227 -77.43 -7.60 11.58
C GLN E 227 -78.24 -6.45 11.02
N ASP E 228 -78.75 -5.59 11.93
CA ASP E 228 -79.78 -4.61 11.55
C ASP E 228 -79.19 -3.47 10.72
N ARG E 229 -77.96 -3.06 11.03
CA ARG E 229 -77.36 -1.99 10.24
C ARG E 229 -77.05 -2.51 8.84
N ALA E 230 -76.51 -1.63 8.00
CA ALA E 230 -76.31 -1.93 6.59
C ALA E 230 -74.96 -2.62 6.38
N LYS E 231 -74.97 -3.70 5.60
CA LYS E 231 -73.74 -4.43 5.29
C LYS E 231 -72.60 -3.47 5.00
N PRO E 232 -71.54 -3.48 5.81
CA PRO E 232 -70.39 -2.56 5.62
C PRO E 232 -69.46 -3.01 4.50
N VAL E 233 -69.93 -2.82 3.27
CA VAL E 233 -69.24 -3.28 2.06
C VAL E 233 -68.19 -2.27 1.63
N THR E 234 -67.36 -2.67 0.67
CA THR E 234 -66.52 -1.74 -0.07
C THR E 234 -67.40 -0.65 -0.68
N GLN E 235 -66.96 0.60 -0.52
CA GLN E 235 -67.80 1.73 -0.90
C GLN E 235 -66.95 3.00 -0.86
N ILE E 236 -67.41 4.02 -1.60
CA ILE E 236 -66.84 5.36 -1.57
C ILE E 236 -67.72 6.27 -0.73
N VAL E 237 -67.11 7.08 0.13
CA VAL E 237 -67.85 8.00 0.99
C VAL E 237 -67.25 9.39 0.82
N SER E 238 -68.06 10.37 0.39
CA SER E 238 -67.60 11.72 0.05
C SER E 238 -68.28 12.78 0.95
N ALA E 239 -67.64 13.95 1.04
CA ALA E 239 -68.20 15.16 1.63
C ALA E 239 -67.74 16.30 0.73
N GLU E 240 -68.62 17.26 0.51
CA GLU E 240 -68.27 18.26 -0.51
C GLU E 240 -68.37 19.67 0.06
N ALA E 241 -67.90 20.63 -0.73
CA ALA E 241 -68.01 22.02 -0.28
C ALA E 241 -67.88 22.98 -1.46
N TRP E 242 -68.67 24.06 -1.41
CA TRP E 242 -68.66 25.07 -2.46
C TRP E 242 -67.93 26.34 -2.02
N GLY E 243 -67.22 26.96 -2.95
CA GLY E 243 -66.57 28.22 -2.64
C GLY E 243 -67.57 29.30 -2.27
N ARG E 244 -67.22 30.08 -1.26
CA ARG E 244 -68.08 31.16 -0.77
C ARG E 244 -67.33 32.49 -0.70
N MET F 1 -18.99 -32.45 -32.81
CA MET F 1 -18.42 -32.96 -31.58
C MET F 1 -17.04 -33.59 -31.83
N ILE F 2 -16.12 -33.42 -30.89
CA ILE F 2 -14.92 -34.26 -30.84
C ILE F 2 -15.12 -35.28 -29.72
N GLN F 3 -15.03 -36.56 -30.08
CA GLN F 3 -15.24 -37.65 -29.14
C GLN F 3 -13.90 -38.27 -28.77
N ARG F 4 -13.73 -38.66 -27.52
CA ARG F 4 -12.44 -39.18 -27.07
C ARG F 4 -12.63 -40.58 -26.53
N THR F 5 -11.80 -41.49 -26.99
CA THR F 5 -11.98 -42.90 -26.63
C THR F 5 -11.33 -43.15 -25.28
N PRO F 6 -11.79 -44.16 -24.54
CA PRO F 6 -11.31 -44.33 -23.16
C PRO F 6 -9.95 -45.00 -23.10
N LYS F 7 -9.06 -44.42 -22.29
CA LYS F 7 -7.87 -45.09 -21.79
C LYS F 7 -8.26 -46.08 -20.67
N ILE F 8 -7.71 -47.30 -20.73
CA ILE F 8 -8.15 -48.40 -19.87
C ILE F 8 -6.94 -48.99 -19.23
N GLN F 9 -6.79 -48.81 -17.93
CA GLN F 9 -5.59 -49.25 -17.23
C GLN F 9 -6.03 -50.23 -16.16
N VAL F 10 -5.35 -51.38 -16.10
CA VAL F 10 -5.79 -52.51 -15.29
C VAL F 10 -4.60 -52.94 -14.48
N TYR F 11 -4.72 -52.91 -13.15
CA TYR F 11 -3.55 -53.08 -12.28
C TYR F 11 -4.02 -53.57 -10.92
N SER F 12 -3.09 -54.12 -10.14
CA SER F 12 -3.42 -54.60 -8.80
C SER F 12 -3.14 -53.52 -7.76
N ARG F 13 -3.83 -53.64 -6.62
CA ARG F 13 -3.68 -52.66 -5.55
C ARG F 13 -2.28 -52.71 -4.93
N HIS F 14 -1.83 -53.90 -4.57
CA HIS F 14 -0.48 -54.18 -4.11
C HIS F 14 0.27 -55.00 -5.14
N PRO F 15 1.59 -55.07 -5.04
CA PRO F 15 2.36 -55.94 -5.95
C PRO F 15 1.91 -57.39 -5.88
N ALA F 16 1.76 -58.04 -7.04
CA ALA F 16 0.98 -59.26 -7.17
C ALA F 16 1.83 -60.51 -6.91
N GLU F 17 1.34 -61.41 -6.07
CA GLU F 17 1.98 -62.70 -5.88
C GLU F 17 0.94 -63.77 -6.12
N ASN F 18 1.25 -64.72 -7.00
CA ASN F 18 0.32 -65.84 -7.20
C ASN F 18 0.01 -66.44 -5.85
N GLY F 19 -1.27 -66.49 -5.52
CA GLY F 19 -1.69 -67.13 -4.29
C GLY F 19 -1.94 -66.23 -3.11
N LYS F 20 -1.69 -64.94 -3.21
CA LYS F 20 -1.93 -64.00 -2.12
C LYS F 20 -3.13 -63.10 -2.41
N SER F 21 -3.96 -62.85 -1.40
CA SER F 21 -5.13 -62.01 -1.57
C SER F 21 -4.72 -60.61 -2.00
N ASN F 22 -5.56 -59.99 -2.83
CA ASN F 22 -5.24 -58.72 -3.48
C ASN F 22 -6.54 -58.08 -3.98
N PHE F 23 -6.41 -56.93 -4.62
CA PHE F 23 -7.50 -56.32 -5.35
C PHE F 23 -7.06 -56.00 -6.76
N LEU F 24 -7.92 -56.28 -7.74
CA LEU F 24 -7.69 -55.91 -9.13
C LEU F 24 -8.48 -54.64 -9.44
N ASN F 25 -7.79 -53.61 -9.93
CA ASN F 25 -8.39 -52.34 -10.32
C ASN F 25 -8.49 -52.21 -11.83
N CYS F 26 -9.57 -51.57 -12.27
CA CYS F 26 -9.70 -51.12 -13.64
C CYS F 26 -10.04 -49.64 -13.62
N TYR F 27 -9.10 -48.80 -14.07
CA TYR F 27 -9.25 -47.35 -14.13
C TYR F 27 -9.50 -46.94 -15.57
N VAL F 28 -10.66 -46.31 -15.81
CA VAL F 28 -11.12 -45.96 -17.15
C VAL F 28 -11.28 -44.46 -17.21
N SER F 29 -10.48 -43.81 -18.06
CA SER F 29 -10.35 -42.35 -18.01
C SER F 29 -10.23 -41.75 -19.41
N GLY F 30 -10.26 -40.42 -19.44
CA GLY F 30 -10.01 -39.68 -20.66
C GLY F 30 -11.08 -39.71 -21.71
N PHE F 31 -12.29 -40.15 -21.39
CA PHE F 31 -13.28 -40.39 -22.42
C PHE F 31 -14.34 -39.30 -22.43
N HIS F 32 -15.03 -39.19 -23.55
CA HIS F 32 -16.10 -38.22 -23.78
C HIS F 32 -16.81 -38.62 -25.05
N PRO F 33 -18.15 -38.64 -25.09
CA PRO F 33 -19.09 -38.30 -24.01
C PRO F 33 -19.18 -39.35 -22.90
N SER F 34 -20.09 -39.12 -21.95
CA SER F 34 -19.99 -39.74 -20.63
C SER F 34 -20.63 -41.13 -20.54
N ASP F 35 -21.41 -41.54 -21.53
CA ASP F 35 -22.05 -42.83 -21.42
C ASP F 35 -21.05 -43.95 -21.72
N ILE F 36 -20.96 -44.91 -20.81
CA ILE F 36 -19.89 -45.91 -20.81
C ILE F 36 -20.36 -47.17 -20.08
N GLU F 37 -19.79 -48.32 -20.47
CA GLU F 37 -20.08 -49.60 -19.81
C GLU F 37 -18.79 -50.34 -19.47
N VAL F 38 -18.65 -50.77 -18.22
CA VAL F 38 -17.45 -51.47 -17.78
C VAL F 38 -17.83 -52.72 -17.00
N ASP F 39 -17.21 -53.84 -17.35
CA ASP F 39 -17.25 -55.06 -16.55
C ASP F 39 -15.85 -55.61 -16.34
N LEU F 40 -15.71 -56.42 -15.29
CA LEU F 40 -14.49 -57.17 -15.03
C LEU F 40 -14.74 -58.63 -15.35
N LEU F 41 -13.83 -59.24 -16.11
CA LEU F 41 -13.95 -60.62 -16.56
C LEU F 41 -12.95 -61.49 -15.83
N LYS F 42 -13.32 -62.76 -15.62
CA LYS F 42 -12.37 -63.75 -15.12
C LYS F 42 -12.46 -64.96 -16.04
N ASN F 43 -11.39 -65.21 -16.80
CA ASN F 43 -11.39 -66.29 -17.79
C ASN F 43 -12.51 -66.11 -18.81
N GLY F 44 -12.91 -64.88 -19.10
CA GLY F 44 -13.97 -64.59 -20.02
C GLY F 44 -15.30 -64.21 -19.38
N GLU F 45 -15.59 -64.75 -18.19
CA GLU F 45 -16.87 -64.55 -17.53
C GLU F 45 -16.90 -63.26 -16.72
N ARG F 46 -18.10 -62.69 -16.62
CA ARG F 46 -18.29 -61.46 -15.90
C ARG F 46 -18.28 -61.73 -14.39
N ILE F 47 -17.67 -60.83 -13.64
CA ILE F 47 -17.54 -60.95 -12.19
C ILE F 47 -18.70 -60.19 -11.54
N GLU F 48 -19.44 -60.88 -10.66
CA GLU F 48 -20.64 -60.28 -10.10
C GLU F 48 -20.33 -59.29 -8.97
N LYS F 49 -19.43 -59.65 -8.06
CA LYS F 49 -19.15 -58.78 -6.90
C LYS F 49 -18.09 -57.74 -7.27
N VAL F 50 -18.52 -56.66 -7.94
CA VAL F 50 -17.60 -55.65 -8.45
C VAL F 50 -18.09 -54.26 -8.06
N GLU F 51 -17.20 -53.45 -7.50
CA GLU F 51 -17.58 -52.11 -7.10
C GLU F 51 -16.88 -51.05 -7.95
N HIS F 52 -17.49 -49.88 -7.99
CA HIS F 52 -16.96 -48.80 -8.80
C HIS F 52 -17.25 -47.44 -8.15
N SER F 53 -16.34 -46.52 -8.39
CA SER F 53 -16.62 -45.12 -8.10
C SER F 53 -17.80 -44.66 -8.95
N ASP F 54 -18.35 -43.51 -8.59
CA ASP F 54 -19.28 -42.83 -9.48
C ASP F 54 -18.49 -42.18 -10.61
N LEU F 55 -19.22 -41.76 -11.65
CA LEU F 55 -18.64 -40.98 -12.73
C LEU F 55 -18.00 -39.71 -12.16
N SER F 56 -16.81 -39.38 -12.65
CA SER F 56 -16.02 -38.28 -12.08
C SER F 56 -15.54 -37.34 -13.18
N PHE F 57 -15.19 -36.12 -12.78
CA PHE F 57 -14.87 -35.05 -13.73
C PHE F 57 -13.42 -34.64 -13.66
N SER F 58 -12.81 -34.45 -14.84
CA SER F 58 -11.48 -33.92 -15.00
C SER F 58 -11.54 -32.48 -15.51
N LYS F 59 -10.45 -31.72 -15.27
CA LYS F 59 -10.39 -30.35 -15.77
C LYS F 59 -10.38 -30.26 -17.28
N ASP F 60 -9.98 -31.33 -17.99
CA ASP F 60 -9.96 -31.26 -19.45
C ASP F 60 -11.31 -31.60 -20.08
N TRP F 61 -12.36 -31.69 -19.26
CA TRP F 61 -13.76 -31.88 -19.64
C TRP F 61 -14.11 -33.34 -19.89
N SER F 62 -13.15 -34.24 -19.79
CA SER F 62 -13.37 -35.66 -19.90
C SER F 62 -13.73 -36.24 -18.52
N PHE F 63 -14.11 -37.53 -18.52
CA PHE F 63 -14.63 -38.25 -17.36
C PHE F 63 -13.77 -39.46 -17.04
N TYR F 64 -13.84 -39.93 -15.79
CA TYR F 64 -13.07 -41.08 -15.34
C TYR F 64 -13.86 -41.88 -14.30
N LEU F 65 -13.59 -43.20 -14.27
CA LEU F 65 -14.26 -44.12 -13.34
C LEU F 65 -13.26 -45.18 -12.88
N LEU F 66 -13.48 -45.77 -11.71
CA LEU F 66 -12.67 -46.85 -11.18
C LEU F 66 -13.53 -48.07 -10.85
N TYR F 67 -13.17 -49.25 -11.39
CA TYR F 67 -13.85 -50.51 -11.07
C TYR F 67 -12.87 -51.46 -10.40
N TYR F 68 -13.28 -52.10 -9.31
CA TYR F 68 -12.36 -53.05 -8.67
C TYR F 68 -13.12 -54.20 -8.02
N THR F 69 -12.38 -55.26 -7.72
CA THR F 69 -12.92 -56.42 -7.06
C THR F 69 -11.78 -57.11 -6.32
N GLU F 70 -12.15 -57.90 -5.31
CA GLU F 70 -11.17 -58.70 -4.58
C GLU F 70 -10.89 -59.99 -5.32
N PHE F 71 -9.61 -60.31 -5.52
CA PHE F 71 -9.24 -61.50 -6.29
C PHE F 71 -7.93 -62.04 -5.71
N THR F 72 -7.64 -63.31 -6.02
CA THR F 72 -6.40 -63.97 -5.59
C THR F 72 -5.65 -64.54 -6.78
N PRO F 73 -4.73 -63.78 -7.37
CA PRO F 73 -4.17 -64.16 -8.66
C PRO F 73 -3.57 -65.56 -8.63
N THR F 74 -3.79 -66.29 -9.73
CA THR F 74 -3.20 -67.61 -9.93
C THR F 74 -2.60 -67.66 -11.34
N GLU F 75 -1.64 -68.58 -11.50
CA GLU F 75 -1.03 -68.80 -12.82
C GLU F 75 -2.11 -69.03 -13.88
N LYS F 76 -3.07 -69.91 -13.58
CA LYS F 76 -4.01 -70.38 -14.59
C LYS F 76 -5.04 -69.32 -14.97
N ASP F 77 -5.34 -68.40 -14.05
CA ASP F 77 -6.43 -67.47 -14.25
C ASP F 77 -6.01 -66.26 -15.07
N GLU F 78 -6.88 -65.87 -16.01
CA GLU F 78 -6.69 -64.73 -16.89
C GLU F 78 -7.76 -63.68 -16.55
N TYR F 79 -7.33 -62.54 -16.00
CA TYR F 79 -8.22 -61.45 -15.64
C TYR F 79 -8.18 -60.40 -16.73
N ALA F 80 -9.31 -59.70 -16.92
CA ALA F 80 -9.37 -58.64 -17.92
C ALA F 80 -10.45 -57.61 -17.56
N CYS F 81 -10.42 -56.49 -18.27
CA CYS F 81 -11.44 -55.45 -18.14
C CYS F 81 -12.07 -55.27 -19.51
N ARG F 82 -13.40 -55.18 -19.55
CA ARG F 82 -14.14 -54.99 -20.80
C ARG F 82 -14.90 -53.67 -20.75
N VAL F 83 -14.86 -52.93 -21.86
CA VAL F 83 -15.35 -51.57 -21.86
C VAL F 83 -16.05 -51.29 -23.19
N ASN F 84 -17.21 -50.65 -23.14
CA ASN F 84 -17.86 -50.20 -24.36
C ASN F 84 -18.14 -48.69 -24.27
N HIS F 85 -18.07 -48.05 -25.44
CA HIS F 85 -18.18 -46.61 -25.56
C HIS F 85 -18.55 -46.31 -27.00
N VAL F 86 -19.24 -45.19 -27.19
CA VAL F 86 -19.62 -44.78 -28.54
C VAL F 86 -18.41 -44.74 -29.47
N THR F 87 -17.24 -44.40 -28.97
CA THR F 87 -16.10 -44.36 -29.89
C THR F 87 -15.70 -45.75 -30.36
N LEU F 88 -16.26 -46.80 -29.78
CA LEU F 88 -15.90 -48.17 -30.13
C LEU F 88 -17.05 -48.87 -30.85
N SER F 89 -16.74 -49.45 -32.00
CA SER F 89 -17.75 -50.23 -32.70
C SER F 89 -18.15 -51.46 -31.90
N GLN F 90 -17.20 -52.13 -31.26
CA GLN F 90 -17.47 -53.27 -30.39
C GLN F 90 -16.71 -53.14 -29.08
N PRO F 91 -17.13 -53.89 -28.05
CA PRO F 91 -16.51 -53.75 -26.73
C PRO F 91 -15.04 -54.14 -26.73
N LYS F 92 -14.25 -53.39 -25.98
CA LYS F 92 -12.82 -53.59 -25.88
C LYS F 92 -12.49 -54.37 -24.61
N ILE F 93 -11.82 -55.50 -24.78
CA ILE F 93 -11.38 -56.33 -23.67
C ILE F 93 -9.89 -56.11 -23.50
N VAL F 94 -9.51 -55.68 -22.30
CA VAL F 94 -8.11 -55.37 -22.01
C VAL F 94 -7.63 -56.32 -20.91
N LYS F 95 -6.53 -57.02 -21.19
CA LYS F 95 -6.06 -58.08 -20.28
C LYS F 95 -5.03 -57.54 -19.28
N TRP F 96 -5.20 -57.96 -18.04
CA TRP F 96 -4.23 -57.64 -16.99
C TRP F 96 -2.84 -58.10 -17.40
N ASP F 97 -1.82 -57.30 -17.08
CA ASP F 97 -0.49 -57.66 -17.51
C ASP F 97 0.24 -58.48 -16.45
N ARG F 98 -0.45 -58.85 -15.37
CA ARG F 98 0.12 -59.62 -14.25
C ARG F 98 1.29 -58.88 -13.61
N ASP F 99 1.08 -57.65 -13.15
CA ASP F 99 2.14 -56.82 -12.52
C ASP F 99 3.52 -57.20 -13.04
N MET F 100 3.67 -57.27 -14.36
CA MET F 100 5.01 -57.42 -14.96
C MET F 100 5.64 -56.04 -15.12
N GLY G 2 29.28 27.93 -9.80
CA GLY G 2 28.41 26.87 -10.30
C GLY G 2 29.06 25.50 -10.32
N GLN G 3 28.74 24.67 -9.32
CA GLN G 3 29.38 23.36 -9.20
C GLN G 3 28.70 22.39 -10.14
N ASN G 4 29.50 21.59 -10.83
CA ASN G 4 28.84 20.57 -11.61
C ASN G 4 29.77 19.37 -11.70
N ILE G 5 29.15 18.19 -11.79
CA ILE G 5 29.82 16.94 -12.08
C ILE G 5 29.20 16.43 -13.36
N ASP G 6 30.02 15.88 -14.26
CA ASP G 6 29.56 15.47 -15.57
C ASP G 6 30.10 14.07 -15.79
N GLN G 7 29.22 13.08 -15.96
CA GLN G 7 29.65 11.69 -16.24
C GLN G 7 28.88 11.21 -17.47
N PRO G 8 29.38 10.26 -18.26
CA PRO G 8 28.61 9.87 -19.46
C PRO G 8 27.34 9.12 -19.12
N THR G 9 26.34 9.32 -19.96
CA THR G 9 24.99 8.82 -19.71
C THR G 9 24.95 7.29 -19.69
N GLU G 10 25.60 6.64 -20.66
CA GLU G 10 25.50 5.21 -20.83
C GLU G 10 26.73 4.72 -21.59
N MET G 11 27.16 3.49 -21.26
CA MET G 11 28.29 2.87 -21.94
C MET G 11 28.00 1.39 -22.20
N THR G 12 28.50 0.88 -23.33
CA THR G 12 28.41 -0.54 -23.67
C THR G 12 29.80 -1.10 -23.90
N ALA G 13 30.12 -2.16 -23.18
CA ALA G 13 31.35 -2.92 -23.41
C ALA G 13 30.97 -4.40 -23.55
N THR G 14 31.95 -5.26 -23.78
CA THR G 14 31.70 -6.68 -23.96
C THR G 14 32.19 -7.47 -22.75
N GLU G 15 31.55 -8.61 -22.52
CA GLU G 15 31.93 -9.47 -21.42
C GLU G 15 33.40 -9.86 -21.55
N GLY G 16 34.10 -9.86 -20.42
CA GLY G 16 35.53 -10.14 -20.39
C GLY G 16 36.46 -9.00 -20.79
N ALA G 17 35.95 -7.87 -21.27
CA ALA G 17 36.80 -6.76 -21.69
C ALA G 17 37.02 -5.78 -20.53
N ILE G 18 37.79 -4.70 -20.80
CA ILE G 18 38.04 -3.60 -19.86
C ILE G 18 37.17 -2.41 -20.22
N VAL G 19 36.58 -1.76 -19.21
CA VAL G 19 35.85 -0.51 -19.44
C VAL G 19 36.30 0.58 -18.46
N GLN G 20 36.30 1.83 -18.94
CA GLN G 20 36.82 2.96 -18.15
C GLN G 20 35.82 4.11 -18.12
N ILE G 21 35.26 4.38 -16.95
CA ILE G 21 34.17 5.34 -16.79
C ILE G 21 34.76 6.66 -16.28
N ASN G 22 34.59 7.74 -17.05
CA ASN G 22 35.08 9.07 -16.70
C ASN G 22 34.14 9.85 -15.80
N CYS G 23 34.72 10.75 -15.02
CA CYS G 23 33.96 11.68 -14.19
CA CYS G 23 33.95 11.69 -14.22
C CYS G 23 34.77 12.97 -14.08
N THR G 24 34.26 14.08 -14.64
CA THR G 24 34.94 15.37 -14.53
C THR G 24 34.16 16.32 -13.63
N TYR G 25 34.86 17.09 -12.80
CA TYR G 25 34.15 17.97 -11.87
C TYR G 25 34.71 19.38 -11.85
N GLN G 26 33.81 20.36 -11.73
CA GLN G 26 34.11 21.77 -11.47
C GLN G 26 33.47 22.09 -10.11
N THR G 27 34.26 22.05 -9.03
CA THR G 27 33.70 22.32 -7.71
C THR G 27 34.33 23.53 -7.01
N SER G 28 33.61 23.97 -5.96
CA SER G 28 34.07 24.93 -4.95
C SER G 28 34.79 24.14 -3.88
N GLY G 29 36.09 23.91 -4.08
CA GLY G 29 36.89 23.14 -3.15
C GLY G 29 36.81 21.66 -3.43
N PHE G 30 37.61 20.88 -2.69
CA PHE G 30 37.68 19.46 -2.97
C PHE G 30 38.13 18.69 -1.75
N ASN G 31 37.26 17.81 -1.24
CA ASN G 31 37.60 16.97 -0.09
C ASN G 31 37.46 15.48 -0.40
N GLY G 32 37.53 15.08 -1.66
CA GLY G 32 37.33 13.69 -1.96
C GLY G 32 36.30 13.40 -3.02
N LEU G 33 36.55 12.34 -3.79
CA LEU G 33 35.70 11.90 -4.86
C LEU G 33 35.36 10.42 -4.64
N PHE G 34 34.06 10.11 -4.58
CA PHE G 34 33.58 8.75 -4.32
C PHE G 34 33.03 8.10 -5.58
N TRP G 35 33.09 6.77 -5.63
CA TRP G 35 32.36 5.99 -6.64
C TRP G 35 31.38 5.07 -5.94
N TYR G 36 30.14 5.06 -6.41
CA TYR G 36 29.10 4.17 -5.92
C TYR G 36 28.56 3.29 -7.05
N GLN G 37 28.07 2.11 -6.69
CA GLN G 37 27.45 1.18 -7.64
C GLN G 37 25.97 1.05 -7.31
N GLN G 38 25.12 1.14 -8.33
CA GLN G 38 23.66 1.03 -8.13
C GLN G 38 23.04 0.01 -9.10
N HIS G 39 22.80 -1.22 -8.67
CA HIS G 39 22.05 -2.16 -9.51
C HIS G 39 20.61 -1.70 -9.73
N ALA G 40 20.05 -2.02 -10.89
CA ALA G 40 18.71 -1.54 -11.21
C ALA G 40 17.71 -2.04 -10.16
N GLY G 41 16.82 -1.16 -9.73
CA GLY G 41 15.88 -1.49 -8.70
C GLY G 41 16.43 -1.52 -7.28
N GLU G 42 17.74 -1.32 -7.11
CA GLU G 42 18.35 -1.48 -5.77
C GLU G 42 18.99 -0.21 -5.22
N ALA G 43 19.75 -0.33 -4.11
CA ALA G 43 20.39 0.79 -3.42
C ALA G 43 21.85 0.99 -3.86
N PRO G 44 22.33 2.24 -3.96
CA PRO G 44 23.76 2.45 -4.26
C PRO G 44 24.64 1.92 -3.13
N THR G 45 25.76 1.31 -3.50
CA THR G 45 26.74 0.90 -2.49
C THR G 45 28.11 1.47 -2.82
N PHE G 46 28.88 1.72 -1.77
CA PHE G 46 30.18 2.35 -1.90
C PHE G 46 31.19 1.43 -2.61
N LEU G 47 31.86 1.97 -3.62
CA LEU G 47 32.95 1.28 -4.32
C LEU G 47 34.35 1.77 -3.90
N SER G 48 34.63 3.07 -3.98
CA SER G 48 36.01 3.54 -3.81
C SER G 48 36.02 5.02 -3.42
N TYR G 49 37.19 5.46 -2.96
CA TYR G 49 37.40 6.85 -2.55
C TYR G 49 38.81 7.31 -2.92
N ASN G 50 38.93 8.44 -3.61
CA ASN G 50 40.24 9.01 -3.90
C ASN G 50 40.31 10.46 -3.43
N VAL G 51 41.38 10.82 -2.73
CA VAL G 51 41.50 12.23 -2.36
C VAL G 51 42.85 12.80 -2.77
N LEU G 52 43.91 11.98 -2.82
CA LEU G 52 45.21 12.37 -3.38
C LEU G 52 45.31 11.95 -4.83
N ASP G 53 46.46 12.11 -5.44
CA ASP G 53 46.55 11.79 -6.84
C ASP G 53 47.09 10.38 -7.03
N GLY G 54 46.64 9.73 -8.09
CA GLY G 54 47.13 8.41 -8.38
C GLY G 54 45.99 7.43 -8.56
N LEU G 55 46.33 6.17 -8.46
CA LEU G 55 45.45 5.08 -8.82
C LEU G 55 45.40 4.12 -7.65
N GLU G 56 44.21 3.67 -7.26
CA GLU G 56 44.13 2.60 -6.28
C GLU G 56 43.37 1.38 -6.81
N GLU G 57 43.88 0.21 -6.45
CA GLU G 57 43.39 -1.07 -6.91
C GLU G 57 42.58 -1.74 -5.81
N LYS G 58 41.37 -2.18 -6.15
CA LYS G 58 40.52 -2.95 -5.25
C LYS G 58 39.92 -4.11 -6.05
N GLY G 59 40.63 -5.23 -6.08
CA GLY G 59 40.14 -6.37 -6.85
C GLY G 59 40.12 -6.07 -8.34
N ARG G 60 39.03 -6.47 -8.99
CA ARG G 60 38.82 -6.20 -10.40
C ARG G 60 38.57 -4.72 -10.70
N PHE G 61 38.43 -3.84 -9.69
CA PHE G 61 38.16 -2.45 -9.96
C PHE G 61 39.36 -1.62 -9.51
N SER G 62 39.75 -0.66 -10.33
CA SER G 62 40.69 0.41 -9.98
C SER G 62 40.03 1.78 -10.18
N SER G 63 40.45 2.74 -9.38
CA SER G 63 39.92 4.09 -9.51
C SER G 63 41.05 5.11 -9.46
N PHE G 64 41.01 6.07 -10.40
CA PHE G 64 42.09 7.04 -10.62
C PHE G 64 41.65 8.46 -10.28
N LEU G 65 42.60 9.32 -9.88
CA LEU G 65 42.30 10.71 -9.57
C LEU G 65 43.46 11.64 -9.93
N SER G 66 43.13 12.71 -10.68
CA SER G 66 44.00 13.85 -10.94
C SER G 66 43.29 15.09 -10.37
N ARG G 67 43.75 15.59 -9.22
CA ARG G 67 43.17 16.84 -8.71
C ARG G 67 43.44 18.01 -9.63
N SER G 68 44.65 18.06 -10.23
CA SER G 68 44.99 19.19 -11.07
C SER G 68 44.04 19.31 -12.25
N LYS G 69 43.57 18.16 -12.80
CA LYS G 69 42.72 18.14 -13.98
C LYS G 69 41.23 18.06 -13.68
N GLY G 70 40.83 17.89 -12.42
CA GLY G 70 39.42 17.63 -12.10
C GLY G 70 38.87 16.38 -12.79
N TYR G 71 39.44 15.23 -12.52
CA TYR G 71 39.18 14.08 -13.37
C TYR G 71 39.40 12.81 -12.56
N SER G 72 38.46 11.88 -12.67
CA SER G 72 38.62 10.57 -12.09
C SER G 72 38.01 9.55 -13.04
N TYR G 73 38.59 8.36 -13.08
CA TYR G 73 37.91 7.28 -13.75
C TYR G 73 37.84 6.08 -12.81
N LEU G 74 36.84 5.24 -13.08
CA LEU G 74 36.69 3.93 -12.52
C LEU G 74 36.98 2.95 -13.64
N LEU G 75 37.97 2.06 -13.43
CA LEU G 75 38.40 1.05 -14.40
C LEU G 75 37.93 -0.33 -13.95
N LEU G 76 37.05 -0.95 -14.73
CA LEU G 76 36.55 -2.30 -14.48
C LEU G 76 37.27 -3.26 -15.41
N LYS G 77 38.04 -4.20 -14.85
CA LYS G 77 38.79 -5.20 -15.60
C LYS G 77 37.96 -6.48 -15.68
N GLU G 78 38.21 -7.29 -16.71
CA GLU G 78 37.62 -8.62 -16.86
C GLU G 78 36.11 -8.61 -16.60
N LEU G 79 35.39 -7.92 -17.49
CA LEU G 79 33.98 -7.62 -17.28
C LEU G 79 33.13 -8.87 -17.12
N GLN G 80 32.10 -8.75 -16.29
CA GLN G 80 31.15 -9.82 -16.04
C GLN G 80 29.73 -9.25 -16.07
N MET G 81 28.75 -10.07 -16.47
CA MET G 81 27.38 -9.58 -16.54
C MET G 81 26.92 -8.96 -15.23
N LYS G 82 27.35 -9.49 -14.09
CA LYS G 82 26.96 -8.92 -12.79
C LYS G 82 27.49 -7.50 -12.61
N ASP G 83 28.28 -7.00 -13.56
CA ASP G 83 28.78 -5.63 -13.49
C ASP G 83 27.84 -4.65 -14.18
N SER G 84 26.74 -5.14 -14.76
CA SER G 84 25.74 -4.26 -15.35
C SER G 84 25.06 -3.51 -14.22
N ALA G 85 25.18 -2.20 -14.23
CA ALA G 85 24.55 -1.33 -13.24
C ALA G 85 24.81 0.09 -13.67
N SER G 86 24.32 1.04 -12.86
CA SER G 86 24.76 2.43 -12.93
C SER G 86 25.97 2.63 -12.01
N TYR G 87 26.87 3.49 -12.44
CA TYR G 87 28.01 3.91 -11.65
C TYR G 87 27.88 5.40 -11.42
N LEU G 88 27.87 5.79 -10.15
CA LEU G 88 27.64 7.16 -9.69
C LEU G 88 28.91 7.72 -9.06
N CYS G 89 29.33 8.88 -9.55
CA CYS G 89 30.47 9.61 -9.02
CA CYS G 89 30.46 9.56 -8.96
C CYS G 89 29.98 10.75 -8.13
N ALA G 90 30.65 10.98 -7.00
CA ALA G 90 30.29 12.07 -6.11
C ALA G 90 31.54 12.75 -5.54
N VAL G 91 31.48 14.08 -5.39
CA VAL G 91 32.62 14.90 -4.95
C VAL G 91 32.24 15.68 -3.70
N LYS G 92 33.04 15.56 -2.62
CA LYS G 92 32.90 16.49 -1.50
C LYS G 92 33.58 17.83 -1.78
N ASP G 93 32.81 18.91 -1.65
CA ASP G 93 33.25 20.27 -1.93
C ASP G 93 33.83 20.92 -0.67
N SER G 94 34.15 22.22 -0.75
CA SER G 94 34.84 22.91 0.34
C SER G 94 34.03 22.86 1.63
N ASN G 95 32.72 22.67 1.55
CA ASN G 95 31.86 22.63 2.73
C ASN G 95 31.40 21.20 3.08
N TYR G 96 32.07 20.19 2.57
CA TYR G 96 31.83 18.79 2.94
C TYR G 96 30.44 18.32 2.51
N GLN G 97 29.84 18.98 1.53
CA GLN G 97 28.56 18.56 1.03
C GLN G 97 28.73 17.92 -0.34
N LEU G 98 28.07 16.77 -0.51
CA LEU G 98 28.26 15.93 -1.68
C LEU G 98 27.53 16.50 -2.88
N ILE G 99 28.20 16.48 -4.02
CA ILE G 99 27.59 16.80 -5.30
C ILE G 99 27.64 15.55 -6.18
N TRP G 100 26.48 15.13 -6.70
CA TRP G 100 26.28 13.83 -7.34
C TRP G 100 26.22 13.96 -8.86
N GLY G 101 27.04 13.19 -9.55
CA GLY G 101 26.86 13.05 -10.97
C GLY G 101 25.60 12.28 -11.31
N ALA G 102 25.12 12.45 -12.55
CA ALA G 102 23.90 11.76 -12.97
C ALA G 102 24.05 10.23 -13.05
N GLY G 103 25.25 9.71 -13.21
CA GLY G 103 25.21 8.25 -13.23
C GLY G 103 25.55 7.73 -14.62
N THR G 104 26.28 6.63 -14.68
CA THR G 104 26.55 5.98 -15.95
C THR G 104 25.97 4.57 -15.93
N LYS G 105 25.04 4.31 -16.85
CA LYS G 105 24.52 2.97 -17.10
C LYS G 105 25.55 2.11 -17.82
N LEU G 106 26.02 1.03 -17.20
CA LEU G 106 26.94 0.11 -17.86
C LEU G 106 26.15 -1.12 -18.35
N ILE G 107 26.18 -1.33 -19.67
CA ILE G 107 25.53 -2.45 -20.34
C ILE G 107 26.62 -3.41 -20.79
N ILE G 108 26.43 -4.69 -20.51
CA ILE G 108 27.44 -5.73 -20.79
C ILE G 108 26.88 -6.67 -21.84
N LYS G 109 27.49 -6.67 -23.01
CA LYS G 109 27.15 -7.61 -24.08
C LYS G 109 27.69 -9.00 -23.74
N PRO G 110 26.85 -10.04 -23.64
CA PRO G 110 27.38 -11.39 -23.37
C PRO G 110 28.15 -11.97 -24.54
N ASP G 111 29.15 -12.78 -24.22
CA ASP G 111 29.95 -13.47 -25.24
C ASP G 111 29.21 -14.74 -25.66
N ILE G 112 28.52 -14.69 -26.81
CA ILE G 112 27.69 -15.81 -27.26
C ILE G 112 28.52 -16.72 -28.15
N GLN G 113 28.76 -17.92 -27.63
CA GLN G 113 29.75 -18.89 -28.10
C GLN G 113 29.23 -19.73 -29.27
N ASN G 114 27.96 -20.14 -29.23
CA ASN G 114 27.33 -20.96 -30.27
C ASN G 114 25.99 -20.33 -30.63
N PRO G 115 26.00 -19.25 -31.40
CA PRO G 115 24.72 -18.64 -31.79
C PRO G 115 23.86 -19.65 -32.55
N ASP G 116 22.55 -19.55 -32.32
CA ASP G 116 21.55 -20.37 -32.98
C ASP G 116 20.28 -19.54 -33.15
N PRO G 117 20.32 -18.38 -33.81
CA PRO G 117 19.14 -17.50 -33.82
C PRO G 117 17.90 -18.13 -34.43
N ALA G 118 16.75 -17.86 -33.78
CA ALA G 118 15.45 -18.38 -34.21
C ALA G 118 14.32 -17.58 -33.58
N VAL G 119 13.15 -17.66 -34.21
CA VAL G 119 11.90 -17.10 -33.73
C VAL G 119 10.91 -18.24 -33.53
N TYR G 120 10.39 -18.41 -32.32
CA TYR G 120 9.47 -19.48 -32.05
C TYR G 120 8.10 -18.94 -31.70
N GLN G 121 7.06 -19.65 -32.15
CA GLN G 121 5.66 -19.46 -31.73
C GLN G 121 5.48 -20.21 -30.41
N LEU G 122 5.03 -19.51 -29.37
CA LEU G 122 4.75 -20.20 -28.11
C LEU G 122 3.27 -20.59 -28.06
N ARG G 123 2.96 -21.59 -27.24
CA ARG G 123 1.59 -22.10 -27.22
C ARG G 123 0.67 -21.02 -26.66
N ASP G 124 -0.48 -20.81 -27.32
CA ASP G 124 -1.48 -19.88 -26.81
C ASP G 124 -1.83 -20.28 -25.39
N SER G 125 -2.38 -19.34 -24.62
CA SER G 125 -2.92 -19.64 -23.30
C SER G 125 -4.44 -19.60 -23.37
N LYS G 126 -5.12 -20.55 -22.71
CA LYS G 126 -6.57 -20.49 -22.78
C LYS G 126 -7.12 -19.26 -22.06
N SER G 127 -6.28 -18.56 -21.31
CA SER G 127 -6.71 -17.43 -20.51
C SER G 127 -6.30 -16.09 -21.12
N SER G 128 -5.87 -16.07 -22.37
CA SER G 128 -5.41 -14.83 -22.99
C SER G 128 -5.70 -14.86 -24.48
N ASP G 129 -5.95 -13.68 -25.05
CA ASP G 129 -6.20 -13.52 -26.48
C ASP G 129 -4.95 -13.21 -27.29
N LYS G 130 -3.78 -13.19 -26.67
CA LYS G 130 -2.56 -12.77 -27.34
C LYS G 130 -1.85 -13.96 -27.95
N SER G 131 -1.19 -13.73 -29.08
CA SER G 131 -0.18 -14.63 -29.62
C SER G 131 1.19 -14.11 -29.23
N VAL G 132 2.16 -15.03 -29.05
CA VAL G 132 3.44 -14.68 -28.44
C VAL G 132 4.62 -15.31 -29.18
N CYS G 133 5.53 -14.47 -29.68
CA CYS G 133 6.73 -14.89 -30.41
C CYS G 133 7.98 -14.63 -29.59
N LEU G 134 8.96 -15.51 -29.70
CA LEU G 134 10.21 -15.40 -28.96
C LEU G 134 11.36 -15.43 -29.96
N PHE G 135 12.05 -14.28 -30.10
CA PHE G 135 13.33 -14.22 -30.77
C PHE G 135 14.42 -14.58 -29.77
N THR G 136 15.27 -15.55 -30.10
CA THR G 136 16.13 -16.10 -29.06
C THR G 136 17.37 -16.73 -29.68
N ASP G 137 18.44 -16.79 -28.87
CA ASP G 137 19.70 -17.48 -29.16
C ASP G 137 20.62 -16.77 -30.16
N PHE G 138 20.50 -15.46 -30.32
CA PHE G 138 21.31 -14.70 -31.25
C PHE G 138 22.52 -14.08 -30.56
N ASP G 139 23.49 -13.67 -31.39
CA ASP G 139 24.74 -13.02 -30.97
C ASP G 139 24.48 -11.63 -30.41
N SER G 140 25.39 -11.18 -29.55
CA SER G 140 25.20 -9.87 -28.94
C SER G 140 25.23 -8.74 -29.97
N GLN G 141 25.71 -8.99 -31.19
CA GLN G 141 25.79 -7.91 -32.18
C GLN G 141 24.43 -7.52 -32.76
N THR G 142 23.37 -8.31 -32.53
CA THR G 142 22.02 -8.00 -33.00
C THR G 142 21.30 -7.01 -32.08
N ASN G 143 20.61 -6.03 -32.68
CA ASN G 143 19.76 -5.13 -31.92
C ASN G 143 18.30 -5.30 -32.32
N VAL G 144 17.41 -5.15 -31.33
CA VAL G 144 15.99 -5.45 -31.47
C VAL G 144 15.22 -4.13 -31.48
N SER G 145 14.42 -3.91 -32.52
CA SER G 145 13.73 -2.63 -32.66
C SER G 145 12.32 -2.70 -32.09
N GLN G 146 11.84 -1.54 -31.63
CA GLN G 146 10.49 -1.40 -31.12
C GLN G 146 9.48 -1.57 -32.25
N SER G 147 8.27 -1.98 -31.88
CA SER G 147 7.24 -2.26 -32.87
C SER G 147 6.86 -1.01 -33.66
N LYS G 148 6.53 -1.19 -34.93
CA LYS G 148 6.00 -0.11 -35.75
C LYS G 148 4.48 -0.09 -35.79
N ASP G 149 3.83 -1.27 -35.78
CA ASP G 149 2.37 -1.36 -35.65
C ASP G 149 1.96 -1.16 -34.20
N SER G 150 0.88 -0.38 -34.00
CA SER G 150 0.53 0.07 -32.67
C SER G 150 -0.02 -1.04 -31.79
N ASP G 151 -0.56 -2.10 -32.37
CA ASP G 151 -1.09 -3.21 -31.59
C ASP G 151 -0.11 -4.38 -31.51
N VAL G 152 1.11 -4.18 -31.97
CA VAL G 152 2.18 -5.13 -31.74
C VAL G 152 3.09 -4.51 -30.70
N TYR G 153 3.53 -5.31 -29.73
CA TYR G 153 4.42 -4.89 -28.66
C TYR G 153 5.64 -5.79 -28.70
N ILE G 154 6.84 -5.20 -28.58
CA ILE G 154 8.10 -5.90 -28.68
C ILE G 154 9.01 -5.42 -27.54
N THR G 155 9.44 -6.34 -26.71
CA THR G 155 10.36 -6.01 -25.65
C THR G 155 11.80 -5.94 -26.17
N ASP G 156 12.64 -5.18 -25.45
CA ASP G 156 14.04 -5.09 -25.77
C ASP G 156 14.74 -6.40 -25.37
N LYS G 157 16.03 -6.50 -25.70
CA LYS G 157 16.69 -7.76 -25.47
C LYS G 157 17.11 -7.91 -24.01
N CYS G 158 17.26 -9.15 -23.59
CA CYS G 158 17.42 -9.55 -22.20
C CYS G 158 18.27 -10.81 -22.20
N VAL G 159 19.18 -10.94 -21.24
CA VAL G 159 20.16 -12.03 -21.21
C VAL G 159 19.79 -12.98 -20.08
N LEU G 160 19.63 -14.26 -20.40
CA LEU G 160 19.34 -15.26 -19.38
CA LEU G 160 19.32 -15.30 -19.43
C LEU G 160 20.55 -16.17 -19.19
N ASP G 161 20.73 -16.61 -17.95
CA ASP G 161 21.86 -17.44 -17.57
C ASP G 161 21.30 -18.71 -16.93
N MET G 162 21.50 -19.85 -17.56
CA MET G 162 21.16 -21.13 -16.96
C MET G 162 22.45 -21.63 -16.30
N ARG G 163 22.60 -21.35 -15.01
CA ARG G 163 23.89 -21.62 -14.39
C ARG G 163 24.20 -23.11 -14.33
N SER G 164 23.19 -23.96 -14.34
CA SER G 164 23.43 -25.41 -14.28
C SER G 164 24.27 -25.88 -15.46
N MET G 165 24.05 -25.31 -16.65
CA MET G 165 24.78 -25.69 -17.85
C MET G 165 25.79 -24.64 -18.31
N ASP G 166 26.10 -23.66 -17.46
CA ASP G 166 26.96 -22.52 -17.81
C ASP G 166 26.69 -22.05 -19.23
N PHE G 167 25.45 -21.65 -19.43
CA PHE G 167 24.91 -21.30 -20.73
C PHE G 167 24.18 -19.97 -20.59
N LYS G 168 24.31 -19.12 -21.61
CA LYS G 168 23.74 -17.77 -21.63
C LYS G 168 23.08 -17.57 -22.98
N SER G 169 21.91 -16.95 -22.99
CA SER G 169 21.23 -16.69 -24.25
C SER G 169 20.57 -15.32 -24.22
N ASN G 170 20.55 -14.65 -25.37
CA ASN G 170 19.76 -13.45 -25.60
C ASN G 170 18.35 -13.79 -26.07
N SER G 171 17.40 -12.90 -25.77
CA SER G 171 16.02 -13.14 -26.15
C SER G 171 15.23 -11.85 -26.09
N ALA G 172 14.18 -11.80 -26.90
CA ALA G 172 13.23 -10.69 -26.94
C ALA G 172 11.87 -11.23 -27.35
N VAL G 173 10.81 -10.56 -26.89
CA VAL G 173 9.45 -11.08 -26.98
C VAL G 173 8.59 -10.13 -27.79
N ALA G 174 7.74 -10.69 -28.66
CA ALA G 174 6.77 -9.91 -29.41
C ALA G 174 5.38 -10.50 -29.20
N TRP G 175 4.36 -9.66 -29.04
CA TRP G 175 3.01 -10.19 -28.86
C TRP G 175 1.97 -9.21 -29.36
N SER G 176 0.76 -9.73 -29.54
CA SER G 176 -0.34 -8.96 -30.10
C SER G 176 -1.58 -9.85 -30.09
N ASN G 177 -2.74 -9.21 -30.06
CA ASN G 177 -3.99 -9.93 -30.28
C ASN G 177 -4.51 -9.74 -31.70
N LYS G 178 -3.69 -9.17 -32.60
CA LYS G 178 -4.15 -8.87 -33.95
C LYS G 178 -4.32 -10.15 -34.75
N SER G 179 -5.40 -10.21 -35.54
CA SER G 179 -5.63 -11.34 -36.43
C SER G 179 -4.44 -11.56 -37.37
N ASP G 180 -4.04 -10.51 -38.07
CA ASP G 180 -2.97 -10.63 -39.04
C ASP G 180 -1.62 -10.97 -38.40
N PHE G 181 -1.54 -11.17 -37.08
CA PHE G 181 -0.25 -11.28 -36.41
C PHE G 181 0.36 -12.67 -36.57
N ALA G 182 1.66 -12.72 -36.87
CA ALA G 182 2.39 -13.96 -37.07
C ALA G 182 3.82 -13.78 -36.56
N CYS G 183 4.45 -14.90 -36.21
CA CYS G 183 5.86 -14.80 -35.83
C CYS G 183 6.76 -14.55 -37.03
N ALA G 184 6.40 -15.06 -38.20
CA ALA G 184 7.26 -14.86 -39.36
C ALA G 184 7.44 -13.39 -39.67
N ASN G 185 6.57 -12.52 -39.13
CA ASN G 185 6.60 -11.10 -39.45
C ASN G 185 6.71 -10.23 -38.20
N ALA G 186 6.91 -10.82 -37.03
CA ALA G 186 6.89 -10.05 -35.77
C ALA G 186 8.07 -9.08 -35.68
N PHE G 187 9.28 -9.56 -35.99
CA PHE G 187 10.52 -8.78 -35.88
C PHE G 187 10.96 -8.23 -37.24
N ASN G 188 10.03 -7.82 -38.10
CA ASN G 188 10.36 -7.38 -39.44
C ASN G 188 10.87 -5.95 -39.49
N ASN G 189 10.82 -5.24 -38.37
CA ASN G 189 11.39 -3.91 -38.26
C ASN G 189 12.76 -3.95 -37.61
N SER G 190 13.36 -5.13 -37.50
CA SER G 190 14.66 -5.32 -36.87
C SER G 190 15.60 -5.99 -37.85
N ILE G 191 16.90 -5.71 -37.71
CA ILE G 191 17.94 -6.28 -38.57
C ILE G 191 18.41 -7.56 -37.88
N ILE G 192 17.74 -8.67 -38.20
CA ILE G 192 18.05 -9.99 -37.60
C ILE G 192 19.05 -10.76 -38.46
N PRO G 193 19.79 -11.72 -37.88
CA PRO G 193 20.75 -12.53 -38.64
C PRO G 193 20.09 -13.19 -39.85
N GLU G 194 20.81 -13.50 -40.91
CA GLU G 194 20.09 -14.04 -42.10
C GLU G 194 19.82 -15.54 -41.95
N ASP G 195 20.55 -16.21 -41.06
CA ASP G 195 20.43 -17.63 -40.88
C ASP G 195 19.39 -17.96 -39.81
N THR G 196 18.43 -17.06 -39.56
CA THR G 196 17.53 -17.24 -38.42
C THR G 196 16.53 -18.35 -38.67
N PHE G 197 16.40 -19.25 -37.72
CA PHE G 197 15.47 -20.36 -37.86
C PHE G 197 14.03 -19.88 -37.71
N PHE G 198 13.18 -20.22 -38.70
CA PHE G 198 11.73 -19.98 -38.68
C PHE G 198 11.04 -21.32 -38.87
N PRO G 199 10.72 -22.05 -37.79
CA PRO G 199 10.11 -23.38 -37.96
C PRO G 199 8.82 -23.28 -38.76
N SER G 200 8.53 -24.34 -39.53
CA SER G 200 7.28 -24.37 -40.28
C SER G 200 6.10 -24.19 -39.33
N PRO G 201 5.05 -23.48 -39.75
CA PRO G 201 4.04 -22.99 -38.80
C PRO G 201 2.92 -23.95 -38.43
N GLU G 202 2.84 -25.15 -39.01
CA GLU G 202 1.69 -26.04 -38.77
C GLU G 202 0.41 -25.45 -39.34
N ASN H 2 22.56 -6.69 12.61
CA ASN H 2 23.04 -5.98 11.44
C ASN H 2 21.98 -5.94 10.34
N ALA H 3 21.03 -5.01 10.50
CA ALA H 3 19.99 -4.81 9.52
C ALA H 3 20.38 -3.81 8.44
N GLY H 4 21.30 -2.88 8.77
CA GLY H 4 21.68 -1.80 7.88
C GLY H 4 20.67 -0.68 7.94
N VAL H 5 20.25 -0.14 6.80
CA VAL H 5 19.33 0.99 6.76
C VAL H 5 17.96 0.48 6.32
N THR H 6 16.98 0.50 7.23
CA THR H 6 15.65 -0.04 6.98
C THR H 6 14.68 1.11 6.79
N GLN H 7 14.16 1.28 5.57
CA GLN H 7 13.15 2.29 5.28
C GLN H 7 11.90 1.66 4.64
N THR H 8 10.75 2.28 4.89
CA THR H 8 9.44 1.82 4.44
C THR H 8 8.55 3.02 4.17
N PRO H 9 7.53 2.88 3.30
CA PRO H 9 7.18 1.70 2.51
C PRO H 9 8.04 1.55 1.26
N LYS H 10 8.08 0.38 0.64
CA LYS H 10 8.81 0.25 -0.61
C LYS H 10 8.04 0.81 -1.81
N PHE H 11 6.72 0.98 -1.73
CA PHE H 11 5.88 1.48 -2.82
C PHE H 11 4.71 2.29 -2.26
N GLN H 12 4.27 3.29 -3.00
CA GLN H 12 3.12 4.05 -2.52
C GLN H 12 2.50 4.82 -3.66
N VAL H 13 1.17 4.83 -3.68
CA VAL H 13 0.35 5.57 -4.64
C VAL H 13 -0.36 6.63 -3.82
N LEU H 14 -0.25 7.89 -4.24
CA LEU H 14 -0.89 8.97 -3.51
C LEU H 14 -1.71 9.81 -4.47
N LYS H 15 -2.73 10.43 -3.92
CA LYS H 15 -3.53 11.38 -4.68
C LYS H 15 -3.02 12.79 -4.37
N THR H 16 -3.20 13.71 -5.31
CA THR H 16 -2.74 15.08 -5.08
C THR H 16 -3.37 15.61 -3.80
N GLY H 17 -2.57 16.29 -2.99
CA GLY H 17 -3.08 16.89 -1.77
C GLY H 17 -3.05 16.01 -0.55
N GLN H 18 -2.66 14.74 -0.69
CA GLN H 18 -2.67 13.77 0.39
C GLN H 18 -1.37 13.79 1.19
N SER H 19 -1.39 13.16 2.37
CA SER H 19 -0.28 13.14 3.31
C SER H 19 0.39 11.77 3.35
N MET H 20 1.65 11.77 3.77
CA MET H 20 2.44 10.55 3.77
CA MET H 20 2.43 10.53 3.81
C MET H 20 3.72 10.78 4.56
N THR H 21 4.11 9.80 5.37
CA THR H 21 5.36 9.82 6.11
C THR H 21 6.21 8.64 5.66
N LEU H 22 7.50 8.86 5.45
CA LEU H 22 8.42 7.79 5.07
C LEU H 22 9.31 7.45 6.28
N GLN H 23 9.28 6.19 6.68
CA GLN H 23 10.03 5.71 7.83
C GLN H 23 11.48 5.42 7.44
N CYS H 24 12.40 5.68 8.36
CA CYS H 24 13.77 5.25 8.13
C CYS H 24 14.49 5.01 9.45
N ALA H 25 15.15 3.85 9.57
CA ALA H 25 15.90 3.49 10.76
C ALA H 25 17.22 2.86 10.34
N GLN H 26 18.22 3.01 11.20
CA GLN H 26 19.52 2.42 10.98
C GLN H 26 20.00 1.88 12.32
N ASP H 27 20.50 0.66 12.31
CA ASP H 27 20.91 -0.04 13.51
C ASP H 27 22.40 0.00 13.69
N MET H 28 23.08 0.89 12.98
CA MET H 28 24.54 0.90 12.92
C MET H 28 25.17 1.90 13.88
N ASN H 29 24.39 2.54 14.75
CA ASN H 29 24.90 3.54 15.69
C ASN H 29 25.56 4.71 14.96
N HIS H 30 25.07 5.03 13.77
CA HIS H 30 25.50 6.20 13.04
C HIS H 30 24.95 7.49 13.67
N ASN H 31 25.61 8.61 13.37
CA ASN H 31 25.15 9.91 13.83
C ASN H 31 24.44 10.72 12.74
N SER H 32 24.86 10.63 11.48
CA SER H 32 24.29 11.45 10.41
C SER H 32 23.32 10.64 9.56
N MET H 33 22.17 11.24 9.22
CA MET H 33 21.17 10.62 8.39
C MET H 33 20.62 11.62 7.37
N TYR H 34 20.29 11.10 6.21
CA TYR H 34 19.99 11.87 5.02
C TYR H 34 18.73 11.34 4.35
N TRP H 35 18.06 12.23 3.62
CA TRP H 35 16.91 11.87 2.79
C TRP H 35 17.14 12.40 1.38
N TYR H 36 17.28 11.50 0.42
CA TYR H 36 17.62 11.86 -0.95
C TYR H 36 16.47 11.53 -1.88
N ARG H 37 16.51 12.14 -3.05
CA ARG H 37 15.46 12.03 -4.04
C ARG H 37 16.12 11.77 -5.38
N GLN H 38 15.85 10.61 -5.97
CA GLN H 38 16.45 10.21 -7.24
C GLN H 38 15.42 10.38 -8.36
N ASP H 39 15.83 11.02 -9.45
CA ASP H 39 14.99 11.30 -10.59
C ASP H 39 15.76 11.02 -11.88
N PRO H 40 15.07 10.64 -12.93
CA PRO H 40 15.79 10.27 -14.17
C PRO H 40 16.58 11.44 -14.72
N GLY H 41 17.83 11.16 -15.13
CA GLY H 41 18.69 12.12 -15.77
C GLY H 41 19.34 13.15 -14.87
N MET H 42 19.24 13.00 -13.55
CA MET H 42 19.82 13.93 -12.61
C MET H 42 20.58 13.14 -11.56
N GLY H 43 21.63 13.75 -11.02
CA GLY H 43 22.23 13.23 -9.82
C GLY H 43 21.27 13.34 -8.64
N LEU H 44 21.54 12.54 -7.61
CA LEU H 44 20.79 12.57 -6.38
C LEU H 44 20.67 13.99 -5.85
N ARG H 45 19.66 14.27 -5.05
CA ARG H 45 19.42 15.61 -4.56
C ARG H 45 18.99 15.49 -3.11
N LEU H 46 19.70 16.19 -2.23
CA LEU H 46 19.42 16.13 -0.80
C LEU H 46 18.18 16.95 -0.44
N ILE H 47 17.27 16.36 0.34
CA ILE H 47 16.05 17.05 0.79
C ILE H 47 16.22 17.67 2.17
N TYR H 48 16.57 16.86 3.16
CA TYR H 48 16.91 17.30 4.51
C TYR H 48 18.03 16.39 5.02
N TYR H 49 18.79 16.87 6.00
CA TYR H 49 19.83 16.03 6.58
C TYR H 49 19.86 16.26 8.08
N SER H 50 20.50 15.32 8.79
CA SER H 50 20.62 15.35 10.25
C SER H 50 22.07 14.99 10.61
N ALA H 51 22.84 16.04 10.95
CA ALA H 51 24.27 15.90 11.24
C ALA H 51 24.51 15.04 12.47
N SER H 52 23.65 15.19 13.48
CA SER H 52 23.72 14.39 14.69
CA SER H 52 23.73 14.45 14.72
C SER H 52 22.33 14.39 15.29
N GLU H 53 22.13 13.51 16.25
CA GLU H 53 20.85 13.53 16.95
C GLU H 53 20.73 14.86 17.68
N GLY H 54 19.65 15.58 17.43
CA GLY H 54 19.43 16.90 18.01
C GLY H 54 19.47 18.06 17.03
N THR H 55 19.64 17.82 15.74
CA THR H 55 19.71 18.90 14.77
C THR H 55 19.35 18.35 13.39
N THR H 56 18.56 19.14 12.65
CA THR H 56 18.29 18.88 11.24
C THR H 56 18.44 20.20 10.50
N ASP H 57 18.64 20.10 9.19
CA ASP H 57 18.68 21.28 8.33
C ASP H 57 18.34 20.88 6.90
N LYS H 58 17.93 21.88 6.13
CA LYS H 58 17.47 21.66 4.77
C LYS H 58 18.63 21.28 3.85
N GLY H 59 18.28 20.92 2.64
CA GLY H 59 19.25 20.52 1.64
C GLY H 59 19.02 21.36 0.41
N GLU H 60 19.13 20.72 -0.75
CA GLU H 60 18.97 21.44 -2.01
C GLU H 60 17.51 21.64 -2.40
N VAL H 61 16.60 20.79 -1.93
CA VAL H 61 15.23 20.74 -2.43
C VAL H 61 14.28 20.48 -1.28
N PRO H 62 14.17 21.38 -0.30
CA PRO H 62 13.32 21.10 0.87
C PRO H 62 11.87 21.47 0.73
N ASN H 63 11.50 22.27 -0.26
CA ASN H 63 10.14 22.78 -0.32
C ASN H 63 9.18 21.64 -0.61
N GLY H 64 8.06 21.62 0.11
CA GLY H 64 7.14 20.51 0.05
C GLY H 64 7.46 19.34 0.95
N TYR H 65 8.50 19.43 1.79
CA TYR H 65 8.85 18.34 2.69
C TYR H 65 9.19 18.90 4.06
N ASN H 66 9.22 18.01 5.04
CA ASN H 66 9.71 18.33 6.38
C ASN H 66 10.06 17.01 7.06
N VAL H 67 10.82 17.10 8.15
CA VAL H 67 11.48 15.91 8.71
C VAL H 67 11.53 15.99 10.23
N SER H 68 11.82 14.86 10.85
CA SER H 68 11.91 14.74 12.30
C SER H 68 12.99 13.72 12.61
N ARG H 69 14.06 14.14 13.28
CA ARG H 69 15.06 13.20 13.78
C ARG H 69 14.55 12.74 15.15
N LEU H 70 13.76 11.67 15.13
CA LEU H 70 13.02 11.26 16.31
C LEU H 70 13.96 10.87 17.45
N ASN H 71 15.06 10.19 17.10
CA ASN H 71 16.07 9.75 18.06
C ASN H 71 17.35 9.45 17.27
N LYS H 72 18.28 8.72 17.88
CA LYS H 72 19.51 8.45 17.18
C LYS H 72 19.26 7.49 16.02
N ARG H 73 18.27 6.60 16.12
CA ARG H 73 18.05 5.57 15.10
C ARG H 73 17.23 6.05 13.90
N GLU H 74 16.24 6.91 14.10
CA GLU H 74 15.21 7.10 13.10
C GLU H 74 15.15 8.55 12.61
N PHE H 75 14.78 8.68 11.32
CA PHE H 75 14.78 9.95 10.62
C PHE H 75 13.65 9.88 9.58
N SER H 76 12.54 10.55 9.87
CA SER H 76 11.34 10.43 9.06
C SER H 76 11.14 11.63 8.15
N LEU H 77 10.74 11.36 6.91
CA LEU H 77 10.50 12.38 5.90
C LEU H 77 9.00 12.48 5.68
N ARG H 78 8.47 13.70 5.67
CA ARG H 78 7.03 13.92 5.65
C ARG H 78 6.66 14.84 4.49
N LEU H 79 5.86 14.31 3.56
CA LEU H 79 5.12 15.13 2.61
C LEU H 79 3.82 15.52 3.28
N GLU H 80 3.32 16.72 3.02
CA GLU H 80 2.10 17.11 3.69
C GLU H 80 0.98 17.53 2.76
N SER H 81 1.28 17.92 1.52
CA SER H 81 0.28 18.05 0.47
C SER H 81 0.96 17.47 -0.76
N ALA H 82 0.79 16.16 -0.96
CA ALA H 82 1.48 15.48 -2.04
C ALA H 82 1.16 16.17 -3.36
N ALA H 83 2.15 16.22 -4.23
CA ALA H 83 2.03 16.89 -5.52
C ALA H 83 2.66 16.03 -6.60
N PRO H 84 2.16 16.12 -7.82
CA PRO H 84 2.70 15.29 -8.91
C PRO H 84 4.21 15.36 -9.05
N SER H 85 4.82 16.54 -8.93
CA SER H 85 6.26 16.65 -9.08
C SER H 85 7.01 15.92 -8.00
N GLN H 86 6.34 15.51 -6.91
CA GLN H 86 7.00 14.73 -5.86
C GLN H 86 7.07 13.24 -6.19
N THR H 87 6.42 12.79 -7.28
CA THR H 87 6.61 11.45 -7.79
C THR H 87 8.08 11.20 -8.07
N SER H 88 8.66 10.23 -7.36
CA SER H 88 10.11 10.05 -7.32
C SER H 88 10.42 8.82 -6.48
N VAL H 89 11.66 8.34 -6.56
CA VAL H 89 12.18 7.31 -5.65
C VAL H 89 12.99 8.02 -4.56
N TYR H 90 12.71 7.67 -3.29
CA TYR H 90 13.36 8.29 -2.13
C TYR H 90 14.28 7.31 -1.40
N PHE H 91 15.50 7.74 -1.14
CA PHE H 91 16.51 6.93 -0.49
C PHE H 91 16.96 7.60 0.80
N CYS H 92 16.79 6.91 1.93
CA CYS H 92 17.35 7.30 3.21
CA CYS H 92 17.38 7.38 3.16
C CYS H 92 18.76 6.76 3.34
N ALA H 93 19.66 7.53 3.98
CA ALA H 93 21.06 7.14 4.08
C ALA H 93 21.64 7.60 5.41
N SER H 94 22.80 7.02 5.77
CA SER H 94 23.44 7.32 7.04
C SER H 94 24.95 7.12 6.94
N SER H 95 25.68 7.92 7.72
CA SER H 95 27.12 7.79 7.89
C SER H 95 27.46 7.93 9.36
N VAL H 96 28.65 7.44 9.72
CA VAL H 96 29.10 7.47 11.12
C VAL H 96 29.12 8.90 11.66
N TRP H 97 29.77 9.79 10.92
CA TRP H 97 29.72 11.22 11.19
C TRP H 97 29.50 11.96 9.88
N THR H 98 29.22 13.24 9.98
CA THR H 98 29.20 14.12 8.84
C THR H 98 30.23 15.21 9.10
N GLY H 99 30.92 15.64 8.06
CA GLY H 99 32.03 16.55 8.23
C GLY H 99 33.37 15.86 8.34
N GLU H 100 33.37 14.54 8.58
CA GLU H 100 34.53 13.73 8.21
C GLU H 100 34.73 13.76 6.70
N GLY H 101 35.90 13.30 6.25
CA GLY H 101 36.19 13.43 4.85
C GLY H 101 35.92 12.20 4.02
N SER H 102 36.33 11.05 4.55
CA SER H 102 36.37 9.79 3.82
C SER H 102 35.17 8.89 4.10
N GLY H 103 34.27 9.30 4.98
CA GLY H 103 33.19 8.42 5.40
C GLY H 103 32.21 8.19 4.27
N GLU H 104 31.89 6.92 4.03
CA GLU H 104 30.95 6.62 2.97
C GLU H 104 29.52 6.72 3.49
N LEU H 105 28.57 6.78 2.57
CA LEU H 105 27.16 6.72 2.89
C LEU H 105 26.61 5.29 2.78
N PHE H 106 25.71 4.92 3.71
CA PHE H 106 25.05 3.61 3.70
C PHE H 106 23.57 3.82 3.37
N PHE H 107 23.09 3.21 2.29
CA PHE H 107 21.77 3.53 1.77
C PHE H 107 20.71 2.49 2.16
N GLY H 108 19.46 2.97 2.29
CA GLY H 108 18.30 2.12 2.38
C GLY H 108 17.87 1.59 1.01
N GLU H 109 16.83 0.76 1.00
CA GLU H 109 16.44 0.09 -0.23
C GLU H 109 15.68 0.98 -1.22
N GLY H 110 15.28 2.17 -0.82
CA GLY H 110 14.52 3.07 -1.67
C GLY H 110 13.03 2.97 -1.41
N SER H 111 12.31 4.08 -1.68
CA SER H 111 10.86 4.15 -1.52
C SER H 111 10.27 4.84 -2.74
N ARG H 112 9.33 4.18 -3.40
CA ARG H 112 8.84 4.70 -4.67
C ARG H 112 7.40 5.14 -4.61
N LEU H 113 7.23 6.42 -4.87
CA LEU H 113 6.00 7.18 -4.73
C LEU H 113 5.56 7.67 -6.09
N THR H 114 4.29 7.47 -6.40
CA THR H 114 3.70 8.08 -7.57
C THR H 114 2.56 8.94 -7.06
N VAL H 115 2.55 10.21 -7.47
CA VAL H 115 1.50 11.14 -7.08
C VAL H 115 0.65 11.47 -8.29
N LEU H 116 -0.67 11.28 -8.13
CA LEU H 116 -1.64 11.30 -9.23
C LEU H 116 -2.77 12.30 -8.95
N GLU H 117 -3.21 12.98 -10.00
CA GLU H 117 -4.38 13.86 -9.87
C GLU H 117 -5.64 13.06 -9.51
N ASP H 118 -5.92 12.00 -10.27
CA ASP H 118 -7.03 11.09 -10.05
C ASP H 118 -6.49 9.69 -9.81
N LEU H 119 -7.26 8.85 -9.13
CA LEU H 119 -6.91 7.44 -9.04
C LEU H 119 -7.57 6.63 -10.15
N LYS H 120 -8.40 7.25 -10.98
CA LYS H 120 -9.07 6.49 -12.03
C LYS H 120 -8.13 6.00 -13.04
N ASN H 121 -6.81 6.03 -12.85
CA ASN H 121 -5.88 5.49 -13.83
C ASN H 121 -5.10 4.31 -13.28
N VAL H 122 -5.25 4.01 -12.00
CA VAL H 122 -4.62 2.85 -11.37
C VAL H 122 -5.23 1.55 -11.88
N PHE H 123 -4.35 0.59 -12.21
CA PHE H 123 -4.75 -0.68 -12.78
C PHE H 123 -3.84 -1.80 -12.30
N PRO H 124 -4.39 -2.93 -11.89
CA PRO H 124 -3.55 -4.10 -11.64
C PRO H 124 -3.16 -4.77 -12.94
N PRO H 125 -2.13 -5.61 -12.92
CA PRO H 125 -1.67 -6.24 -14.17
C PRO H 125 -2.46 -7.49 -14.50
N GLU H 126 -2.75 -7.66 -15.78
CA GLU H 126 -3.17 -8.97 -16.27
C GLU H 126 -1.91 -9.80 -16.46
N VAL H 127 -1.92 -11.04 -15.99
CA VAL H 127 -0.77 -11.93 -16.03
C VAL H 127 -1.16 -13.18 -16.78
N ALA H 128 -0.35 -13.57 -17.76
CA ALA H 128 -0.60 -14.76 -18.56
C ALA H 128 0.71 -15.52 -18.69
N VAL H 129 0.62 -16.85 -18.82
CA VAL H 129 1.78 -17.71 -18.97
C VAL H 129 1.65 -18.47 -20.29
N PHE H 130 2.71 -18.47 -21.08
CA PHE H 130 2.75 -19.13 -22.38
C PHE H 130 3.80 -20.24 -22.35
N GLU H 131 3.51 -21.39 -23.02
CA GLU H 131 4.33 -22.57 -22.82
C GLU H 131 5.31 -22.80 -23.96
N PRO H 132 6.38 -23.55 -23.71
CA PRO H 132 7.48 -23.67 -24.68
C PRO H 132 7.04 -24.16 -26.06
N SER H 133 7.69 -23.59 -27.07
CA SER H 133 7.60 -24.05 -28.44
C SER H 133 8.14 -25.46 -28.54
N GLU H 134 7.34 -26.36 -29.12
CA GLU H 134 7.85 -27.69 -29.43
C GLU H 134 9.01 -27.61 -30.42
N ALA H 135 8.94 -26.67 -31.37
CA ALA H 135 10.04 -26.49 -32.31
C ALA H 135 11.34 -26.21 -31.54
N GLU H 136 11.27 -25.42 -30.48
CA GLU H 136 12.44 -25.08 -29.68
C GLU H 136 13.05 -26.31 -29.02
N ILE H 137 12.23 -27.12 -28.36
CA ILE H 137 12.70 -28.34 -27.69
C ILE H 137 13.44 -29.25 -28.66
N SER H 138 12.91 -29.44 -29.87
CA SER H 138 13.58 -30.30 -30.84
C SER H 138 14.90 -29.70 -31.29
N HIS H 139 14.92 -28.40 -31.54
CA HIS H 139 16.10 -27.76 -32.08
C HIS H 139 17.19 -27.59 -31.02
N THR H 140 16.85 -27.24 -29.78
CA THR H 140 17.88 -26.84 -28.83
C THR H 140 17.92 -27.67 -27.58
N GLN H 141 16.92 -28.53 -27.35
CA GLN H 141 16.85 -29.39 -26.17
C GLN H 141 16.63 -28.58 -24.90
N LYS H 142 15.99 -27.42 -25.03
CA LYS H 142 15.71 -26.49 -23.94
C LYS H 142 14.31 -25.92 -24.14
N ALA H 143 13.64 -25.58 -23.04
CA ALA H 143 12.27 -25.07 -23.09
C ALA H 143 12.17 -23.72 -22.40
N THR H 144 11.64 -22.72 -23.12
CA THR H 144 11.49 -21.35 -22.59
C THR H 144 9.99 -21.10 -22.41
N LEU H 145 9.54 -21.05 -21.15
CA LEU H 145 8.28 -20.40 -20.77
C LEU H 145 8.41 -18.88 -20.73
N VAL H 146 7.31 -18.17 -21.00
CA VAL H 146 7.25 -16.72 -21.01
C VAL H 146 6.05 -16.25 -20.19
N CYS H 147 6.25 -15.20 -19.41
CA CYS H 147 5.17 -14.57 -18.64
C CYS H 147 4.99 -13.12 -19.08
N LEU H 148 3.76 -12.73 -19.37
CA LEU H 148 3.45 -11.36 -19.73
C LEU H 148 2.51 -10.76 -18.69
N ALA H 149 2.89 -9.60 -18.17
CA ALA H 149 2.09 -8.79 -17.25
C ALA H 149 1.74 -7.50 -17.97
N THR H 150 0.47 -7.28 -18.29
CA THR H 150 0.08 -6.22 -19.20
C THR H 150 -0.97 -5.31 -18.60
N GLY H 151 -0.96 -4.05 -19.04
CA GLY H 151 -1.93 -3.04 -18.64
C GLY H 151 -1.92 -2.61 -17.19
N PHE H 152 -0.75 -2.55 -16.56
CA PHE H 152 -0.72 -2.04 -15.18
C PHE H 152 -0.26 -0.58 -15.13
N TYR H 153 -0.61 0.09 -14.01
CA TYR H 153 -0.29 1.49 -13.71
C TYR H 153 -0.65 1.82 -12.27
N PRO H 154 0.24 2.45 -11.50
CA PRO H 154 1.62 2.85 -11.79
C PRO H 154 2.54 1.64 -11.98
N ASP H 155 3.83 1.91 -12.20
CA ASP H 155 4.83 0.86 -12.40
C ASP H 155 5.37 0.37 -11.06
N HIS H 156 4.51 -0.29 -10.29
CA HIS H 156 4.86 -0.81 -8.96
C HIS H 156 4.60 -2.33 -8.92
N VAL H 157 5.53 -3.11 -9.49
CA VAL H 157 5.36 -4.55 -9.63
C VAL H 157 6.64 -5.27 -9.28
N GLU H 158 6.49 -6.51 -8.81
CA GLU H 158 7.59 -7.43 -8.57
C GLU H 158 7.19 -8.77 -9.14
N LEU H 159 7.91 -9.23 -10.16
CA LEU H 159 7.62 -10.48 -10.85
C LEU H 159 8.60 -11.54 -10.40
N SER H 160 8.10 -12.65 -9.87
CA SER H 160 8.91 -13.80 -9.52
C SER H 160 8.35 -15.04 -10.21
N TRP H 161 9.21 -16.03 -10.39
CA TRP H 161 8.83 -17.34 -10.92
C TRP H 161 8.86 -18.33 -9.78
N TRP H 162 7.92 -19.26 -9.78
CA TRP H 162 7.89 -20.29 -8.75
C TRP H 162 7.86 -21.65 -9.45
N VAL H 163 8.79 -22.52 -9.07
CA VAL H 163 8.91 -23.85 -9.66
C VAL H 163 8.74 -24.85 -8.54
N ASN H 164 7.70 -25.68 -8.63
CA ASN H 164 7.42 -26.66 -7.59
C ASN H 164 7.30 -25.97 -6.24
N GLY H 165 6.70 -24.78 -6.25
CA GLY H 165 6.35 -24.12 -5.01
C GLY H 165 7.47 -23.37 -4.33
N LYS H 166 8.63 -23.25 -4.99
CA LYS H 166 9.78 -22.54 -4.46
C LYS H 166 10.25 -21.53 -5.52
N GLU H 167 10.62 -20.34 -5.06
CA GLU H 167 11.07 -19.29 -5.96
C GLU H 167 12.39 -19.68 -6.63
N VAL H 168 12.56 -19.24 -7.87
CA VAL H 168 13.75 -19.61 -8.64
C VAL H 168 14.28 -18.36 -9.33
N HIS H 169 15.57 -18.34 -9.52
CA HIS H 169 16.21 -17.24 -10.21
C HIS H 169 17.10 -17.72 -11.32
N SER H 170 17.75 -18.86 -11.14
CA SER H 170 18.47 -19.48 -12.23
C SER H 170 17.53 -19.69 -13.40
N GLY H 171 17.90 -19.12 -14.54
CA GLY H 171 17.19 -19.30 -15.78
C GLY H 171 16.18 -18.22 -16.11
N VAL H 172 16.04 -17.18 -15.28
CA VAL H 172 15.04 -16.13 -15.42
C VAL H 172 15.67 -14.95 -16.12
N CYS H 173 14.91 -14.24 -16.94
CA CYS H 173 15.30 -12.90 -17.34
C CYS H 173 14.00 -12.13 -17.45
N THR H 174 13.82 -11.13 -16.57
CA THR H 174 12.71 -10.21 -16.60
C THR H 174 13.21 -8.88 -17.13
N ASP H 175 12.34 -8.14 -17.80
CA ASP H 175 12.75 -6.85 -18.36
C ASP H 175 13.27 -5.93 -17.25
N PRO H 176 14.39 -5.24 -17.48
CA PRO H 176 14.84 -4.27 -16.47
C PRO H 176 13.96 -3.05 -16.40
N GLN H 177 13.47 -2.55 -17.54
CA GLN H 177 12.50 -1.46 -17.61
C GLN H 177 11.17 -1.92 -18.23
N PRO H 178 10.04 -1.42 -17.76
CA PRO H 178 8.75 -1.82 -18.35
C PRO H 178 8.50 -1.10 -19.65
N LEU H 179 7.53 -1.62 -20.39
CA LEU H 179 7.17 -1.11 -21.70
C LEU H 179 5.91 -0.27 -21.60
N LYS H 180 5.98 0.99 -22.02
CA LYS H 180 4.76 1.81 -22.10
C LYS H 180 3.91 1.31 -23.26
N GLU H 181 2.69 0.87 -22.96
CA GLU H 181 1.83 0.28 -23.99
C GLU H 181 1.36 1.31 -25.02
N GLN H 182 1.58 2.59 -24.76
CA GLN H 182 1.23 3.66 -25.70
C GLN H 182 2.22 4.79 -25.45
N PRO H 183 3.37 4.76 -26.11
CA PRO H 183 4.47 5.69 -25.75
C PRO H 183 4.07 7.15 -25.71
N ALA H 184 3.18 7.60 -26.61
CA ALA H 184 2.85 9.02 -26.70
C ALA H 184 2.22 9.57 -25.42
N LEU H 185 1.58 8.72 -24.61
CA LEU H 185 0.78 9.20 -23.48
C LEU H 185 1.63 9.30 -22.21
N ASN H 186 1.47 10.44 -21.51
CA ASN H 186 2.16 10.68 -20.25
C ASN H 186 1.69 9.76 -19.13
N ASP H 187 0.52 9.11 -19.30
CA ASP H 187 -0.03 8.19 -18.31
C ASP H 187 -0.29 6.79 -18.89
N SER H 188 0.33 6.46 -20.01
CA SER H 188 0.14 5.15 -20.63
C SER H 188 0.34 4.03 -19.61
N ARG H 189 -0.29 2.90 -19.88
CA ARG H 189 -0.08 1.73 -19.04
C ARG H 189 1.11 0.92 -19.55
N TYR H 190 1.50 -0.07 -18.75
CA TYR H 190 2.78 -0.73 -18.91
C TYR H 190 2.59 -2.21 -19.22
N ALA H 191 3.59 -2.76 -19.91
CA ALA H 191 3.76 -4.19 -20.05
C ALA H 191 5.16 -4.53 -19.58
N LEU H 192 5.34 -5.79 -19.19
CA LEU H 192 6.58 -6.29 -18.61
C LEU H 192 6.65 -7.75 -19.01
N SER H 193 7.78 -8.21 -19.53
CA SER H 193 7.89 -9.62 -19.90
C SER H 193 9.00 -10.29 -19.09
N SER H 194 8.88 -11.60 -18.95
CA SER H 194 9.85 -12.37 -18.20
C SER H 194 9.90 -13.77 -18.80
N ARG H 195 11.01 -14.46 -18.57
CA ARG H 195 11.40 -15.63 -19.35
C ARG H 195 12.01 -16.63 -18.40
N LEU H 196 11.57 -17.88 -18.48
CA LEU H 196 12.21 -18.94 -17.71
C LEU H 196 12.65 -19.99 -18.74
N ARG H 197 13.93 -20.27 -18.81
CA ARG H 197 14.39 -21.32 -19.70
C ARG H 197 14.86 -22.49 -18.83
N VAL H 198 14.34 -23.69 -19.13
CA VAL H 198 14.71 -24.93 -18.44
C VAL H 198 15.03 -25.98 -19.49
N SER H 199 15.77 -27.00 -19.07
CA SER H 199 16.09 -28.11 -19.97
C SER H 199 14.82 -28.84 -20.45
N ALA H 200 14.87 -29.35 -21.68
CA ALA H 200 13.77 -30.14 -22.19
C ALA H 200 13.39 -31.25 -21.19
N THR H 201 14.39 -31.90 -20.59
CA THR H 201 14.10 -32.97 -19.65
C THR H 201 13.25 -32.48 -18.48
N PHE H 202 13.60 -31.32 -17.90
CA PHE H 202 12.85 -30.79 -16.77
C PHE H 202 11.42 -30.42 -17.16
N TRP H 203 11.23 -29.89 -18.37
CA TRP H 203 9.91 -29.52 -18.87
C TRP H 203 9.07 -30.75 -19.16
N GLN H 204 9.69 -31.86 -19.48
CA GLN H 204 8.93 -33.02 -19.95
C GLN H 204 8.53 -33.97 -18.82
N ASN H 205 8.85 -33.63 -17.57
CA ASN H 205 8.30 -34.35 -16.41
C ASN H 205 6.94 -33.75 -16.04
N PRO H 206 5.85 -34.53 -16.04
CA PRO H 206 4.50 -33.96 -15.95
C PRO H 206 4.06 -33.50 -14.56
N ARG H 207 4.82 -33.74 -13.49
CA ARG H 207 4.53 -33.28 -12.13
C ARG H 207 5.25 -31.96 -11.80
N ASN H 208 6.03 -31.43 -12.73
CA ASN H 208 6.73 -30.18 -12.53
C ASN H 208 5.75 -29.04 -12.77
N HIS H 209 5.69 -28.11 -11.82
CA HIS H 209 4.66 -27.07 -11.83
C HIS H 209 5.33 -25.70 -11.83
N PHE H 210 4.94 -24.83 -12.77
CA PHE H 210 5.50 -23.51 -12.98
C PHE H 210 4.44 -22.44 -12.72
N ARG H 211 4.81 -21.36 -12.04
CA ARG H 211 3.87 -20.29 -11.75
C ARG H 211 4.58 -18.95 -11.83
N CYS H 212 3.98 -18.00 -12.55
CA CYS H 212 4.52 -16.65 -12.64
CA CYS H 212 4.52 -16.65 -12.64
CA CYS H 212 4.55 -16.65 -12.62
C CYS H 212 3.64 -15.71 -11.84
N GLN H 213 4.26 -14.93 -10.98
CA GLN H 213 3.58 -14.17 -9.94
C GLN H 213 3.96 -12.71 -9.98
N VAL H 214 2.97 -11.83 -9.97
CA VAL H 214 3.25 -10.39 -9.98
C VAL H 214 2.61 -9.79 -8.76
N GLN H 215 3.42 -9.15 -7.93
CA GLN H 215 2.91 -8.45 -6.77
C GLN H 215 2.74 -6.99 -7.20
N PHE H 216 1.51 -6.51 -7.17
CA PHE H 216 1.19 -5.13 -7.53
C PHE H 216 0.86 -4.35 -6.25
N TYR H 217 1.48 -3.19 -6.08
CA TYR H 217 1.21 -2.32 -4.96
C TYR H 217 0.34 -1.17 -5.45
N GLY H 218 -0.89 -1.10 -4.94
CA GLY H 218 -1.85 -0.11 -5.42
C GLY H 218 -2.59 0.51 -4.26
N LEU H 219 -3.92 0.57 -4.32
CA LEU H 219 -4.74 1.26 -3.35
C LEU H 219 -4.87 0.47 -2.04
N SER H 220 -5.47 1.09 -1.03
CA SER H 220 -5.65 0.48 0.29
C SER H 220 -7.06 0.78 0.79
N GLU H 221 -7.39 0.26 1.98
CA GLU H 221 -8.76 0.41 2.47
C GLU H 221 -9.19 1.87 2.49
N ASN H 222 -8.29 2.77 2.91
CA ASN H 222 -8.69 4.13 3.18
C ASN H 222 -8.95 4.94 1.91
N ASP H 223 -8.34 4.59 0.78
CA ASP H 223 -8.48 5.41 -0.43
C ASP H 223 -9.91 5.35 -0.96
N GLU H 224 -10.38 6.48 -1.48
CA GLU H 224 -11.73 6.54 -2.03
C GLU H 224 -11.75 5.95 -3.44
N TRP H 225 -12.80 5.17 -3.73
CA TRP H 225 -12.98 4.56 -5.04
C TRP H 225 -14.42 4.83 -5.48
N THR H 226 -14.58 5.38 -6.69
CA THR H 226 -15.90 5.66 -7.26
C THR H 226 -16.07 5.07 -8.64
N GLN H 227 -15.08 4.35 -9.16
CA GLN H 227 -15.20 3.83 -10.52
C GLN H 227 -16.06 2.56 -10.55
N ASP H 228 -16.46 2.17 -11.75
CA ASP H 228 -17.28 0.96 -11.90
C ASP H 228 -16.45 -0.30 -11.74
N ARG H 229 -15.29 -0.37 -12.38
CA ARG H 229 -14.43 -1.52 -12.21
C ARG H 229 -14.02 -1.66 -10.74
N ALA H 230 -13.44 -2.82 -10.45
CA ALA H 230 -13.05 -3.18 -9.11
C ALA H 230 -11.92 -2.28 -8.60
N LYS H 231 -11.90 -2.06 -7.31
CA LYS H 231 -10.90 -1.20 -6.74
C LYS H 231 -9.51 -1.81 -6.90
N PRO H 232 -8.56 -1.14 -7.59
CA PRO H 232 -7.22 -1.73 -7.78
C PRO H 232 -6.37 -1.74 -6.53
N VAL H 233 -6.75 -2.61 -5.59
CA VAL H 233 -6.03 -2.74 -4.33
C VAL H 233 -4.68 -3.44 -4.55
N THR H 234 -3.81 -3.30 -3.55
CA THR H 234 -2.61 -4.13 -3.51
C THR H 234 -3.03 -5.59 -3.52
N GLN H 235 -2.44 -6.36 -4.43
CA GLN H 235 -2.89 -7.72 -4.71
C GLN H 235 -1.78 -8.47 -5.44
N ILE H 236 -1.88 -9.80 -5.40
CA ILE H 236 -1.01 -10.71 -6.13
C ILE H 236 -1.81 -11.36 -7.23
N VAL H 237 -1.33 -11.24 -8.47
CA VAL H 237 -1.89 -11.86 -9.66
C VAL H 237 -0.89 -12.92 -10.14
N SER H 238 -1.38 -14.10 -10.53
CA SER H 238 -0.52 -15.24 -10.85
C SER H 238 -1.06 -15.97 -12.08
N ALA H 239 -0.19 -16.77 -12.71
CA ALA H 239 -0.61 -17.68 -13.79
C ALA H 239 0.32 -18.88 -13.77
N GLU H 240 -0.18 -20.05 -14.21
CA GLU H 240 0.58 -21.28 -14.04
C GLU H 240 0.52 -22.16 -15.28
N ALA H 241 1.39 -23.17 -15.27
CA ALA H 241 1.41 -24.24 -16.25
C ALA H 241 2.12 -25.45 -15.64
N TRP H 242 1.71 -26.65 -16.10
CA TRP H 242 2.35 -27.90 -15.73
C TRP H 242 3.17 -28.43 -16.90
N GLY H 243 4.11 -29.30 -16.58
CA GLY H 243 4.88 -29.95 -17.62
C GLY H 243 4.02 -30.82 -18.52
N ARG H 244 4.51 -31.03 -19.74
CA ARG H 244 3.81 -31.82 -20.75
C ARG H 244 4.77 -32.88 -21.24
N ALA H 245 4.42 -34.15 -21.03
CA ALA H 245 5.25 -35.26 -21.51
C ALA H 245 5.46 -35.20 -23.02
C1 REF I . 36.61 24.10 12.61
C2 REF I . 36.63 24.07 11.21
C3 REF I . 37.31 23.03 10.51
C4 REF I . 37.94 22.04 11.23
O5 REF I . 37.93 22.04 12.62
C6 REF I . 37.29 23.04 13.36
C7 REF I . 37.33 23.00 9.11
C8 REF I . 38.00 21.96 8.46
C9 REF I . 38.62 20.96 9.20
C10 REF I . 38.62 21.00 10.60
C11 REF I . 35.98 25.06 10.48
O12 REF I . 35.99 25.05 9.10
C13 REF I . 36.64 24.06 8.36
C14 REF I . 35.91 25.11 13.26
C15 REF I . 35.26 26.10 12.53
C16 REF I . 35.30 26.08 11.12
O19 REF I . 39.24 20.00 11.26
O20 REF I . 39.29 19.90 8.66
O21 REF I . 36.57 24.16 7.15
O22 REF I . 34.67 27.02 10.37
O23 REF I . 34.57 27.12 13.09
O24 REF I . 37.35 22.94 14.56
H8 REF I . 38.02 21.93 7.51
H14 REF I . 35.90 25.14 14.21
HO19 REF I . 38.80 19.27 11.16
HO20 REF I . 39.25 19.94 7.80
HO22 REF I . 35.15 27.23 9.68
HO23 REF I . 35.12 27.76 13.27
NA NA J . 60.69 40.51 22.48
NA NA K . 46.78 31.51 17.78
C ACY L . 38.11 26.81 -0.63
O ACY L . 38.00 26.20 -1.76
OXT ACY L . 37.86 28.00 -0.42
CH3 ACY L . 38.62 25.83 0.47
H1 ACY L . 37.87 25.34 0.86
H2 ACY L . 39.06 26.32 1.18
H3 ACY L . 39.24 25.19 0.10
C1 REF M . -22.55 -25.76 -7.41
C2 REF M . -22.39 -24.83 -6.38
C3 REF M . -22.09 -23.47 -6.65
C4 REF M . -21.95 -23.06 -7.97
O5 REF M . -22.10 -23.97 -9.01
C6 REF M . -22.40 -25.31 -8.80
C7 REF M . -21.94 -22.53 -5.62
C8 REF M . -21.65 -21.20 -5.92
C9 REF M . -21.52 -20.79 -7.24
C10 REF M . -21.66 -21.74 -8.29
C11 REF M . -22.54 -25.23 -5.05
O12 REF M . -22.39 -24.33 -4.01
C13 REF M . -22.09 -22.98 -4.23
C14 REF M . -22.87 -27.09 -7.12
C15 REF M . -23.01 -27.49 -5.80
C16 REF M . -22.85 -26.56 -4.74
O19 REF M . -21.55 -21.40 -9.59
O20 REF M . -21.24 -19.51 -7.62
O21 REF M . -21.98 -22.27 -3.23
O22 REF M . -23.00 -26.97 -3.46
O23 REF M . -23.32 -28.77 -5.44
O24 REF M . -22.53 -26.01 -9.79
H8 REF M . -21.55 -20.56 -5.22
H14 REF M . -22.97 -27.72 -7.82
HO19 REF M . -21.53 -20.55 -9.68
HO20 REF M . -20.45 -19.30 -7.34
HO22 REF M . -23.43 -26.38 -3.00
HO23 REF M . -23.59 -29.19 -6.14
CL CL N . -0.02 -49.24 -15.45
C ACY O . -39.38 -30.03 -2.16
O ACY O . -39.48 -29.44 -3.31
OXT ACY O . -39.52 -29.49 -1.07
CH3 ACY O . -39.08 -31.59 -2.31
H1 ACY O . -39.50 -32.09 -1.59
H2 ACY O . -38.12 -31.76 -2.28
H3 ACY O . -39.43 -31.92 -3.15
C ACY P . -17.26 -0.71 -7.40
O ACY P . -18.39 -0.90 -8.01
OXT ACY P . -16.36 -1.55 -7.25
CH3 ACY P . -17.10 0.78 -6.93
H1 ACY P . -16.18 1.06 -6.98
H2 ACY P . -17.39 0.89 -6.01
H3 ACY P . -17.63 1.38 -7.49
C1 GOL Q . -51.22 -2.81 0.27
O1 GOL Q . -52.11 -2.67 -0.84
C2 GOL Q . -51.57 -1.72 1.32
O2 GOL Q . -50.90 -1.87 2.52
C3 GOL Q . -51.15 -0.44 0.57
O3 GOL Q . -52.24 0.46 0.49
H11 GOL Q . -50.29 -2.72 0.01
H12 GOL Q . -51.29 -3.69 0.68
HO1 GOL Q . -52.51 -3.40 -0.94
H2 GOL Q . -52.51 -1.73 1.58
HO2 GOL Q . -50.96 -2.69 2.73
H31 GOL Q . -50.82 -0.70 -0.31
H32 GOL Q . -50.39 -0.06 1.02
HO3 GOL Q . -52.86 0.04 0.06
C1 GOL R . -5.27 -49.51 -23.04
O1 GOL R . -6.06 -50.55 -22.93
C2 GOL R . -6.15 -48.30 -23.35
O2 GOL R . -5.54 -47.21 -22.81
C3 GOL R . -6.22 -48.40 -24.86
O3 GOL R . -7.13 -47.43 -25.24
H11 GOL R . -4.62 -49.62 -23.73
H12 GOL R . -4.78 -49.34 -22.22
HO1 GOL R . -6.48 -50.45 -22.20
H2 GOL R . -7.05 -48.27 -23.01
HO2 GOL R . -5.78 -46.54 -23.25
H31 GOL R . -6.48 -49.30 -25.12
H32 GOL R . -5.34 -48.27 -25.23
HO3 GOL R . -7.53 -47.19 -24.52
C1 GOL S . -3.46 -53.74 -18.09
O1 GOL S . -2.15 -54.33 -18.10
C2 GOL S . -3.49 -52.54 -19.08
O2 GOL S . -3.30 -51.32 -18.40
C3 GOL S . -2.45 -52.94 -20.16
O3 GOL S . -2.61 -51.99 -21.19
H11 GOL S . -3.70 -53.41 -17.20
H12 GOL S . -4.14 -54.37 -18.33
HO1 GOL S . -2.03 -54.70 -17.33
H2 GOL S . -4.34 -52.41 -19.53
HO2 GOL S . -2.99 -51.50 -17.64
H31 GOL S . -2.60 -53.86 -20.43
H32 GOL S . -1.57 -52.95 -19.77
HO3 GOL S . -3.37 -51.62 -21.08
NA NA T . 36.43 4.64 3.65
#